data_8D3X
#
_entry.id   8D3X
#
_cell.length_a   1.00
_cell.length_b   1.00
_cell.length_c   1.00
_cell.angle_alpha   90.00
_cell.angle_beta   90.00
_cell.angle_gamma   90.00
#
_symmetry.space_group_name_H-M   'P 1'
#
loop_
_entity.id
_entity.type
_entity.pdbx_description
1 polymer 'Sodium/potassium-transporting ATPase subunit beta-1'
2 polymer 'FXYD domain-containing ion transport regulator 6'
3 polymer 'Sodium/potassium-transporting ATPase subunit alpha-3'
4 non-polymer TETRAFLUOROMAGNESATE(2-)
#
loop_
_entity_poly.entity_id
_entity_poly.type
_entity_poly.pdbx_seq_one_letter_code
_entity_poly.pdbx_strand_id
1 'polypeptide(L)'
;MARGKAKEEGSWKKFIWNSEKKEFLGRTGGSWFKILLFYVIFYGCLAGIFIGTIQVMLLTISEFKPTYQDRVAPPGLTQI
PQIQKTEISFRPNDPKSYEAYVLNIVRFLEKYKDSAQRDDMIFEDCGDVPSEPKERGDFNHERGERKVCRFKLEWLGNCS
GLNDETYGYKEGKPCIIIKLNRVLGFKPKPPKNESLETYPVMKYNPNVLPVQCTGKRDEDKDKVGNVEYFGLGNSPGFPL
QYYPYYGKLLQPKYLQPLLAVQFTNLTMDTEIRIECKAYGENIGYSEKDRFQGRFDVKIEVKS
;
B
2 'polypeptide(L)'
;MATMELVLVFLCSLLAPMVLASAAEKEKEMDPFHYDYQTLRIGGLVFAVVLFSVGILLILSRRCKCSFNQKPRAPGDEEA
QVENLITANATEPQKAEN
;
G
3 'polypeptide(L)'
;MGDKKDDKDSPKKNKGKERRDLDDLKKEVAMTEHKMSVEEVCRKYNTDCVQGLTHSKAQEILARDGPNALTPPPTTPEWV
KFCRQLFGGFSILLWIGAILCFLAYGIQAGTEDDPSGDNLYLGIVLAAVVIITGCFSYYQEAKSSKIMESFKNMVPQQAL
VIREGEKMQVNAEEVVVGDLVEIKGGDRVPADLRIISAHGCKVDNSSLTGESEPQTRSPDCTHDNPLETRNITFFSTNCV
EGTARGVVVATGDRTVMGRIATLASGLEVGKTPIAIEIEHFIQLITGVAVFLGVSFFILSLILGYTWLEAVIFLIGIIVA
NVPEGLLATVTVCLTLTAKRMARKNCLVKNLEAVETLGSTSTICSDKTGTLTQNRMTVAHMWFDNQIHEADTTEDQSGTS
FDKSSHTWVALSHIAGLCNRAVFKGGQDNIPVLKRDVAGDASESALLKCIELSSGSVKLMRERNKKVAEIPFNSTNKYQL
SIHETEDPNDNRYLLVMKGAPERILDRCSTILLQGKEQPLDEEMKEAFQNAYLELGGLGERVLGFCHYYLPEEQFPKGFA
FDCDDVNFTTDNLCFVGLMSMIDPPRAAVPDAVGKCRSAGIKVIMVTGDHPITAKAIAKGVGIISEGNETVEDIAARLNI
PVSQVNPRDAKACVIHGTDLKDFTSEQIDEILQNHTEIVFARTSPQQKLIIVEGCQRQGAIVAVTGDGVNDSPALKKADI
GVAMGIAGSDVSKQAADMILLDDNFASIVTGVEEGRLIFDNLKKSIAYTLTSNIPEITPFLLFIMANIPLPLGTITILCI
DLGTDMVPAISLAYEAAESDIMKRQPRNPRTDKLVNERLISMAYGQIGMIQALGGFFSYFVILAENGFLPGNLVGIRLNW
DDRTVNDLEDSYGQQWTYEQRKVVEFTCHTAFFVSIVVVQWADLIICKTRRNSVFQQGMKNKILIFGLFEETALAAFLSY
CPGMDVALRMYPLKPSWWFCAFPYSFLIFVYDEIRKLILRRNPGGWVEKETYY
;
A
#
loop_
_chem_comp.id
_chem_comp.type
_chem_comp.name
_chem_comp.formula
MF4 non-polymer TETRAFLUOROMAGNESATE(2-) 'F4 Mg -2'
#
# COMPACT_ATOMS: atom_id res chain seq x y z
N SER A 19 0.21 30.50 9.83
CA SER A 19 -0.40 30.24 11.13
C SER A 19 -1.91 30.42 11.08
N GLU A 20 -2.61 29.85 12.06
CA GLU A 20 -4.07 29.90 12.11
C GLU A 20 -4.49 31.30 12.55
N LYS A 21 -4.77 32.17 11.58
CA LYS A 21 -5.07 33.56 11.86
C LYS A 21 -6.45 33.69 12.52
N LYS A 22 -6.59 34.77 13.28
CA LYS A 22 -7.84 35.11 13.96
C LYS A 22 -8.14 36.58 13.67
N GLU A 23 -9.39 36.97 13.92
CA GLU A 23 -9.96 38.29 13.64
C GLU A 23 -10.07 38.58 12.15
N PHE A 24 -9.86 37.58 11.30
CA PHE A 24 -10.06 37.72 9.86
C PHE A 24 -11.19 36.86 9.36
N LEU A 25 -11.13 35.55 9.60
CA LEU A 25 -12.20 34.63 9.21
C LEU A 25 -12.53 33.69 10.35
N GLY A 26 -11.56 33.45 11.23
CA GLY A 26 -11.72 32.52 12.33
C GLY A 26 -10.66 31.43 12.31
N ARG A 27 -10.59 30.72 13.44
CA ARG A 27 -9.63 29.65 13.60
C ARG A 27 -10.02 28.47 12.70
N THR A 28 -9.20 28.21 11.69
CA THR A 28 -9.42 27.19 10.66
C THR A 28 -10.90 27.08 10.28
N GLY A 29 -11.45 28.23 9.88
CA GLY A 29 -12.86 28.28 9.55
C GLY A 29 -13.70 27.98 10.77
N GLY A 30 -14.65 27.04 10.61
CA GLY A 30 -15.32 26.52 11.78
C GLY A 30 -16.54 27.29 12.24
N SER A 31 -16.32 28.20 13.19
CA SER A 31 -17.25 28.79 14.15
C SER A 31 -17.51 27.85 15.32
N TRP A 32 -17.03 26.60 15.24
CA TRP A 32 -16.86 25.72 16.40
C TRP A 32 -18.10 25.61 17.26
N PHE A 33 -19.29 25.61 16.64
CA PHE A 33 -20.52 25.43 17.40
C PHE A 33 -21.31 24.22 16.94
N LYS A 34 -21.53 24.06 15.64
CA LYS A 34 -22.32 22.93 15.16
C LYS A 34 -21.64 21.61 15.47
N ILE A 35 -20.34 21.52 15.17
CA ILE A 35 -19.60 20.29 15.44
C ILE A 35 -19.49 20.04 16.94
N LEU A 36 -19.21 21.09 17.71
CA LEU A 36 -19.09 20.93 19.16
C LEU A 36 -20.41 20.49 19.79
N LEU A 37 -21.51 21.12 19.37
CA LEU A 37 -22.82 20.71 19.89
C LEU A 37 -23.15 19.29 19.47
N PHE A 38 -22.83 18.93 18.22
CA PHE A 38 -23.07 17.57 17.75
C PHE A 38 -22.34 16.56 18.61
N TYR A 39 -21.05 16.81 18.87
CA TYR A 39 -20.26 15.88 19.67
C TYR A 39 -20.76 15.85 21.12
N VAL A 40 -21.18 16.99 21.65
CA VAL A 40 -21.66 17.04 23.03
C VAL A 40 -22.93 16.21 23.17
N ILE A 41 -23.90 16.41 22.26
CA ILE A 41 -25.14 15.66 22.35
C ILE A 41 -24.89 14.17 22.07
N PHE A 42 -23.96 13.86 21.16
CA PHE A 42 -23.66 12.46 20.89
C PHE A 42 -23.03 11.77 22.09
N TYR A 43 -22.10 12.46 22.76
CA TYR A 43 -21.49 11.88 23.96
C TYR A 43 -22.50 11.76 25.08
N GLY A 44 -23.42 12.72 25.20
CA GLY A 44 -24.48 12.60 26.18
C GLY A 44 -25.37 11.40 25.93
N CYS A 45 -25.73 11.17 24.67
CA CYS A 45 -26.53 9.99 24.33
C CYS A 45 -25.75 8.71 24.58
N LEU A 46 -24.45 8.71 24.27
CA LEU A 46 -23.62 7.54 24.54
C LEU A 46 -23.58 7.23 26.03
N ALA A 47 -23.38 8.26 26.86
CA ALA A 47 -23.36 8.05 28.30
C ALA A 47 -24.72 7.55 28.79
N GLY A 48 -25.81 8.11 28.25
CA GLY A 48 -27.13 7.67 28.66
C GLY A 48 -27.39 6.20 28.33
N ILE A 49 -27.06 5.80 27.11
CA ILE A 49 -27.29 4.41 26.73
C ILE A 49 -26.36 3.49 27.50
N PHE A 50 -25.13 3.94 27.79
CA PHE A 50 -24.20 3.12 28.54
C PHE A 50 -24.69 2.90 29.97
N ILE A 51 -25.15 3.96 30.63
CA ILE A 51 -25.64 3.80 32.00
C ILE A 51 -26.93 2.99 32.02
N GLY A 52 -27.78 3.15 31.01
CA GLY A 52 -28.97 2.31 30.94
C GLY A 52 -28.62 0.84 30.81
N THR A 53 -27.66 0.52 29.93
CA THR A 53 -27.25 -0.86 29.75
C THR A 53 -26.60 -1.43 31.00
N ILE A 54 -25.77 -0.63 31.68
CA ILE A 54 -25.11 -1.15 32.87
C ILE A 54 -26.12 -1.34 34.00
N GLN A 55 -27.14 -0.47 34.08
CA GLN A 55 -28.22 -0.71 35.04
C GLN A 55 -28.99 -1.97 34.72
N VAL A 56 -29.26 -2.20 33.43
CA VAL A 56 -29.97 -3.41 33.01
C VAL A 56 -29.16 -4.64 33.40
N MET A 57 -27.84 -4.60 33.18
CA MET A 57 -26.99 -5.71 33.61
C MET A 57 -27.00 -5.86 35.12
N LEU A 58 -27.02 -4.75 35.85
CA LEU A 58 -27.15 -4.82 37.31
C LEU A 58 -28.45 -5.47 37.74
N LEU A 59 -29.50 -5.39 36.91
CA LEU A 59 -30.78 -6.00 37.26
C LEU A 59 -30.72 -7.53 37.24
N THR A 60 -29.87 -8.11 36.40
CA THR A 60 -29.87 -9.56 36.22
C THR A 60 -28.88 -10.29 37.13
N ILE A 61 -28.22 -9.58 38.04
CA ILE A 61 -27.27 -10.19 38.97
C ILE A 61 -27.83 -10.10 40.37
N SER A 62 -27.70 -11.19 41.12
CA SER A 62 -28.21 -11.24 42.48
C SER A 62 -27.33 -10.43 43.43
N GLU A 63 -27.92 -10.07 44.56
CA GLU A 63 -27.21 -9.34 45.61
C GLU A 63 -26.77 -10.26 46.75
N PHE A 64 -26.89 -11.57 46.59
CA PHE A 64 -26.56 -12.51 47.63
C PHE A 64 -25.55 -13.58 47.24
N LYS A 65 -25.20 -13.69 45.95
CA LYS A 65 -24.22 -14.69 45.54
C LYS A 65 -23.66 -14.30 44.17
N PRO A 66 -22.36 -14.42 43.96
CA PRO A 66 -21.82 -14.20 42.62
C PRO A 66 -22.39 -15.22 41.64
N THR A 67 -22.61 -14.77 40.40
CA THR A 67 -23.17 -15.66 39.39
C THR A 67 -22.21 -16.80 39.06
N TYR A 68 -20.92 -16.51 38.95
CA TYR A 68 -19.89 -17.51 38.67
C TYR A 68 -18.84 -17.42 39.76
N GLN A 69 -18.85 -18.39 40.68
CA GLN A 69 -17.87 -18.47 41.76
C GLN A 69 -16.68 -19.36 41.39
N ASP A 70 -16.63 -19.87 40.16
CA ASP A 70 -15.55 -20.77 39.77
C ASP A 70 -14.20 -20.09 39.89
N ARG A 71 -14.12 -18.83 39.45
CA ARG A 71 -12.87 -18.09 39.53
C ARG A 71 -12.40 -17.93 40.97
N VAL A 72 -13.30 -18.11 41.94
CA VAL A 72 -12.94 -18.25 43.33
C VAL A 72 -12.70 -19.72 43.61
N ALA A 73 -11.50 -20.05 44.05
CA ALA A 73 -11.06 -21.42 44.24
C ALA A 73 -11.06 -21.71 45.73
N PRO A 74 -10.75 -22.92 46.18
CA PRO A 74 -10.47 -23.13 47.60
C PRO A 74 -9.55 -22.04 48.12
N PRO A 75 -9.95 -21.36 49.19
CA PRO A 75 -9.39 -20.03 49.48
C PRO A 75 -7.89 -20.07 49.75
N GLY A 76 -7.22 -18.99 49.35
CA GLY A 76 -5.82 -18.80 49.68
C GLY A 76 -5.63 -18.52 51.16
N LEU A 77 -4.72 -19.26 51.79
CA LEU A 77 -4.47 -19.12 53.23
C LEU A 77 -3.54 -17.93 53.45
N THR A 78 -4.10 -16.74 53.29
CA THR A 78 -3.31 -15.54 53.50
C THR A 78 -3.02 -15.34 54.99
N GLN A 79 -1.99 -14.57 55.28
CA GLN A 79 -1.59 -14.26 56.65
C GLN A 79 -1.95 -12.83 56.99
N ILE A 80 -2.14 -12.57 58.28
CA ILE A 80 -2.58 -11.28 58.77
C ILE A 80 -1.44 -10.27 58.85
N PRO A 81 -0.24 -10.62 59.37
CA PRO A 81 0.84 -9.62 59.38
C PRO A 81 1.30 -9.28 57.98
N GLN A 82 0.99 -8.07 57.53
CA GLN A 82 1.28 -7.65 56.17
C GLN A 82 2.76 -7.30 56.06
N ILE A 83 3.43 -7.88 55.07
CA ILE A 83 4.85 -7.66 54.83
C ILE A 83 5.05 -7.45 53.33
N GLN A 84 5.92 -6.49 52.99
CA GLN A 84 6.13 -6.15 51.59
C GLN A 84 6.96 -7.22 50.88
N LYS A 85 8.19 -7.44 51.34
CA LYS A 85 9.09 -8.38 50.68
C LYS A 85 8.81 -9.83 51.04
N THR A 86 7.66 -10.11 51.68
CA THR A 86 7.26 -11.46 52.08
C THR A 86 8.30 -12.11 53.00
N GLU A 87 9.06 -11.30 53.72
CA GLU A 87 10.04 -11.79 54.67
C GLU A 87 10.03 -10.90 55.91
N ILE A 88 10.05 -11.52 57.08
CA ILE A 88 9.98 -10.79 58.34
C ILE A 88 11.40 -10.71 58.90
N SER A 89 11.97 -9.52 58.85
CA SER A 89 13.31 -9.26 59.35
C SER A 89 13.27 -8.16 60.38
N PHE A 90 13.86 -8.40 61.54
CA PHE A 90 13.86 -7.42 62.61
C PHE A 90 14.87 -7.84 63.67
N ARG A 91 15.49 -6.85 64.30
CA ARG A 91 16.34 -7.09 65.45
C ARG A 91 15.50 -7.10 66.71
N PRO A 92 15.49 -8.19 67.47
CA PRO A 92 14.60 -8.26 68.65
C PRO A 92 14.87 -7.19 69.68
N ASN A 93 16.10 -6.68 69.76
CA ASN A 93 16.44 -5.69 70.79
C ASN A 93 16.03 -4.27 70.41
N ASP A 94 15.60 -4.04 69.17
CA ASP A 94 15.21 -2.72 68.73
C ASP A 94 13.71 -2.66 68.51
N PRO A 95 12.97 -1.84 69.27
CA PRO A 95 11.50 -1.76 69.06
C PRO A 95 11.12 -1.30 67.66
N LYS A 96 11.89 -0.40 67.05
CA LYS A 96 11.56 0.09 65.72
C LYS A 96 11.74 -0.97 64.65
N SER A 97 12.51 -2.02 64.93
CA SER A 97 12.70 -3.08 63.95
C SER A 97 11.38 -3.81 63.66
N TYR A 98 10.63 -4.12 64.71
CA TYR A 98 9.35 -4.81 64.58
C TYR A 98 8.16 -3.89 64.85
N GLU A 99 8.40 -2.58 64.92
CA GLU A 99 7.31 -1.64 65.19
C GLU A 99 6.26 -1.69 64.09
N ALA A 100 6.69 -1.80 62.84
CA ALA A 100 5.74 -1.86 61.73
C ALA A 100 4.84 -3.08 61.85
N TYR A 101 5.44 -4.25 62.11
CA TYR A 101 4.63 -5.46 62.26
C TYR A 101 3.68 -5.34 63.45
N VAL A 102 4.16 -4.81 64.57
CA VAL A 102 3.32 -4.70 65.75
C VAL A 102 2.14 -3.76 65.49
N LEU A 103 2.40 -2.61 64.86
CA LEU A 103 1.33 -1.67 64.60
C LEU A 103 0.32 -2.25 63.62
N ASN A 104 0.79 -2.95 62.59
CA ASN A 104 -0.14 -3.57 61.65
C ASN A 104 -0.99 -4.62 62.35
N ILE A 105 -0.38 -5.45 63.20
CA ILE A 105 -1.12 -6.51 63.87
C ILE A 105 -2.18 -5.92 64.80
N VAL A 106 -1.79 -4.93 65.59
CA VAL A 106 -2.75 -4.35 66.54
C VAL A 106 -3.86 -3.59 65.81
N ARG A 107 -3.51 -2.92 64.70
CA ARG A 107 -4.53 -2.23 63.93
C ARG A 107 -5.53 -3.20 63.33
N PHE A 108 -5.04 -4.36 62.86
CA PHE A 108 -5.96 -5.38 62.35
C PHE A 108 -6.83 -5.95 63.46
N LEU A 109 -6.23 -6.26 64.61
CA LEU A 109 -6.92 -6.99 65.66
C LEU A 109 -7.73 -6.09 66.58
N GLU A 110 -7.69 -4.77 66.39
CA GLU A 110 -8.59 -3.89 67.14
C GLU A 110 -10.05 -4.24 66.89
N LYS A 111 -10.37 -4.75 65.69
CA LYS A 111 -11.74 -5.14 65.39
C LYS A 111 -12.15 -6.39 66.15
N TYR A 112 -11.20 -7.25 66.49
CA TYR A 112 -11.49 -8.52 67.14
C TYR A 112 -11.58 -8.40 68.67
N LYS A 113 -11.46 -7.19 69.21
CA LYS A 113 -11.56 -7.02 70.66
C LYS A 113 -12.95 -7.39 71.15
N ASP A 114 -12.99 -7.93 72.37
CA ASP A 114 -14.26 -8.38 72.95
C ASP A 114 -15.21 -7.22 73.21
N SER A 115 -14.71 -5.99 73.30
CA SER A 115 -15.59 -4.85 73.53
C SER A 115 -16.54 -4.64 72.34
N ALA A 116 -16.02 -4.79 71.12
CA ALA A 116 -16.86 -4.64 69.94
C ALA A 116 -17.89 -5.76 69.80
N GLN A 117 -17.64 -6.92 70.41
CA GLN A 117 -18.57 -8.04 70.35
C GLN A 117 -19.51 -7.97 71.54
N ARG A 118 -20.81 -7.86 71.27
CA ARG A 118 -21.81 -7.73 72.31
C ARG A 118 -23.03 -8.57 71.96
N ASP A 119 -23.83 -8.86 72.98
CA ASP A 119 -25.06 -9.61 72.81
C ASP A 119 -26.16 -8.68 72.30
N ASP A 120 -27.41 -9.16 72.39
CA ASP A 120 -28.58 -8.38 72.01
C ASP A 120 -28.53 -8.01 70.53
N MET A 121 -28.67 -9.02 69.67
CA MET A 121 -28.72 -8.94 68.20
C MET A 121 -27.55 -8.15 67.60
N ILE A 122 -26.41 -8.12 68.27
CA ILE A 122 -25.17 -7.61 67.68
C ILE A 122 -24.30 -8.80 67.31
N PHE A 123 -24.05 -9.66 68.29
CA PHE A 123 -23.34 -10.92 68.07
C PHE A 123 -24.08 -12.04 68.78
N GLU A 124 -23.48 -13.22 68.86
CA GLU A 124 -24.11 -14.32 69.58
C GLU A 124 -23.04 -15.31 70.04
N ASP A 125 -23.35 -16.02 71.12
CA ASP A 125 -22.47 -17.07 71.61
C ASP A 125 -22.43 -18.21 70.60
N CYS A 126 -21.32 -18.94 70.59
CA CYS A 126 -21.12 -19.97 69.59
C CYS A 126 -20.19 -21.02 70.17
N GLY A 127 -20.24 -22.22 69.59
CA GLY A 127 -19.63 -23.40 70.19
C GLY A 127 -18.16 -23.32 70.54
N ASP A 128 -17.84 -23.63 71.80
CA ASP A 128 -16.45 -23.64 72.23
C ASP A 128 -15.67 -24.77 71.58
N VAL A 129 -16.21 -25.98 71.64
CA VAL A 129 -15.65 -27.13 70.94
C VAL A 129 -15.99 -26.97 69.46
N PRO A 130 -15.04 -27.23 68.53
CA PRO A 130 -15.37 -27.11 67.10
C PRO A 130 -16.59 -27.94 66.73
N SER A 131 -17.67 -27.26 66.34
CA SER A 131 -18.95 -27.90 66.09
C SER A 131 -19.20 -28.01 64.59
N GLU A 132 -20.40 -28.44 64.23
CA GLU A 132 -20.79 -28.59 62.84
C GLU A 132 -20.92 -27.23 62.17
N PRO A 133 -20.79 -27.17 60.84
CA PRO A 133 -20.96 -25.91 60.13
C PRO A 133 -22.42 -25.47 60.09
N LYS A 134 -22.90 -24.88 61.18
CA LYS A 134 -24.29 -24.47 61.28
C LYS A 134 -24.59 -23.34 60.29
N GLU A 135 -25.75 -23.42 59.65
CA GLU A 135 -26.22 -22.39 58.72
C GLU A 135 -27.17 -21.45 59.44
N ARG A 136 -27.60 -20.40 58.73
CA ARG A 136 -28.51 -19.42 59.28
C ARG A 136 -29.80 -19.26 58.48
N GLY A 137 -29.84 -19.67 57.23
CA GLY A 137 -31.02 -19.55 56.41
C GLY A 137 -30.66 -19.41 54.95
N ASP A 138 -31.68 -19.16 54.14
CA ASP A 138 -31.49 -19.00 52.71
C ASP A 138 -30.88 -17.63 52.42
N PHE A 139 -30.33 -17.50 51.20
CA PHE A 139 -29.73 -16.24 50.77
C PHE A 139 -30.75 -15.14 50.52
N ASN A 140 -32.04 -15.48 50.46
CA ASN A 140 -33.06 -14.50 50.14
C ASN A 140 -33.17 -13.44 51.24
N HIS A 141 -33.64 -12.26 50.85
CA HIS A 141 -33.72 -11.12 51.74
C HIS A 141 -34.98 -11.11 52.60
N GLU A 142 -35.78 -12.18 52.55
CA GLU A 142 -36.95 -12.26 53.42
C GLU A 142 -36.57 -12.25 54.89
N ARG A 143 -35.32 -12.58 55.21
CA ARG A 143 -34.77 -12.47 56.55
C ARG A 143 -33.67 -11.43 56.55
N GLY A 144 -33.59 -10.63 57.61
CA GLY A 144 -32.61 -9.57 57.71
C GLY A 144 -31.20 -10.06 57.96
N GLU A 145 -30.40 -9.23 58.64
CA GLU A 145 -29.01 -9.58 58.92
C GLU A 145 -28.93 -10.80 59.83
N ARG A 146 -28.39 -11.89 59.32
CA ARG A 146 -28.24 -13.10 60.10
C ARG A 146 -27.17 -12.93 61.16
N LYS A 147 -27.31 -13.64 62.27
CA LYS A 147 -26.36 -13.54 63.36
C LYS A 147 -25.11 -14.37 63.07
N VAL A 148 -24.01 -14.02 63.74
CA VAL A 148 -22.74 -14.70 63.60
C VAL A 148 -22.19 -15.01 64.97
N CYS A 149 -21.27 -15.99 65.03
CA CYS A 149 -20.58 -16.27 66.27
C CYS A 149 -19.66 -15.11 66.66
N ARG A 150 -19.04 -15.24 67.83
CA ARG A 150 -18.10 -14.28 68.35
C ARG A 150 -16.75 -14.96 68.55
N PHE A 151 -15.68 -14.20 68.33
CA PHE A 151 -14.32 -14.71 68.48
C PHE A 151 -13.61 -13.86 69.52
N LYS A 152 -13.74 -14.25 70.78
CA LYS A 152 -13.04 -13.55 71.85
C LYS A 152 -11.54 -13.75 71.73
N LEU A 153 -10.79 -12.77 72.21
CA LEU A 153 -9.33 -12.85 72.19
C LEU A 153 -8.79 -13.83 73.23
N GLU A 154 -9.63 -14.33 74.13
CA GLU A 154 -9.17 -15.20 75.20
C GLU A 154 -8.66 -16.54 74.69
N TRP A 155 -9.08 -16.96 73.50
CA TRP A 155 -8.55 -18.19 72.93
C TRP A 155 -7.05 -18.07 72.66
N LEU A 156 -6.62 -16.93 72.14
CA LEU A 156 -5.20 -16.71 71.91
C LEU A 156 -4.45 -16.60 73.24
N GLY A 157 -3.25 -17.16 73.27
CA GLY A 157 -2.46 -17.21 74.49
C GLY A 157 -1.24 -18.09 74.37
N ASN A 158 -1.05 -18.98 75.34
CA ASN A 158 0.06 -19.93 75.42
C ASN A 158 1.42 -19.24 75.54
N CYS A 159 1.44 -17.92 75.72
CA CYS A 159 2.67 -17.16 75.88
C CYS A 159 2.89 -16.70 77.31
N SER A 160 2.08 -17.19 78.26
CA SER A 160 2.19 -16.85 79.67
C SER A 160 2.11 -15.34 79.88
N GLY A 161 1.22 -14.69 79.16
CA GLY A 161 1.02 -13.26 79.29
C GLY A 161 -0.17 -12.73 78.51
N LEU A 162 -0.88 -11.76 79.09
CA LEU A 162 -2.03 -11.16 78.43
C LEU A 162 -1.54 -10.22 77.35
N ASN A 163 -1.37 -10.77 76.15
CA ASN A 163 -0.89 -9.98 75.02
C ASN A 163 -2.03 -9.58 74.09
N ASP A 164 -3.06 -10.43 74.03
CA ASP A 164 -4.23 -10.20 73.19
C ASP A 164 -3.83 -9.83 71.76
N GLU A 165 -3.82 -8.53 71.48
CA GLU A 165 -3.23 -8.03 70.24
C GLU A 165 -1.81 -8.54 70.06
N THR A 166 -0.95 -8.23 71.03
CA THR A 166 0.43 -8.68 70.97
C THR A 166 1.18 -8.04 72.13
N TYR A 167 1.87 -8.86 72.93
CA TYR A 167 2.55 -8.35 74.10
C TYR A 167 3.71 -7.42 73.74
N GLY A 168 4.24 -7.54 72.52
CA GLY A 168 5.24 -6.62 72.02
C GLY A 168 6.67 -6.96 72.40
N TYR A 169 6.89 -7.98 73.20
CA TYR A 169 8.23 -8.36 73.61
C TYR A 169 8.90 -9.22 72.54
N LYS A 170 10.22 -9.40 72.68
CA LYS A 170 10.98 -10.24 71.77
C LYS A 170 10.88 -11.70 72.18
N GLU A 171 9.66 -12.20 72.37
CA GLU A 171 9.43 -13.60 72.71
C GLU A 171 9.45 -14.41 71.42
N GLY A 172 10.66 -14.68 70.94
CA GLY A 172 10.82 -15.34 69.66
C GLY A 172 10.46 -14.41 68.52
N LYS A 173 9.30 -14.64 67.91
CA LYS A 173 8.82 -13.88 66.78
C LYS A 173 7.43 -13.34 67.05
N PRO A 174 7.08 -12.19 66.45
CA PRO A 174 5.69 -11.72 66.53
C PRO A 174 4.77 -12.73 65.88
N CYS A 175 3.78 -13.20 66.65
CA CYS A 175 2.90 -14.28 66.21
C CYS A 175 2.26 -13.97 64.87
N ILE A 176 2.64 -14.74 63.85
CA ILE A 176 2.10 -14.52 62.49
C ILE A 176 0.82 -15.35 62.40
N ILE A 177 -0.26 -14.75 62.89
CA ILE A 177 -1.53 -15.45 62.93
C ILE A 177 -2.11 -15.54 61.52
N ILE A 178 -2.40 -16.75 61.08
CA ILE A 178 -2.89 -16.98 59.72
C ILE A 178 -4.38 -16.74 59.67
N LYS A 179 -4.94 -16.64 58.46
CA LYS A 179 -6.34 -16.26 58.28
C LYS A 179 -6.81 -16.87 56.97
N LEU A 180 -7.55 -17.98 57.06
CA LEU A 180 -8.07 -18.61 55.85
C LEU A 180 -9.11 -17.69 55.23
N ASN A 181 -8.90 -17.34 53.96
CA ASN A 181 -9.73 -16.36 53.30
C ASN A 181 -11.17 -16.84 53.22
N ARG A 182 -12.12 -15.90 53.32
CA ARG A 182 -13.53 -16.26 53.36
C ARG A 182 -14.14 -16.17 51.96
N VAL A 183 -15.02 -17.12 51.67
CA VAL A 183 -15.71 -17.21 50.39
C VAL A 183 -17.20 -17.32 50.65
N LEU A 184 -17.99 -16.57 49.89
CA LEU A 184 -19.43 -16.55 50.09
C LEU A 184 -20.03 -17.92 49.80
N GLY A 185 -20.71 -18.46 50.81
CA GLY A 185 -21.41 -19.73 50.64
C GLY A 185 -20.50 -20.93 50.40
N PHE A 186 -19.42 -21.04 51.16
CA PHE A 186 -18.46 -22.12 51.02
C PHE A 186 -18.15 -22.70 52.39
N LYS A 187 -18.42 -23.98 52.57
CA LYS A 187 -18.12 -24.67 53.82
C LYS A 187 -16.99 -25.67 53.59
N PRO A 188 -15.83 -25.47 54.22
CA PRO A 188 -14.71 -26.40 54.01
C PRO A 188 -15.06 -27.80 54.50
N LYS A 189 -14.56 -28.80 53.79
CA LYS A 189 -14.82 -30.19 54.12
C LYS A 189 -13.55 -30.84 54.67
N PRO A 190 -13.51 -31.17 55.96
CA PRO A 190 -12.31 -31.81 56.51
C PRO A 190 -12.17 -33.23 55.98
N PRO A 191 -10.94 -33.75 55.90
CA PRO A 191 -10.77 -35.12 55.43
C PRO A 191 -11.34 -36.13 56.40
N LYS A 192 -11.78 -37.27 55.87
CA LYS A 192 -12.31 -38.37 56.68
C LYS A 192 -11.66 -39.66 56.20
N ASN A 193 -10.72 -40.17 56.98
CA ASN A 193 -10.00 -41.40 56.67
C ASN A 193 -9.21 -41.82 57.90
N GLU A 194 -8.54 -42.96 57.80
CA GLU A 194 -7.68 -43.47 58.86
C GLU A 194 -6.27 -43.67 58.30
N SER A 195 -5.27 -43.26 59.09
CA SER A 195 -3.85 -43.34 58.70
C SER A 195 -3.62 -42.60 57.39
N LEU A 196 -3.87 -41.29 57.44
CA LEU A 196 -3.76 -40.44 56.26
C LEU A 196 -2.31 -40.08 56.01
N GLU A 197 -2.08 -39.12 55.10
CA GLU A 197 -0.73 -38.67 54.77
C GLU A 197 -0.11 -37.82 55.87
N THR A 198 -0.89 -37.39 56.86
CA THR A 198 -0.40 -36.55 57.93
C THR A 198 -0.73 -37.21 59.27
N TYR A 199 0.14 -36.99 60.26
CA TYR A 199 0.03 -37.62 61.58
C TYR A 199 0.07 -36.56 62.66
N PRO A 200 -1.05 -35.85 62.89
CA PRO A 200 -1.10 -34.91 64.02
C PRO A 200 -1.55 -35.60 65.30
N VAL A 201 -0.85 -35.34 66.40
CA VAL A 201 -1.14 -36.04 67.65
C VAL A 201 -2.49 -35.61 68.22
N MET A 202 -2.81 -34.31 68.15
CA MET A 202 -4.05 -33.78 68.69
C MET A 202 -4.87 -33.26 67.52
N LYS A 203 -5.75 -34.12 67.00
CA LYS A 203 -6.62 -33.80 65.88
C LYS A 203 -7.63 -34.91 65.69
N TYR A 204 -8.85 -34.56 65.34
CA TYR A 204 -9.88 -35.52 64.96
C TYR A 204 -10.42 -35.17 63.58
N ASN A 205 -10.89 -36.19 62.88
CA ASN A 205 -11.25 -36.03 61.46
C ASN A 205 -12.29 -34.94 61.23
N PRO A 206 -13.40 -34.86 61.95
CA PRO A 206 -14.37 -33.80 61.67
C PRO A 206 -14.02 -32.50 62.39
N ASN A 207 -14.67 -31.42 61.95
CA ASN A 207 -14.72 -30.12 62.59
C ASN A 207 -13.36 -29.42 62.68
N VAL A 208 -12.29 -30.01 62.18
CA VAL A 208 -10.96 -29.41 62.25
C VAL A 208 -10.26 -29.58 60.92
N LEU A 209 -9.67 -28.50 60.41
CA LEU A 209 -8.86 -28.56 59.20
C LEU A 209 -7.39 -28.57 59.62
N PRO A 210 -6.65 -29.65 59.40
CA PRO A 210 -5.26 -29.70 59.87
C PRO A 210 -4.42 -28.60 59.25
N VAL A 211 -3.57 -27.99 60.08
CA VAL A 211 -2.66 -26.95 59.64
C VAL A 211 -1.28 -27.23 60.22
N GLN A 212 -0.27 -27.29 59.36
CA GLN A 212 1.11 -27.49 59.78
C GLN A 212 1.97 -26.40 59.18
N CYS A 213 3.09 -26.11 59.85
CA CYS A 213 3.98 -25.02 59.46
C CYS A 213 5.41 -25.53 59.43
N THR A 214 5.90 -25.86 58.24
CA THR A 214 7.30 -26.24 58.06
C THR A 214 7.65 -26.07 56.59
N GLY A 215 8.80 -25.44 56.33
CA GLY A 215 9.22 -25.16 54.98
C GLY A 215 10.50 -25.86 54.59
N LYS A 216 10.43 -26.68 53.54
CA LYS A 216 11.57 -27.48 53.07
C LYS A 216 12.16 -28.29 54.22
N ARG A 217 11.30 -29.12 54.82
CA ARG A 217 11.69 -29.93 55.96
C ARG A 217 12.60 -31.07 55.52
N ASP A 218 13.76 -31.17 56.17
CA ASP A 218 14.78 -32.22 56.03
C ASP A 218 15.67 -32.03 54.81
N GLU A 219 15.47 -31.00 53.99
CA GLU A 219 16.41 -30.73 52.91
C GLU A 219 17.46 -29.70 53.35
N ASP A 220 17.02 -28.51 53.75
CA ASP A 220 17.93 -27.49 54.21
C ASP A 220 17.51 -26.97 55.58
N LYS A 221 16.19 -26.97 55.84
CA LYS A 221 15.70 -26.51 57.13
C LYS A 221 16.14 -27.44 58.26
N ASP A 222 15.91 -28.75 58.09
CA ASP A 222 16.29 -29.76 59.07
C ASP A 222 15.73 -29.45 60.46
N LYS A 223 14.49 -28.95 60.49
CA LYS A 223 13.77 -28.67 61.74
C LYS A 223 14.55 -27.72 62.64
N VAL A 224 14.73 -26.49 62.15
CA VAL A 224 15.41 -25.47 62.93
C VAL A 224 14.64 -25.15 64.20
N GLY A 225 13.33 -24.96 64.09
CA GLY A 225 12.53 -24.56 65.23
C GLY A 225 11.30 -25.40 65.47
N ASN A 226 10.73 -25.29 66.67
CA ASN A 226 9.52 -26.01 67.04
C ASN A 226 8.34 -25.04 67.04
N VAL A 227 7.28 -25.41 66.34
CA VAL A 227 6.11 -24.55 66.15
C VAL A 227 5.00 -24.99 67.10
N GLU A 228 4.37 -24.02 67.75
CA GLU A 228 3.25 -24.27 68.66
C GLU A 228 2.02 -23.57 68.11
N TYR A 229 0.93 -24.33 67.96
CA TYR A 229 -0.31 -23.84 67.39
C TYR A 229 -1.32 -23.62 68.50
N PHE A 230 -1.92 -22.44 68.54
CA PHE A 230 -3.03 -22.19 69.45
C PHE A 230 -4.09 -21.34 68.76
N GLY A 231 -5.32 -21.79 68.85
CA GLY A 231 -6.48 -21.12 68.28
C GLY A 231 -7.72 -21.44 69.08
N LEU A 232 -8.81 -21.79 68.38
CA LEU A 232 -10.04 -22.22 69.02
C LEU A 232 -10.10 -23.74 69.06
N GLY A 233 -10.56 -24.27 70.20
CA GLY A 233 -10.69 -25.70 70.37
C GLY A 233 -9.42 -26.41 70.79
N ASN A 234 -8.35 -25.68 71.07
CA ASN A 234 -7.07 -26.27 71.52
C ASN A 234 -6.53 -27.28 70.52
N SER A 235 -6.89 -27.15 69.26
CA SER A 235 -6.41 -28.01 68.20
C SER A 235 -5.95 -27.18 67.02
N PRO A 236 -4.91 -27.59 66.31
CA PRO A 236 -4.42 -26.80 65.19
C PRO A 236 -5.34 -26.88 63.98
N GLY A 237 -6.42 -26.12 64.00
CA GLY A 237 -7.35 -26.14 62.89
C GLY A 237 -8.35 -25.01 62.98
N PHE A 238 -8.93 -24.70 61.84
CA PHE A 238 -9.97 -23.68 61.77
C PHE A 238 -11.31 -24.29 62.20
N PRO A 239 -11.98 -23.70 63.18
CA PRO A 239 -13.31 -24.19 63.56
C PRO A 239 -14.28 -24.10 62.38
N LEU A 240 -15.12 -25.12 62.26
CA LEU A 240 -16.06 -25.19 61.14
C LEU A 240 -17.41 -24.54 61.46
N GLN A 241 -17.70 -24.28 62.73
CA GLN A 241 -19.00 -23.72 63.09
C GLN A 241 -19.18 -22.29 62.60
N TYR A 242 -18.10 -21.60 62.26
CA TYR A 242 -18.23 -20.23 61.77
C TYR A 242 -18.75 -20.19 60.34
N TYR A 243 -18.34 -21.14 59.52
CA TYR A 243 -18.78 -21.19 58.13
C TYR A 243 -20.27 -21.54 58.07
N PRO A 244 -20.96 -21.13 57.00
CA PRO A 244 -20.46 -20.38 55.85
C PRO A 244 -20.72 -18.88 55.91
N TYR A 245 -19.89 -18.12 55.22
CA TYR A 245 -20.12 -16.68 55.09
C TYR A 245 -21.33 -16.42 54.22
N TYR A 246 -22.08 -15.37 54.56
CA TYR A 246 -23.31 -15.04 53.86
C TYR A 246 -23.26 -13.71 53.14
N GLY A 247 -22.08 -13.13 52.96
CA GLY A 247 -21.92 -11.90 52.20
C GLY A 247 -21.74 -10.69 53.09
N LYS A 248 -21.32 -9.60 52.46
CA LYS A 248 -21.08 -8.35 53.17
C LYS A 248 -22.39 -7.71 53.62
N LEU A 249 -23.42 -7.76 52.77
CA LEU A 249 -24.67 -7.10 53.07
C LEU A 249 -25.49 -7.84 54.12
N LEU A 250 -25.40 -9.17 54.15
CA LEU A 250 -26.26 -9.97 55.01
C LEU A 250 -25.63 -10.31 56.35
N GLN A 251 -24.31 -10.29 56.47
CA GLN A 251 -23.61 -10.61 57.72
C GLN A 251 -22.58 -9.53 58.02
N PRO A 252 -23.03 -8.35 58.46
CA PRO A 252 -22.08 -7.32 58.88
C PRO A 252 -21.37 -7.71 60.16
N LYS A 253 -20.18 -7.14 60.34
CA LYS A 253 -19.33 -7.40 61.51
C LYS A 253 -19.05 -8.89 61.66
N TYR A 254 -18.78 -9.55 60.54
CA TYR A 254 -18.49 -10.98 60.55
C TYR A 254 -17.02 -11.20 60.87
N LEU A 255 -16.76 -12.03 61.88
CA LEU A 255 -15.41 -12.42 62.25
C LEU A 255 -15.21 -13.87 61.88
N GLN A 256 -14.18 -14.14 61.08
CA GLN A 256 -13.89 -15.46 60.58
C GLN A 256 -12.86 -16.15 61.45
N PRO A 257 -12.75 -17.48 61.37
CA PRO A 257 -11.82 -18.20 62.26
C PRO A 257 -10.38 -17.74 62.10
N LEU A 258 -9.67 -17.72 63.22
CA LEU A 258 -8.25 -17.33 63.24
C LEU A 258 -7.45 -18.42 63.92
N LEU A 259 -6.21 -18.59 63.46
CA LEU A 259 -5.28 -19.54 64.03
C LEU A 259 -3.97 -18.82 64.33
N ALA A 260 -3.36 -19.14 65.46
CA ALA A 260 -2.14 -18.48 65.89
C ALA A 260 -0.99 -19.49 65.96
N VAL A 261 0.18 -19.06 65.52
CA VAL A 261 1.38 -19.89 65.55
C VAL A 261 2.49 -19.13 66.27
N GLN A 262 3.31 -19.86 67.02
CA GLN A 262 4.42 -19.26 67.74
C GLN A 262 5.64 -20.17 67.64
N PHE A 263 6.81 -19.56 67.71
CA PHE A 263 8.08 -20.30 67.68
C PHE A 263 8.88 -19.97 68.93
N THR A 264 9.50 -20.98 69.52
CA THR A 264 10.30 -20.83 70.73
C THR A 264 11.77 -21.10 70.52
N ASN A 265 12.12 -22.27 69.98
CA ASN A 265 13.52 -22.63 69.75
C ASN A 265 13.90 -22.32 68.30
N LEU A 266 13.84 -21.02 67.98
CA LEU A 266 14.10 -20.54 66.63
C LEU A 266 15.46 -19.87 66.60
N THR A 267 16.35 -20.38 65.75
CA THR A 267 17.71 -19.88 65.68
C THR A 267 17.78 -18.60 64.84
N MET A 268 18.94 -17.97 64.87
CA MET A 268 19.18 -16.70 64.19
C MET A 268 20.16 -16.91 63.04
N ASP A 269 20.37 -15.81 62.29
CA ASP A 269 21.42 -15.73 61.26
C ASP A 269 21.27 -16.82 60.20
N THR A 270 20.04 -17.01 59.71
CA THR A 270 19.78 -17.99 58.67
C THR A 270 18.48 -17.65 57.96
N GLU A 271 18.44 -17.88 56.65
CA GLU A 271 17.25 -17.65 55.85
C GLU A 271 16.45 -18.95 55.76
N ILE A 272 15.43 -19.06 56.61
CA ILE A 272 14.60 -20.25 56.67
C ILE A 272 13.26 -19.95 56.02
N ARG A 273 12.91 -20.75 55.01
CA ARG A 273 11.57 -20.73 54.46
C ARG A 273 10.65 -21.55 55.35
N ILE A 274 9.43 -21.06 55.58
CA ILE A 274 8.44 -21.82 56.34
C ILE A 274 7.13 -21.84 55.57
N GLU A 275 6.53 -23.02 55.49
CA GLU A 275 5.38 -23.34 54.67
C GLU A 275 4.23 -23.72 55.59
N CYS A 276 3.23 -22.85 55.69
CA CYS A 276 2.02 -23.13 56.47
C CYS A 276 0.89 -23.47 55.48
N LYS A 277 0.50 -24.74 55.47
CA LYS A 277 -0.55 -25.21 54.58
C LYS A 277 -1.69 -25.82 55.39
N ALA A 278 -2.88 -25.81 54.78
CA ALA A 278 -4.08 -26.36 55.41
C ALA A 278 -4.67 -27.41 54.49
N TYR A 279 -4.73 -28.65 54.96
CA TYR A 279 -5.28 -29.74 54.17
C TYR A 279 -6.80 -29.73 54.23
N GLY A 280 -7.42 -30.47 53.32
CA GLY A 280 -8.87 -30.57 53.27
C GLY A 280 -9.36 -31.24 52.00
N GLU A 281 -10.48 -31.96 52.12
CA GLU A 281 -11.05 -32.60 50.93
C GLU A 281 -11.63 -31.58 49.96
N ASN A 282 -12.00 -30.41 50.45
CA ASN A 282 -12.52 -29.33 49.62
C ASN A 282 -11.48 -28.27 49.32
N ILE A 283 -10.21 -28.54 49.63
CA ILE A 283 -9.12 -27.59 49.40
C ILE A 283 -8.20 -28.18 48.35
N GLY A 284 -8.01 -27.45 47.26
CA GLY A 284 -7.14 -27.89 46.18
C GLY A 284 -5.99 -26.91 45.99
N TYR A 285 -4.87 -27.43 45.52
CA TYR A 285 -3.67 -26.63 45.31
C TYR A 285 -3.50 -26.28 43.84
N SER A 286 -2.49 -25.46 43.56
CA SER A 286 -2.20 -24.99 42.22
C SER A 286 -0.69 -24.97 42.03
N GLU A 287 -0.25 -24.47 40.88
CA GLU A 287 1.17 -24.37 40.56
C GLU A 287 1.63 -22.93 40.38
N LYS A 288 0.94 -22.15 39.55
CA LYS A 288 1.35 -20.77 39.31
C LYS A 288 1.00 -19.86 40.49
N ASP A 289 0.08 -20.27 41.36
CA ASP A 289 -0.30 -19.49 42.52
C ASP A 289 0.44 -20.01 43.74
N ARG A 290 1.24 -19.14 44.35
CA ARG A 290 2.04 -19.51 45.52
C ARG A 290 1.38 -19.13 46.84
N PHE A 291 0.14 -18.65 46.79
CA PHE A 291 -0.58 -18.29 48.01
C PHE A 291 -1.96 -18.92 48.11
N GLN A 292 -2.37 -19.72 47.12
CA GLN A 292 -3.67 -20.36 47.13
C GLN A 292 -3.59 -21.68 47.91
N GLY A 293 -4.45 -21.82 48.91
CA GLY A 293 -4.45 -23.04 49.71
C GLY A 293 -3.30 -23.09 50.68
N ARG A 294 -2.09 -23.23 50.16
CA ARG A 294 -0.88 -23.23 50.97
C ARG A 294 -0.27 -21.84 51.01
N PHE A 295 0.52 -21.59 52.04
CA PHE A 295 1.03 -20.27 52.36
C PHE A 295 2.51 -20.36 52.68
N ASP A 296 3.27 -19.35 52.25
CA ASP A 296 4.72 -19.33 52.43
C ASP A 296 5.12 -18.02 53.08
N VAL A 297 6.15 -18.07 53.92
CA VAL A 297 6.72 -16.85 54.50
C VAL A 297 8.13 -17.16 54.98
N LYS A 298 8.94 -16.10 55.11
CA LYS A 298 10.30 -16.20 55.60
C LYS A 298 10.40 -15.49 56.94
N ILE A 299 11.26 -16.01 57.82
CA ILE A 299 11.50 -15.42 59.12
C ILE A 299 12.97 -15.09 59.24
N GLU A 300 13.28 -13.83 59.55
CA GLU A 300 14.65 -13.36 59.69
C GLU A 300 14.78 -12.67 61.04
N VAL A 301 15.69 -13.18 61.87
CA VAL A 301 15.98 -12.59 63.17
C VAL A 301 17.49 -12.46 63.32
N LYS A 302 17.94 -11.27 63.73
CA LYS A 302 19.36 -10.99 63.89
C LYS A 302 19.56 -10.17 65.15
N SER A 303 20.62 -10.47 65.88
CA SER A 303 20.91 -9.78 67.13
C SER A 303 22.13 -8.88 67.00
N ASP B 31 -20.81 -21.35 42.50
CA ASP B 31 -20.58 -22.77 42.74
C ASP B 31 -19.10 -23.11 42.51
N PRO B 32 -18.41 -23.53 43.57
CA PRO B 32 -16.96 -23.74 43.49
C PRO B 32 -16.54 -24.80 42.48
N PHE B 33 -17.41 -25.74 42.13
CA PHE B 33 -17.05 -26.75 41.13
C PHE B 33 -16.87 -26.10 39.76
N HIS B 34 -15.92 -26.63 39.01
CA HIS B 34 -15.60 -26.11 37.69
C HIS B 34 -16.86 -25.70 36.94
N TYR B 35 -16.75 -24.62 36.17
CA TYR B 35 -17.87 -24.12 35.40
C TYR B 35 -17.02 -24.91 34.41
N ASP B 36 -17.58 -26.02 33.93
CA ASP B 36 -17.22 -26.62 32.65
C ASP B 36 -15.83 -26.68 32.03
N TYR B 37 -14.88 -25.97 32.63
CA TYR B 37 -13.54 -25.96 32.06
C TYR B 37 -13.17 -27.37 31.66
N GLN B 38 -12.24 -27.46 30.70
CA GLN B 38 -11.88 -28.67 29.96
C GLN B 38 -13.03 -29.18 29.11
N THR B 39 -14.16 -28.48 29.12
CA THR B 39 -15.29 -28.74 28.22
C THR B 39 -15.59 -27.54 27.34
N LEU B 40 -15.55 -26.33 27.90
CA LEU B 40 -15.69 -25.13 27.07
C LEU B 40 -14.53 -24.98 26.11
N ARG B 41 -13.35 -25.51 26.45
CA ARG B 41 -12.24 -25.48 25.51
C ARG B 41 -12.56 -26.33 24.28
N ILE B 42 -13.11 -27.53 24.48
CA ILE B 42 -13.47 -28.38 23.35
C ILE B 42 -14.55 -27.73 22.51
N GLY B 43 -15.57 -27.16 23.16
CA GLY B 43 -16.63 -26.50 22.42
C GLY B 43 -16.14 -25.29 21.65
N GLY B 44 -15.25 -24.51 22.26
CA GLY B 44 -14.70 -23.36 21.57
C GLY B 44 -13.84 -23.74 20.39
N LEU B 45 -13.01 -24.78 20.53
CA LEU B 45 -12.22 -25.26 19.41
C LEU B 45 -13.12 -25.77 18.29
N VAL B 46 -14.19 -26.49 18.65
CA VAL B 46 -15.13 -26.97 17.64
C VAL B 46 -15.77 -25.80 16.90
N PHE B 47 -16.19 -24.77 17.65
CA PHE B 47 -16.78 -23.59 17.03
C PHE B 47 -15.79 -22.92 16.10
N ALA B 48 -14.54 -22.77 16.54
CA ALA B 48 -13.54 -22.12 15.70
C ALA B 48 -13.30 -22.90 14.42
N VAL B 49 -13.15 -24.22 14.52
CA VAL B 49 -12.83 -25.01 13.33
C VAL B 49 -14.02 -25.07 12.38
N VAL B 50 -15.24 -25.13 12.91
CA VAL B 50 -16.40 -25.18 12.02
C VAL B 50 -16.59 -23.83 11.32
N LEU B 51 -16.34 -22.73 12.02
CA LEU B 51 -16.41 -21.42 11.37
C LEU B 51 -15.32 -21.28 10.31
N PHE B 52 -14.11 -21.76 10.60
CA PHE B 52 -13.05 -21.71 9.58
C PHE B 52 -13.42 -22.54 8.36
N SER B 53 -14.00 -23.73 8.58
CA SER B 53 -14.40 -24.56 7.45
C SER B 53 -15.49 -23.90 6.62
N VAL B 54 -16.49 -23.31 7.29
CA VAL B 54 -17.56 -22.63 6.56
C VAL B 54 -17.01 -21.45 5.78
N GLY B 55 -16.11 -20.67 6.38
CA GLY B 55 -15.53 -19.54 5.68
C GLY B 55 -14.69 -19.96 4.49
N ILE B 56 -13.88 -21.01 4.65
CA ILE B 56 -13.01 -21.46 3.57
C ILE B 56 -13.81 -22.18 2.49
N LEU B 57 -15.02 -22.64 2.80
CA LEU B 57 -15.88 -23.22 1.78
C LEU B 57 -16.28 -22.17 0.74
N LEU B 58 -16.60 -20.96 1.19
CA LEU B 58 -17.14 -19.95 0.29
C LEU B 58 -16.11 -19.50 -0.74
N ILE B 59 -14.82 -19.53 -0.39
CA ILE B 59 -13.78 -19.12 -1.34
C ILE B 59 -13.75 -20.06 -2.55
N LEU B 60 -13.76 -21.37 -2.29
CA LEU B 60 -13.71 -22.33 -3.39
C LEU B 60 -15.02 -22.37 -4.17
N SER B 61 -16.15 -22.19 -3.48
CA SER B 61 -17.44 -22.19 -4.15
C SER B 61 -17.89 -20.77 -4.45
N LEU C 25 22.23 19.72 -11.38
CA LEU C 25 22.69 20.44 -12.56
C LEU C 25 21.70 20.29 -13.71
N LYS C 26 21.60 21.32 -14.53
CA LYS C 26 20.71 21.34 -15.68
C LYS C 26 21.54 21.41 -16.95
N LYS C 27 21.25 20.50 -17.89
CA LYS C 27 21.94 20.45 -19.18
C LYS C 27 20.88 20.34 -20.28
N GLU C 28 20.65 21.45 -20.99
CA GLU C 28 19.62 21.49 -22.02
C GLU C 28 20.08 22.25 -23.25
N VAL C 29 21.37 22.19 -23.57
CA VAL C 29 21.94 22.95 -24.69
C VAL C 29 22.15 22.08 -25.92
N ALA C 30 22.90 20.99 -25.79
CA ALA C 30 23.19 20.07 -26.89
C ALA C 30 23.77 20.82 -28.10
N MET C 31 24.69 21.73 -27.82
CA MET C 31 25.28 22.55 -28.87
C MET C 31 26.37 21.79 -29.59
N THR C 32 26.40 21.91 -30.92
CA THR C 32 27.37 21.23 -31.76
C THR C 32 27.88 22.19 -32.82
N GLU C 33 29.16 22.07 -33.17
CA GLU C 33 29.81 22.95 -34.14
C GLU C 33 29.56 22.43 -35.56
N HIS C 34 28.28 22.46 -35.93
CA HIS C 34 27.88 22.00 -37.27
C HIS C 34 28.20 23.03 -38.34
N LYS C 35 28.06 24.32 -38.02
CA LYS C 35 28.20 25.36 -39.04
C LYS C 35 29.63 25.43 -39.58
N MET C 36 30.62 25.12 -38.76
CA MET C 36 32.01 25.19 -39.20
C MET C 36 32.28 24.12 -40.26
N SER C 37 33.10 24.49 -41.24
CA SER C 37 33.41 23.57 -42.33
C SER C 37 34.40 22.51 -41.87
N VAL C 38 34.75 21.62 -42.80
CA VAL C 38 35.56 20.45 -42.46
C VAL C 38 36.98 20.85 -42.05
N GLU C 39 37.57 21.83 -42.74
CA GLU C 39 38.95 22.20 -42.45
C GLU C 39 39.08 22.80 -41.06
N GLU C 40 38.14 23.68 -40.67
CA GLU C 40 38.22 24.30 -39.35
C GLU C 40 38.09 23.27 -38.24
N VAL C 41 37.15 22.33 -38.38
CA VAL C 41 36.99 21.33 -37.33
C VAL C 41 38.16 20.36 -37.33
N CYS C 42 38.76 20.11 -38.48
CA CYS C 42 39.93 19.23 -38.52
C CYS C 42 41.13 19.89 -37.86
N ARG C 43 41.31 21.20 -38.07
CA ARG C 43 42.43 21.91 -37.47
C ARG C 43 42.23 22.22 -35.99
N LYS C 44 40.98 22.42 -35.55
CA LYS C 44 40.77 22.80 -34.16
C LYS C 44 41.14 21.67 -33.21
N TYR C 45 40.96 20.42 -33.65
CA TYR C 45 41.50 19.27 -32.94
C TYR C 45 42.85 18.83 -33.48
N ASN C 46 43.37 19.52 -34.49
CA ASN C 46 44.66 19.21 -35.12
C ASN C 46 44.68 17.76 -35.61
N THR C 47 43.68 17.42 -36.42
CA THR C 47 43.49 16.08 -36.94
C THR C 47 43.47 16.11 -38.45
N ASP C 48 44.17 15.17 -39.08
CA ASP C 48 44.25 15.12 -40.54
C ASP C 48 42.93 14.64 -41.12
N CYS C 49 42.45 15.35 -42.15
CA CYS C 49 41.20 14.98 -42.80
C CYS C 49 41.37 13.76 -43.69
N VAL C 50 42.56 13.54 -44.24
CA VAL C 50 42.79 12.42 -45.15
C VAL C 50 43.68 11.34 -44.54
N GLN C 51 44.46 11.65 -43.51
CA GLN C 51 45.34 10.67 -42.89
C GLN C 51 44.90 10.29 -41.48
N GLY C 52 43.74 10.75 -41.04
CA GLY C 52 43.25 10.35 -39.72
C GLY C 52 44.08 10.96 -38.61
N LEU C 53 44.58 10.10 -37.72
CA LEU C 53 45.38 10.54 -36.58
C LEU C 53 46.41 9.46 -36.26
N THR C 54 47.46 9.87 -35.56
CA THR C 54 48.53 8.96 -35.18
C THR C 54 48.21 8.26 -33.87
N HIS C 55 48.90 7.15 -33.62
CA HIS C 55 48.70 6.40 -32.40
C HIS C 55 49.12 7.21 -31.17
N SER C 56 50.26 7.91 -31.26
CA SER C 56 50.73 8.68 -30.12
C SER C 56 49.78 9.82 -29.79
N LYS C 57 49.30 10.53 -30.81
CA LYS C 57 48.35 11.62 -30.58
C LYS C 57 47.05 11.08 -29.99
N ALA C 58 46.59 9.93 -30.50
CA ALA C 58 45.38 9.32 -29.96
C ALA C 58 45.57 8.96 -28.48
N GLN C 59 46.75 8.46 -28.13
CA GLN C 59 47.02 8.11 -26.73
C GLN C 59 47.02 9.35 -25.85
N GLU C 60 47.70 10.41 -26.30
CA GLU C 60 47.81 11.61 -25.46
C GLU C 60 46.53 12.41 -25.42
N ILE C 61 45.59 12.18 -26.34
CA ILE C 61 44.28 12.79 -26.23
C ILE C 61 43.29 11.91 -25.48
N LEU C 62 43.49 10.58 -25.48
CA LEU C 62 42.72 9.72 -24.60
C LEU C 62 43.09 9.94 -23.15
N ALA C 63 44.36 10.26 -22.88
CA ALA C 63 44.78 10.59 -21.52
C ALA C 63 44.12 11.87 -21.01
N ARG C 64 43.54 12.67 -21.89
CA ARG C 64 42.84 13.89 -21.50
C ARG C 64 41.32 13.71 -21.48
N ASP C 65 40.74 13.30 -22.59
CA ASP C 65 39.28 13.24 -22.70
C ASP C 65 38.68 11.97 -22.13
N GLY C 66 39.48 10.95 -21.85
CA GLY C 66 38.99 9.74 -21.23
C GLY C 66 38.32 8.79 -22.22
N PRO C 67 37.94 7.61 -21.74
CA PRO C 67 37.35 6.60 -22.62
C PRO C 67 35.92 6.92 -22.99
N ASN C 68 35.41 6.19 -23.98
CA ASN C 68 34.08 6.42 -24.53
C ASN C 68 32.97 5.85 -23.67
N ALA C 69 33.28 4.94 -22.76
CA ALA C 69 32.24 4.31 -21.93
C ALA C 69 31.59 5.37 -21.05
N LEU C 70 30.31 5.62 -21.30
CA LEU C 70 29.58 6.62 -20.53
C LEU C 70 29.56 6.22 -19.06
N THR C 71 29.66 7.21 -18.18
CA THR C 71 29.82 6.94 -16.76
C THR C 71 28.55 6.37 -16.17
N PRO C 72 28.58 5.17 -15.60
CA PRO C 72 27.41 4.64 -14.90
C PRO C 72 27.21 5.35 -13.58
N PRO C 73 25.99 5.36 -13.04
CA PRO C 73 25.75 6.00 -11.75
C PRO C 73 26.58 5.36 -10.66
N PRO C 74 27.44 6.13 -9.99
CA PRO C 74 28.34 5.55 -8.99
C PRO C 74 27.61 5.05 -7.76
N THR C 75 26.67 5.85 -7.25
CA THR C 75 25.93 5.48 -6.05
C THR C 75 25.03 4.28 -6.34
N THR C 76 25.34 3.14 -5.74
CA THR C 76 24.58 1.91 -5.92
C THR C 76 24.23 1.36 -4.54
N PRO C 77 23.21 1.92 -3.89
CA PRO C 77 22.83 1.44 -2.55
C PRO C 77 22.39 -0.02 -2.59
N GLU C 78 23.14 -0.87 -1.90
CA GLU C 78 22.87 -2.30 -1.91
C GLU C 78 21.79 -2.66 -0.89
N TRP C 79 22.06 -2.42 0.39
CA TRP C 79 21.13 -2.76 1.45
C TRP C 79 20.83 -1.58 2.38
N VAL C 80 21.45 -0.42 2.15
CA VAL C 80 21.17 0.74 2.98
C VAL C 80 19.74 1.23 2.78
N LYS C 81 19.12 0.91 1.65
CA LYS C 81 17.73 1.28 1.42
C LYS C 81 16.82 0.61 2.45
N PHE C 82 17.05 -0.68 2.72
CA PHE C 82 16.24 -1.40 3.68
C PHE C 82 16.43 -0.85 5.09
N CYS C 83 17.67 -0.54 5.46
CA CYS C 83 17.93 0.04 6.78
C CYS C 83 17.27 1.40 6.93
N ARG C 84 17.37 2.24 5.89
CA ARG C 84 16.73 3.54 5.94
C ARG C 84 15.21 3.42 6.01
N GLN C 85 14.65 2.43 5.31
CA GLN C 85 13.21 2.25 5.32
C GLN C 85 12.70 1.76 6.67
N LEU C 86 13.45 0.85 7.31
CA LEU C 86 13.03 0.40 8.63
C LEU C 86 13.25 1.47 9.70
N PHE C 87 14.28 2.30 9.53
CA PHE C 87 14.52 3.36 10.50
C PHE C 87 13.46 4.46 10.42
N GLY C 88 12.93 4.70 9.22
CA GLY C 88 11.95 5.74 9.05
C GLY C 88 10.52 5.26 9.07
N GLY C 89 9.62 6.08 8.52
CA GLY C 89 8.21 5.77 8.46
C GLY C 89 7.55 5.81 9.83
N PHE C 90 6.50 5.01 9.98
CA PHE C 90 5.77 4.92 11.25
C PHE C 90 6.37 3.79 12.08
N SER C 91 7.61 3.95 12.49
CA SER C 91 8.29 2.94 13.29
C SER C 91 9.02 3.54 14.48
N ILE C 92 9.94 4.46 14.23
CA ILE C 92 10.67 5.06 15.34
C ILE C 92 9.93 4.82 16.64
N LEU C 93 8.61 4.98 16.64
CA LEU C 93 7.83 4.74 17.85
C LEU C 93 7.89 3.28 18.26
N LEU C 94 7.86 2.36 17.30
CA LEU C 94 7.96 0.95 17.64
C LEU C 94 9.33 0.62 18.23
N TRP C 95 10.40 1.21 17.70
CA TRP C 95 11.71 1.00 18.28
C TRP C 95 11.79 1.58 19.68
N ILE C 96 11.16 2.74 19.89
CA ILE C 96 11.11 3.33 21.23
C ILE C 96 10.37 2.40 22.19
N GLY C 97 9.26 1.83 21.73
CA GLY C 97 8.53 0.89 22.57
C GLY C 97 9.33 -0.35 22.90
N ALA C 98 10.06 -0.88 21.92
CA ALA C 98 10.92 -2.03 22.18
C ALA C 98 12.02 -1.70 23.19
N ILE C 99 12.63 -0.52 23.04
CA ILE C 99 13.66 -0.09 23.98
C ILE C 99 13.05 0.05 25.38
N LEU C 100 11.83 0.56 25.46
CA LEU C 100 11.17 0.71 26.75
C LEU C 100 10.82 -0.65 27.35
N CYS C 101 10.45 -1.62 26.52
CA CYS C 101 10.21 -2.96 27.04
C CYS C 101 11.49 -3.57 27.60
N PHE C 102 12.60 -3.40 26.89
CA PHE C 102 13.88 -3.90 27.40
C PHE C 102 14.25 -3.19 28.70
N LEU C 103 14.02 -1.88 28.76
CA LEU C 103 14.30 -1.13 29.99
C LEU C 103 13.43 -1.62 31.15
N ALA C 104 12.15 -1.90 30.88
CA ALA C 104 11.27 -2.40 31.93
C ALA C 104 11.71 -3.76 32.41
N TYR C 105 12.15 -4.64 31.50
CA TYR C 105 12.66 -5.93 31.92
C TYR C 105 13.92 -5.76 32.76
N GLY C 106 14.80 -4.83 32.37
CA GLY C 106 15.98 -4.56 33.17
C GLY C 106 15.65 -4.06 34.57
N ILE C 107 14.65 -3.18 34.66
CA ILE C 107 14.23 -2.68 35.97
C ILE C 107 13.64 -3.80 36.82
N GLN C 108 12.82 -4.65 36.21
CA GLN C 108 12.16 -5.72 36.95
C GLN C 108 13.15 -6.77 37.46
N ALA C 109 14.34 -6.84 36.86
CA ALA C 109 15.33 -7.84 37.25
C ALA C 109 16.29 -7.33 38.32
N GLY C 110 16.10 -6.12 38.82
CA GLY C 110 17.02 -5.57 39.80
C GLY C 110 16.34 -5.11 41.08
N THR C 111 15.01 -4.96 41.04
CA THR C 111 14.25 -4.52 42.20
C THR C 111 13.11 -5.47 42.58
N GLU C 112 12.42 -6.08 41.63
CA GLU C 112 11.30 -6.95 41.90
C GLU C 112 11.78 -8.36 42.19
N ASP C 113 10.85 -9.31 42.18
CA ASP C 113 11.14 -10.71 42.43
C ASP C 113 11.77 -11.36 41.21
N ASP C 114 11.80 -12.69 41.17
CA ASP C 114 12.37 -13.43 40.05
C ASP C 114 11.86 -12.84 38.73
N PRO C 115 12.75 -12.57 37.77
CA PRO C 115 12.32 -11.88 36.55
C PRO C 115 11.29 -12.67 35.76
N SER C 116 10.31 -11.95 35.21
CA SER C 116 9.30 -12.55 34.36
C SER C 116 9.58 -12.23 32.90
N GLY C 117 9.30 -13.19 32.03
CA GLY C 117 9.52 -13.03 30.60
C GLY C 117 8.41 -12.33 29.86
N ASP C 118 7.39 -11.84 30.55
CA ASP C 118 6.26 -11.19 29.90
C ASP C 118 6.64 -9.86 29.26
N ASN C 119 7.80 -9.29 29.58
CA ASN C 119 8.27 -8.06 28.97
C ASN C 119 9.38 -8.28 27.94
N LEU C 120 10.32 -9.18 28.21
CA LEU C 120 11.36 -9.48 27.23
C LEU C 120 10.75 -10.07 25.97
N TYR C 121 9.80 -10.98 26.12
CA TYR C 121 9.12 -11.55 24.96
C TYR C 121 8.31 -10.49 24.22
N LEU C 122 7.70 -9.56 24.96
CA LEU C 122 6.98 -8.47 24.30
C LEU C 122 7.93 -7.60 23.50
N GLY C 123 9.10 -7.28 24.04
CA GLY C 123 10.08 -6.52 23.29
C GLY C 123 10.58 -7.26 22.06
N ILE C 124 10.80 -8.56 22.19
CA ILE C 124 11.27 -9.35 21.05
C ILE C 124 10.21 -9.39 19.96
N VAL C 125 8.93 -9.60 20.33
CA VAL C 125 7.89 -9.65 19.32
C VAL C 125 7.64 -8.27 18.71
N LEU C 126 7.86 -7.20 19.49
CA LEU C 126 7.71 -5.87 18.93
C LEU C 126 8.83 -5.57 17.92
N ALA C 127 10.05 -6.01 18.24
CA ALA C 127 11.13 -5.89 17.27
C ALA C 127 10.85 -6.74 16.03
N ALA C 128 10.27 -7.91 16.20
CA ALA C 128 9.88 -8.72 15.05
C ALA C 128 8.85 -7.99 14.21
N VAL C 129 7.90 -7.31 14.86
CA VAL C 129 6.89 -6.55 14.13
C VAL C 129 7.54 -5.44 13.32
N VAL C 130 8.48 -4.71 13.93
CA VAL C 130 9.09 -3.61 13.19
C VAL C 130 9.96 -4.13 12.05
N ILE C 131 10.64 -5.25 12.25
CA ILE C 131 11.46 -5.83 11.17
C ILE C 131 10.56 -6.28 10.02
N ILE C 132 9.45 -6.95 10.33
CA ILE C 132 8.58 -7.43 9.27
C ILE C 132 7.92 -6.26 8.55
N THR C 133 7.56 -5.20 9.28
CA THR C 133 7.00 -4.02 8.64
C THR C 133 8.01 -3.36 7.72
N GLY C 134 9.26 -3.25 8.17
CA GLY C 134 10.29 -2.65 7.32
C GLY C 134 10.56 -3.46 6.08
N CYS C 135 10.68 -4.78 6.22
CA CYS C 135 10.94 -5.63 5.07
C CYS C 135 9.72 -5.84 4.20
N PHE C 136 8.53 -5.49 4.67
CA PHE C 136 7.31 -5.68 3.91
C PHE C 136 6.93 -4.42 3.14
N SER C 137 7.14 -3.24 3.74
CA SER C 137 7.03 -2.00 3.01
C SER C 137 8.19 -1.80 2.04
N TYR C 138 9.27 -2.56 2.19
CA TYR C 138 10.35 -2.52 1.22
C TYR C 138 9.89 -3.01 -0.15
N TYR C 139 8.92 -3.92 -0.18
CA TYR C 139 8.46 -4.49 -1.44
C TYR C 139 7.89 -3.43 -2.36
N GLN C 140 7.23 -2.41 -1.81
CA GLN C 140 6.62 -1.39 -2.65
C GLN C 140 7.57 -0.25 -2.99
N GLU C 141 8.48 0.10 -2.08
CA GLU C 141 9.40 1.22 -2.32
C GLU C 141 10.72 0.70 -2.89
N ALA C 142 10.60 0.01 -4.02
CA ALA C 142 11.75 -0.58 -4.70
C ALA C 142 11.97 0.18 -6.01
N LYS C 143 12.92 1.12 -5.98
CA LYS C 143 13.21 1.94 -7.15
C LYS C 143 13.94 1.08 -8.17
N SER C 144 13.17 0.50 -9.11
CA SER C 144 13.73 -0.37 -10.15
C SER C 144 14.19 0.50 -11.32
N SER C 145 15.36 1.12 -11.13
CA SER C 145 15.96 1.98 -12.14
C SER C 145 17.32 1.40 -12.52
N LYS C 146 17.41 0.86 -13.73
CA LYS C 146 18.64 0.26 -14.24
C LYS C 146 18.87 0.75 -15.67
N ILE C 147 18.74 2.06 -15.88
CA ILE C 147 18.89 2.63 -17.22
C ILE C 147 20.34 2.66 -17.70
N MET C 148 21.30 2.39 -16.83
CA MET C 148 22.70 2.45 -17.23
C MET C 148 23.06 1.33 -18.20
N GLU C 149 22.49 0.14 -17.98
CA GLU C 149 22.88 -1.05 -18.74
C GLU C 149 22.08 -1.24 -20.01
N SER C 150 21.26 -0.25 -20.37
CA SER C 150 20.48 -0.30 -21.60
C SER C 150 21.17 0.39 -22.78
N PHE C 151 22.31 1.04 -22.55
CA PHE C 151 23.01 1.73 -23.62
C PHE C 151 24.27 1.04 -24.06
N LYS C 152 24.72 0.02 -23.33
CA LYS C 152 25.84 -0.79 -23.81
C LYS C 152 25.45 -1.60 -25.04
N ASN C 153 24.14 -1.77 -25.26
CA ASN C 153 23.68 -2.47 -26.45
C ASN C 153 24.02 -1.71 -27.72
N MET C 154 23.87 -0.39 -27.69
CA MET C 154 24.31 0.45 -28.79
C MET C 154 25.84 0.58 -28.74
N VAL C 155 26.38 1.43 -29.60
CA VAL C 155 27.82 1.68 -29.76
C VAL C 155 28.58 0.37 -29.71
N PRO C 156 28.52 -0.45 -30.77
CA PRO C 156 29.16 -1.77 -30.72
C PRO C 156 30.66 -1.67 -30.50
N GLN C 157 31.22 -2.75 -29.97
CA GLN C 157 32.61 -2.74 -29.52
C GLN C 157 33.57 -2.40 -30.66
N GLN C 158 33.36 -2.98 -31.84
CA GLN C 158 34.29 -2.85 -32.94
C GLN C 158 33.79 -1.79 -33.93
N ALA C 159 34.68 -0.86 -34.30
CA ALA C 159 34.37 0.15 -35.29
C ALA C 159 35.52 0.26 -36.27
N LEU C 160 35.19 0.61 -37.52
CA LEU C 160 36.18 0.76 -38.57
C LEU C 160 36.64 2.21 -38.62
N VAL C 161 37.91 2.44 -38.31
CA VAL C 161 38.48 3.78 -38.29
C VAL C 161 39.56 3.86 -39.36
N ILE C 162 39.96 5.10 -39.68
CA ILE C 162 40.96 5.36 -40.69
C ILE C 162 42.11 6.08 -40.00
N ARG C 163 43.11 5.33 -39.57
CA ARG C 163 44.26 5.89 -38.84
C ARG C 163 45.51 5.73 -39.68
N GLU C 164 46.27 6.82 -39.81
CA GLU C 164 47.50 6.85 -40.60
C GLU C 164 47.25 6.39 -42.04
N GLY C 165 46.09 6.76 -42.57
CA GLY C 165 45.74 6.36 -43.92
C GLY C 165 45.46 4.89 -44.08
N GLU C 166 45.17 4.17 -42.99
CA GLU C 166 44.94 2.74 -43.02
C GLU C 166 43.63 2.41 -42.32
N LYS C 167 42.85 1.52 -42.92
CA LYS C 167 41.62 1.05 -42.29
C LYS C 167 41.96 0.08 -41.16
N MET C 168 41.36 0.29 -40.00
CA MET C 168 41.66 -0.54 -38.84
C MET C 168 40.40 -0.80 -38.03
N GLN C 169 40.25 -2.05 -37.59
CA GLN C 169 39.22 -2.41 -36.63
C GLN C 169 39.69 -2.02 -35.24
N VAL C 170 38.92 -1.18 -34.55
CA VAL C 170 39.31 -0.74 -33.22
C VAL C 170 38.18 -0.82 -32.20
N ASN C 171 38.55 -1.13 -30.96
CA ASN C 171 37.58 -1.23 -29.87
C ASN C 171 36.92 0.13 -29.66
N ALA C 172 35.62 0.12 -29.46
CA ALA C 172 34.86 1.35 -29.27
C ALA C 172 35.10 2.04 -27.93
N GLU C 173 35.81 1.38 -27.02
CA GLU C 173 36.05 1.99 -25.71
C GLU C 173 37.17 3.03 -25.79
N GLU C 174 38.20 2.78 -26.60
CA GLU C 174 39.36 3.66 -26.64
C GLU C 174 39.39 4.57 -27.86
N VAL C 175 38.31 4.60 -28.67
CA VAL C 175 38.27 5.53 -29.78
C VAL C 175 38.16 6.95 -29.24
N VAL C 176 38.90 7.88 -29.87
CA VAL C 176 39.04 9.23 -29.35
C VAL C 176 38.33 10.20 -30.27
N VAL C 177 38.32 11.47 -29.85
CA VAL C 177 37.75 12.55 -30.66
C VAL C 177 38.79 13.01 -31.66
N GLY C 178 38.34 13.27 -32.89
CA GLY C 178 39.23 13.72 -33.94
C GLY C 178 39.95 12.59 -34.64
N ASP C 179 39.19 11.67 -35.22
CA ASP C 179 39.76 10.58 -35.98
C ASP C 179 38.76 10.14 -37.04
N LEU C 180 39.28 9.74 -38.20
CA LEU C 180 38.42 9.34 -39.30
C LEU C 180 37.72 8.03 -38.98
N VAL C 181 36.39 8.05 -38.97
CA VAL C 181 35.58 6.87 -38.70
C VAL C 181 34.70 6.63 -39.91
N GLU C 182 34.76 5.42 -40.46
CA GLU C 182 33.93 5.07 -41.61
C GLU C 182 32.59 4.61 -41.08
N ILE C 183 31.57 4.62 -41.94
CA ILE C 183 30.24 4.21 -41.52
C ILE C 183 29.55 3.36 -42.58
N LYS C 184 29.51 2.05 -42.35
CA LYS C 184 28.87 1.14 -43.30
C LYS C 184 27.39 0.97 -42.96
N GLY C 185 26.71 0.08 -43.67
CA GLY C 185 25.30 -0.15 -43.43
C GLY C 185 25.10 -1.16 -42.31
N GLY C 186 24.23 -0.82 -41.37
CA GLY C 186 23.97 -1.68 -40.24
C GLY C 186 24.98 -1.61 -39.11
N ASP C 187 25.95 -0.71 -39.19
CA ASP C 187 26.96 -0.54 -38.15
C ASP C 187 26.69 0.76 -37.42
N ARG C 188 26.30 0.65 -36.14
CA ARG C 188 25.99 1.84 -35.35
C ARG C 188 27.25 2.65 -35.10
N VAL C 189 27.13 3.97 -35.22
CA VAL C 189 28.28 4.87 -35.15
C VAL C 189 28.86 4.83 -33.75
N PRO C 190 30.18 4.98 -33.60
CA PRO C 190 30.79 4.91 -32.25
C PRO C 190 30.72 6.21 -31.48
N ALA C 191 30.53 7.35 -32.14
CA ALA C 191 30.48 8.62 -31.45
C ALA C 191 29.86 9.65 -32.39
N ASP C 192 29.48 10.80 -31.81
CA ASP C 192 28.96 11.90 -32.61
C ASP C 192 30.04 12.40 -33.56
N LEU C 193 29.74 12.39 -34.85
CA LEU C 193 30.73 12.76 -35.86
C LEU C 193 30.06 13.57 -36.95
N ARG C 194 30.83 14.49 -37.53
CA ARG C 194 30.40 15.22 -38.71
C ARG C 194 30.94 14.52 -39.95
N ILE C 195 30.06 14.21 -40.88
CA ILE C 195 30.47 13.45 -42.06
C ILE C 195 31.32 14.34 -42.97
N ILE C 196 32.48 13.83 -43.35
CA ILE C 196 33.36 14.57 -44.26
C ILE C 196 33.02 14.27 -45.71
N SER C 197 32.51 13.06 -46.00
CA SER C 197 32.15 12.66 -47.34
C SER C 197 31.07 11.60 -47.24
N ALA C 198 29.91 11.88 -47.83
CA ALA C 198 28.77 10.97 -47.80
C ALA C 198 28.72 10.20 -49.12
N HIS C 199 28.80 8.87 -49.02
CA HIS C 199 28.72 8.01 -50.19
C HIS C 199 27.38 7.28 -50.14
N GLY C 200 26.34 7.96 -50.62
CA GLY C 200 25.02 7.41 -50.81
C GLY C 200 24.48 6.44 -49.77
N CYS C 201 24.56 6.80 -48.49
CA CYS C 201 23.96 5.98 -47.45
C CYS C 201 22.81 6.74 -46.81
N LYS C 202 21.74 6.02 -46.48
CA LYS C 202 20.59 6.59 -45.80
C LYS C 202 20.62 6.14 -44.34
N VAL C 203 20.37 7.08 -43.43
CA VAL C 203 20.39 6.85 -41.99
C VAL C 203 19.00 7.10 -41.44
N ASP C 204 18.59 6.28 -40.48
CA ASP C 204 17.35 6.48 -39.74
C ASP C 204 17.71 6.62 -38.27
N ASN C 205 17.45 7.80 -37.71
CA ASN C 205 17.85 8.11 -36.35
C ASN C 205 17.18 7.19 -35.34
N SER C 206 15.85 7.28 -35.23
CA SER C 206 15.04 6.47 -34.33
C SER C 206 15.50 6.54 -32.88
N SER C 207 16.35 7.51 -32.53
CA SER C 207 16.84 7.63 -31.16
C SER C 207 16.39 8.93 -30.51
N LEU C 208 16.70 10.07 -31.11
CA LEU C 208 16.31 11.37 -30.57
C LEU C 208 15.02 11.89 -31.18
N THR C 209 14.88 11.81 -32.50
CA THR C 209 13.62 12.23 -33.13
C THR C 209 12.52 11.22 -32.87
N GLY C 210 12.81 9.93 -33.02
CA GLY C 210 11.86 8.89 -32.68
C GLY C 210 10.94 8.44 -33.80
N GLU C 211 11.49 8.22 -34.99
CA GLU C 211 10.73 7.67 -36.11
C GLU C 211 11.62 6.70 -36.87
N SER C 212 10.99 5.87 -37.69
CA SER C 212 11.69 4.92 -38.54
C SER C 212 12.00 5.48 -39.92
N GLU C 213 11.65 6.72 -40.19
CA GLU C 213 11.87 7.29 -41.51
C GLU C 213 13.35 7.59 -41.73
N PRO C 214 13.97 7.06 -42.79
CA PRO C 214 15.38 7.33 -43.03
C PRO C 214 15.62 8.77 -43.47
N GLN C 215 16.84 9.23 -43.25
CA GLN C 215 17.26 10.57 -43.61
C GLN C 215 18.53 10.50 -44.47
N THR C 216 18.63 11.41 -45.42
CA THR C 216 19.79 11.46 -46.30
C THR C 216 20.97 12.11 -45.57
N ARG C 217 22.17 11.90 -46.12
CA ARG C 217 23.40 12.44 -45.55
C ARG C 217 24.18 13.20 -46.61
N SER C 218 24.71 14.35 -46.23
CA SER C 218 25.48 15.19 -47.13
C SER C 218 26.31 16.16 -46.30
N PRO C 219 27.55 16.44 -46.69
CA PRO C 219 28.37 17.38 -45.90
C PRO C 219 27.81 18.79 -45.84
N ASP C 220 26.93 19.17 -46.76
CA ASP C 220 26.38 20.52 -46.78
C ASP C 220 25.52 20.77 -45.55
N CYS C 221 25.67 21.95 -44.96
CA CYS C 221 24.89 22.35 -43.80
C CYS C 221 23.53 22.84 -44.28
N THR C 222 22.57 21.90 -44.34
CA THR C 222 21.26 22.24 -44.90
C THR C 222 20.44 23.07 -43.91
N HIS C 223 20.54 22.78 -42.62
CA HIS C 223 19.73 23.44 -41.61
C HIS C 223 20.62 24.03 -40.53
N ASP C 224 20.22 25.20 -40.01
CA ASP C 224 21.03 25.85 -38.97
C ASP C 224 20.98 25.07 -37.66
N ASN C 225 19.89 24.40 -37.37
CA ASN C 225 19.79 23.61 -36.15
C ASN C 225 20.66 22.36 -36.27
N PRO C 226 21.56 22.11 -35.31
CA PRO C 226 22.38 20.90 -35.39
C PRO C 226 21.57 19.61 -35.36
N LEU C 227 20.39 19.62 -34.73
CA LEU C 227 19.56 18.43 -34.72
C LEU C 227 19.07 18.09 -36.13
N GLU C 228 18.66 19.10 -36.90
CA GLU C 228 18.11 18.90 -38.23
C GLU C 228 19.15 19.01 -39.34
N THR C 229 20.40 19.32 -39.00
CA THR C 229 21.43 19.46 -40.02
C THR C 229 21.81 18.08 -40.56
N ARG C 230 22.09 18.02 -41.87
CA ARG C 230 22.32 16.76 -42.56
C ARG C 230 23.79 16.38 -42.63
N ASN C 231 24.69 17.13 -42.01
CA ASN C 231 26.11 16.84 -42.06
C ASN C 231 26.62 16.14 -40.79
N ILE C 232 25.73 15.67 -39.94
CA ILE C 232 26.11 15.01 -38.69
C ILE C 232 25.30 13.73 -38.55
N THR C 233 25.94 12.68 -38.06
CA THR C 233 25.27 11.43 -37.72
C THR C 233 25.30 11.28 -36.21
N PHE C 234 24.12 11.19 -35.61
CA PHE C 234 24.00 11.23 -34.17
C PHE C 234 24.49 9.93 -33.53
N PHE C 235 24.87 10.03 -32.27
CA PHE C 235 25.43 8.89 -31.56
C PHE C 235 24.41 7.76 -31.45
N SER C 236 24.92 6.52 -31.39
CA SER C 236 24.10 5.32 -31.25
C SER C 236 23.10 5.20 -32.38
N THR C 237 23.58 5.37 -33.61
CA THR C 237 22.76 5.26 -34.80
C THR C 237 23.62 4.70 -35.92
N ASN C 238 22.97 4.04 -36.88
CA ASN C 238 23.64 3.43 -38.02
C ASN C 238 23.08 4.00 -39.31
N CYS C 239 23.94 4.38 -40.24
CA CYS C 239 23.47 4.82 -41.55
C CYS C 239 23.04 3.56 -42.29
N VAL C 240 21.72 3.38 -42.42
CA VAL C 240 21.15 2.07 -42.68
C VAL C 240 21.64 1.50 -44.01
N GLU C 241 21.62 2.31 -45.06
CA GLU C 241 21.87 1.81 -46.41
C GLU C 241 23.05 2.53 -47.04
N GLY C 242 24.23 1.92 -46.97
CA GLY C 242 25.42 2.40 -47.63
C GLY C 242 26.58 2.54 -46.66
N THR C 243 27.53 3.39 -47.02
CA THR C 243 28.74 3.58 -46.24
C THR C 243 29.17 5.04 -46.33
N ALA C 244 29.57 5.61 -45.19
CA ALA C 244 30.01 7.00 -45.17
C ALA C 244 31.06 7.18 -44.09
N ARG C 245 31.94 8.16 -44.30
CA ARG C 245 33.04 8.44 -43.38
C ARG C 245 32.89 9.85 -42.82
N GLY C 246 33.47 10.06 -41.64
CA GLY C 246 33.37 11.34 -40.98
C GLY C 246 34.45 11.50 -39.91
N VAL C 247 34.39 12.63 -39.22
CA VAL C 247 35.32 12.99 -38.17
C VAL C 247 34.55 13.15 -36.88
N VAL C 248 34.99 12.45 -35.82
CA VAL C 248 34.33 12.54 -34.53
C VAL C 248 34.52 13.93 -33.95
N VAL C 249 33.43 14.54 -33.47
CA VAL C 249 33.47 15.89 -32.95
C VAL C 249 33.38 15.85 -31.43
N ALA C 250 32.75 14.82 -30.89
CA ALA C 250 32.60 14.68 -29.45
C ALA C 250 32.28 13.23 -29.12
N THR C 251 32.72 12.80 -27.94
CA THR C 251 32.49 11.44 -27.49
C THR C 251 32.52 11.39 -25.97
N GLY C 252 31.96 10.32 -25.42
CA GLY C 252 31.93 10.14 -23.98
C GLY C 252 30.76 10.84 -23.31
N ASP C 253 31.01 11.42 -22.13
CA ASP C 253 29.96 12.15 -21.44
C ASP C 253 29.57 13.42 -22.19
N ARG C 254 30.50 13.99 -22.96
CA ARG C 254 30.19 15.17 -23.76
C ARG C 254 29.51 14.76 -25.06
N THR C 255 28.47 13.94 -24.96
CA THR C 255 27.68 13.46 -26.09
C THR C 255 26.22 13.75 -25.81
N VAL C 256 25.46 14.04 -26.87
CA VAL C 256 24.07 14.47 -26.69
C VAL C 256 23.26 13.38 -26.01
N MET C 257 23.38 12.14 -26.47
CA MET C 257 22.65 11.07 -25.81
C MET C 257 23.34 10.63 -24.52
N GLY C 258 24.66 10.78 -24.44
CA GLY C 258 25.31 10.64 -23.14
C GLY C 258 24.81 11.69 -22.15
N ARG C 259 24.60 12.91 -22.63
CA ARG C 259 24.00 13.94 -21.80
C ARG C 259 22.59 13.55 -21.38
N ILE C 260 21.82 12.96 -22.31
CA ILE C 260 20.47 12.49 -21.97
C ILE C 260 20.54 11.41 -20.90
N ALA C 261 21.48 10.48 -21.03
CA ALA C 261 21.64 9.42 -20.04
C ALA C 261 21.98 9.99 -18.67
N THR C 262 22.92 10.93 -18.63
CA THR C 262 23.29 11.53 -17.35
C THR C 262 22.14 12.32 -16.75
N LEU C 263 21.38 13.02 -17.58
CA LEU C 263 20.22 13.75 -17.07
C LEU C 263 19.17 12.81 -16.51
N ALA C 264 18.92 11.70 -17.20
CA ALA C 264 17.96 10.72 -16.69
C ALA C 264 18.44 10.11 -15.39
N SER C 265 19.74 9.80 -15.30
CA SER C 265 20.28 9.18 -14.09
C SER C 265 20.25 10.14 -12.91
N GLY C 266 20.60 11.41 -13.13
CA GLY C 266 20.63 12.36 -12.03
C GLY C 266 19.28 12.97 -11.72
N LEU C 267 18.29 12.71 -12.59
CA LEU C 267 16.96 13.25 -12.35
C LEU C 267 16.29 12.57 -11.16
N GLU C 268 16.61 11.29 -10.93
CA GLU C 268 16.01 10.47 -9.86
C GLU C 268 14.51 10.40 -10.13
N VAL C 269 13.65 10.45 -9.11
CA VAL C 269 12.22 10.32 -9.29
C VAL C 269 11.51 11.30 -8.37
N GLY C 270 10.24 11.56 -8.66
CA GLY C 270 9.39 12.35 -7.80
C GLY C 270 8.50 11.46 -6.96
N LYS C 271 8.23 11.90 -5.73
CA LYS C 271 7.40 11.12 -4.82
C LYS C 271 6.01 10.93 -5.40
N THR C 272 5.56 9.67 -5.41
CA THR C 272 4.25 9.37 -5.96
C THR C 272 3.15 9.94 -5.06
N PRO C 273 1.98 10.24 -5.64
CA PRO C 273 0.90 10.81 -4.80
C PRO C 273 0.54 9.94 -3.62
N ILE C 274 0.53 8.61 -3.79
CA ILE C 274 0.26 7.74 -2.65
C ILE C 274 1.38 7.84 -1.62
N ALA C 275 2.62 7.99 -2.08
CA ALA C 275 3.72 8.16 -1.13
C ALA C 275 3.57 9.44 -0.34
N ILE C 276 3.18 10.54 -0.99
CA ILE C 276 2.99 11.80 -0.28
C ILE C 276 1.83 11.69 0.71
N GLU C 277 0.72 11.09 0.29
CA GLU C 277 -0.42 10.95 1.20
C GLU C 277 -0.08 10.06 2.39
N ILE C 278 0.63 8.95 2.15
CA ILE C 278 1.03 8.08 3.24
C ILE C 278 2.00 8.79 4.18
N GLU C 279 2.93 9.57 3.63
CA GLU C 279 3.86 10.31 4.47
C GLU C 279 3.11 11.30 5.36
N HIS C 280 2.17 12.04 4.79
CA HIS C 280 1.40 13.00 5.58
C HIS C 280 0.57 12.29 6.65
N PHE C 281 -0.06 11.17 6.29
CA PHE C 281 -0.91 10.45 7.24
C PHE C 281 -0.09 9.87 8.38
N ILE C 282 1.07 9.27 8.08
CA ILE C 282 1.94 8.75 9.12
C ILE C 282 2.45 9.89 10.00
N GLN C 283 2.80 11.03 9.39
CA GLN C 283 3.24 12.17 10.20
C GLN C 283 2.15 12.59 11.17
N LEU C 284 0.91 12.70 10.68
CA LEU C 284 -0.19 13.13 11.55
C LEU C 284 -0.43 12.14 12.68
N ILE C 285 -0.52 10.85 12.35
CA ILE C 285 -0.82 9.85 13.37
C ILE C 285 0.31 9.72 14.38
N THR C 286 1.56 9.76 13.90
CA THR C 286 2.69 9.70 14.82
C THR C 286 2.74 10.92 15.72
N GLY C 287 2.42 12.11 15.18
CA GLY C 287 2.37 13.29 16.02
C GLY C 287 1.30 13.19 17.09
N VAL C 288 0.11 12.74 16.72
CA VAL C 288 -0.95 12.56 17.70
C VAL C 288 -0.53 11.54 18.75
N ALA C 289 0.07 10.44 18.31
CA ALA C 289 0.47 9.38 19.24
C ALA C 289 1.51 9.87 20.23
N VAL C 290 2.54 10.57 19.74
CA VAL C 290 3.60 11.03 20.63
C VAL C 290 3.08 12.12 21.56
N PHE C 291 2.18 12.99 21.07
CA PHE C 291 1.61 14.03 21.91
C PHE C 291 0.81 13.43 23.05
N LEU C 292 -0.11 12.51 22.72
CA LEU C 292 -0.92 11.88 23.76
C LEU C 292 -0.05 11.06 24.71
N GLY C 293 0.96 10.37 24.16
CA GLY C 293 1.82 9.56 25.00
C GLY C 293 2.60 10.38 26.01
N VAL C 294 3.21 11.48 25.55
CA VAL C 294 3.98 12.31 26.48
C VAL C 294 3.05 13.00 27.48
N SER C 295 1.87 13.42 27.01
CA SER C 295 0.93 14.08 27.92
C SER C 295 0.50 13.14 29.04
N PHE C 296 0.07 11.94 28.71
CA PHE C 296 -0.37 11.04 29.76
C PHE C 296 0.80 10.41 30.52
N PHE C 297 2.00 10.38 29.94
CA PHE C 297 3.17 9.95 30.70
C PHE C 297 3.51 10.96 31.79
N ILE C 298 3.51 12.24 31.46
CA ILE C 298 3.76 13.23 32.51
C ILE C 298 2.58 13.27 33.48
N LEU C 299 1.37 12.99 33.02
CA LEU C 299 0.24 12.89 33.94
C LEU C 299 0.44 11.74 34.93
N SER C 300 0.90 10.59 34.44
CA SER C 300 1.17 9.46 35.33
C SER C 300 2.30 9.77 36.30
N LEU C 301 3.35 10.44 35.81
CA LEU C 301 4.45 10.82 36.69
C LEU C 301 3.98 11.77 37.79
N ILE C 302 3.11 12.72 37.42
CA ILE C 302 2.54 13.63 38.42
C ILE C 302 1.71 12.85 39.42
N LEU C 303 0.91 11.88 38.94
CA LEU C 303 0.09 11.07 39.82
C LEU C 303 0.91 10.27 40.83
N GLY C 304 2.17 10.00 40.52
CA GLY C 304 3.04 9.34 41.48
C GLY C 304 3.25 7.86 41.25
N TYR C 305 3.40 7.48 39.98
CA TYR C 305 3.67 6.09 39.63
C TYR C 305 5.16 5.82 39.71
N THR C 306 5.51 4.57 40.01
CA THR C 306 6.90 4.17 39.96
C THR C 306 7.39 4.12 38.52
N TRP C 307 8.70 3.99 38.35
CA TRP C 307 9.27 4.00 37.01
C TRP C 307 8.76 2.83 36.18
N LEU C 308 8.66 1.65 36.78
CA LEU C 308 8.15 0.49 36.05
C LEU C 308 6.72 0.70 35.59
N GLU C 309 5.87 1.22 36.47
CA GLU C 309 4.49 1.50 36.10
C GLU C 309 4.43 2.54 34.98
N ALA C 310 5.24 3.59 35.08
CA ALA C 310 5.23 4.63 34.06
C ALA C 310 5.67 4.08 32.71
N VAL C 311 6.73 3.28 32.68
CA VAL C 311 7.23 2.78 31.41
C VAL C 311 6.26 1.78 30.81
N ILE C 312 5.63 0.93 31.63
CA ILE C 312 4.68 -0.03 31.07
C ILE C 312 3.44 0.69 30.55
N PHE C 313 3.01 1.75 31.23
CA PHE C 313 1.89 2.54 30.73
C PHE C 313 2.25 3.22 29.41
N LEU C 314 3.46 3.76 29.31
CA LEU C 314 3.90 4.39 28.07
C LEU C 314 3.96 3.38 26.94
N ILE C 315 4.47 2.18 27.22
CA ILE C 315 4.49 1.12 26.20
C ILE C 315 3.07 0.79 25.76
N GLY C 316 2.15 0.68 26.71
CA GLY C 316 0.77 0.40 26.34
C GLY C 316 0.19 1.47 25.43
N ILE C 317 0.40 2.74 25.78
CA ILE C 317 -0.10 3.84 24.97
C ILE C 317 0.50 3.80 23.57
N ILE C 318 1.82 3.59 23.50
CA ILE C 318 2.51 3.60 22.21
C ILE C 318 2.02 2.47 21.33
N VAL C 319 1.87 1.27 21.88
CA VAL C 319 1.47 0.14 21.05
C VAL C 319 -0.01 0.20 20.72
N ALA C 320 -0.82 0.84 21.56
CA ALA C 320 -2.25 0.92 21.28
C ALA C 320 -2.56 1.98 20.24
N ASN C 321 -2.09 3.21 20.46
CA ASN C 321 -2.46 4.31 19.58
C ASN C 321 -1.88 4.12 18.19
N VAL C 322 -0.65 3.61 18.11
CA VAL C 322 0.00 3.39 16.82
C VAL C 322 -0.55 2.15 16.14
N PRO C 323 -1.10 2.27 14.94
CA PRO C 323 -1.61 1.10 14.19
C PRO C 323 -0.49 0.38 13.43
N GLU C 324 0.20 -0.52 14.12
CA GLU C 324 1.32 -1.23 13.54
C GLU C 324 0.89 -2.07 12.34
N GLY C 325 -0.26 -2.72 12.41
CA GLY C 325 -0.74 -3.51 11.30
C GLY C 325 -1.52 -2.70 10.29
N LEU C 326 -0.97 -1.57 9.87
CA LEU C 326 -1.63 -0.71 8.90
C LEU C 326 -0.81 -0.50 7.63
N LEU C 327 0.48 -0.18 7.77
CA LEU C 327 1.32 -0.08 6.58
C LEU C 327 1.53 -1.42 5.89
N ALA C 328 1.19 -2.52 6.55
CA ALA C 328 1.15 -3.82 5.90
C ALA C 328 -0.19 -4.10 5.24
N THR C 329 -1.15 -3.20 5.35
CA THR C 329 -2.44 -3.33 4.67
C THR C 329 -2.44 -2.66 3.32
N VAL C 330 -1.96 -1.42 3.25
CA VAL C 330 -1.91 -0.70 1.99
C VAL C 330 -1.01 -1.41 0.99
N THR C 331 0.08 -2.00 1.46
CA THR C 331 0.98 -2.72 0.57
C THR C 331 0.28 -3.90 -0.09
N VAL C 332 -0.47 -4.68 0.70
CA VAL C 332 -1.18 -5.82 0.12
C VAL C 332 -2.34 -5.34 -0.75
N CYS C 333 -2.96 -4.21 -0.42
CA CYS C 333 -3.98 -3.66 -1.30
C CYS C 333 -3.41 -3.33 -2.67
N LEU C 334 -2.25 -2.67 -2.68
CA LEU C 334 -1.60 -2.35 -3.95
C LEU C 334 -1.15 -3.63 -4.67
N THR C 335 -0.70 -4.63 -3.93
CA THR C 335 -0.30 -5.89 -4.57
C THR C 335 -1.50 -6.59 -5.20
N LEU C 336 -2.65 -6.55 -4.53
CA LEU C 336 -3.86 -7.13 -5.11
C LEU C 336 -4.31 -6.34 -6.34
N THR C 337 -4.13 -5.02 -6.30
CA THR C 337 -4.38 -4.20 -7.49
C THR C 337 -3.50 -4.64 -8.65
N ALA C 338 -2.20 -4.85 -8.37
CA ALA C 338 -1.28 -5.30 -9.41
C ALA C 338 -1.68 -6.67 -9.94
N LYS C 339 -2.06 -7.58 -9.04
CA LYS C 339 -2.47 -8.91 -9.48
C LYS C 339 -3.71 -8.85 -10.35
N ARG C 340 -4.69 -8.02 -9.97
CA ARG C 340 -5.91 -7.90 -10.77
C ARG C 340 -5.61 -7.31 -12.15
N MET C 341 -4.78 -6.26 -12.20
CA MET C 341 -4.54 -5.59 -13.46
C MET C 341 -3.54 -6.34 -14.33
N ALA C 342 -2.77 -7.27 -13.76
CA ALA C 342 -1.85 -8.07 -14.55
C ALA C 342 -2.58 -9.06 -15.45
N ARG C 343 -3.83 -9.40 -15.13
CA ARG C 343 -4.63 -10.22 -16.01
C ARG C 343 -4.97 -9.51 -17.32
N LYS C 344 -4.80 -8.19 -17.38
CA LYS C 344 -4.87 -7.42 -18.61
C LYS C 344 -3.48 -7.09 -19.16
N ASN C 345 -2.44 -7.76 -18.66
CA ASN C 345 -1.07 -7.60 -19.13
C ASN C 345 -0.59 -6.16 -18.96
N CYS C 346 -0.52 -5.72 -17.71
CA CYS C 346 0.07 -4.45 -17.33
C CYS C 346 1.14 -4.77 -16.29
N LEU C 347 2.35 -5.06 -16.76
CA LEU C 347 3.45 -5.46 -15.87
C LEU C 347 3.86 -4.25 -15.05
N VAL C 348 3.43 -4.22 -13.79
CA VAL C 348 3.69 -3.11 -12.89
C VAL C 348 5.05 -3.33 -12.24
N LYS C 349 5.94 -2.34 -12.37
CA LYS C 349 7.27 -2.43 -11.78
C LYS C 349 7.30 -1.78 -10.39
N ASN C 350 6.91 -0.51 -10.31
CA ASN C 350 6.81 0.18 -9.03
C ASN C 350 5.40 -0.02 -8.47
N LEU C 351 5.31 -0.58 -7.27
CA LEU C 351 4.01 -0.93 -6.71
C LEU C 351 3.14 0.29 -6.48
N GLU C 352 3.74 1.45 -6.22
CA GLU C 352 2.96 2.65 -5.97
C GLU C 352 2.29 3.18 -7.23
N ALA C 353 2.83 2.86 -8.41
CA ALA C 353 2.35 3.46 -9.65
C ALA C 353 0.87 3.16 -9.89
N VAL C 354 0.38 2.02 -9.40
CA VAL C 354 -1.02 1.65 -9.62
C VAL C 354 -1.95 2.72 -9.08
N GLU C 355 -1.51 3.46 -8.07
CA GLU C 355 -2.34 4.53 -7.53
C GLU C 355 -2.21 5.78 -8.39
N THR C 356 -0.99 6.08 -8.84
CA THR C 356 -0.74 7.36 -9.51
C THR C 356 -1.58 7.49 -10.77
N LEU C 357 -1.71 6.40 -11.54
CA LEU C 357 -2.49 6.45 -12.77
C LEU C 357 -3.93 6.87 -12.52
N GLY C 358 -4.43 6.69 -11.30
CA GLY C 358 -5.75 7.20 -10.98
C GLY C 358 -5.83 8.72 -11.03
N SER C 359 -4.85 9.39 -10.41
CA SER C 359 -4.90 10.85 -10.33
C SER C 359 -4.77 11.50 -11.71
N THR C 360 -3.57 11.45 -12.29
CA THR C 360 -3.29 11.87 -13.66
C THR C 360 -4.07 13.11 -14.07
N SER C 361 -3.78 14.23 -13.40
CA SER C 361 -4.41 15.49 -13.76
C SER C 361 -4.22 15.81 -15.23
N THR C 362 -3.06 15.46 -15.78
CA THR C 362 -2.81 15.57 -17.21
C THR C 362 -2.08 14.32 -17.68
N ILE C 363 -2.20 14.03 -18.97
CA ILE C 363 -1.55 12.86 -19.57
C ILE C 363 -0.75 13.33 -20.78
N CYS C 364 0.56 13.09 -20.75
CA CYS C 364 1.42 13.35 -21.90
C CYS C 364 1.51 12.12 -22.77
N SER C 365 1.46 12.32 -24.09
CA SER C 365 1.44 11.21 -25.04
C SER C 365 2.56 11.38 -26.06
N ASP C 366 2.86 10.28 -26.75
CA ASP C 366 3.84 10.26 -27.83
C ASP C 366 3.13 10.01 -29.16
N LYS C 367 3.85 10.30 -30.24
CA LYS C 367 3.29 10.19 -31.59
C LYS C 367 3.44 8.77 -32.14
N THR C 368 4.68 8.30 -32.25
CA THR C 368 4.96 7.02 -32.88
C THR C 368 4.88 5.90 -31.86
N GLY C 369 4.15 4.84 -32.20
CA GLY C 369 4.06 3.68 -31.35
C GLY C 369 2.89 3.71 -30.38
N THR C 370 2.84 4.73 -29.52
CA THR C 370 1.77 4.80 -28.53
C THR C 370 0.41 4.99 -29.19
N LEU C 371 0.33 5.88 -30.17
CA LEU C 371 -0.93 6.17 -30.84
C LEU C 371 -1.03 5.55 -32.23
N THR C 372 0.06 5.10 -32.80
CA THR C 372 0.08 4.51 -34.13
C THR C 372 0.56 3.06 -34.06
N GLN C 373 0.74 2.46 -35.22
CA GLN C 373 1.30 1.13 -35.33
C GLN C 373 2.79 1.14 -35.65
N ASN C 374 3.41 2.32 -35.68
CA ASN C 374 4.84 2.54 -35.90
C ASN C 374 5.28 2.25 -37.33
N ARG C 375 4.39 1.76 -38.19
CA ARG C 375 4.70 1.55 -39.60
C ARG C 375 3.62 2.18 -40.46
N MET C 376 4.03 2.65 -41.64
CA MET C 376 3.11 3.29 -42.55
C MET C 376 2.28 2.26 -43.30
N THR C 377 0.98 2.55 -43.47
CA THR C 377 0.07 1.73 -44.26
C THR C 377 -0.89 2.64 -44.99
N VAL C 378 -1.58 2.07 -45.97
CA VAL C 378 -2.50 2.82 -46.81
C VAL C 378 -3.74 3.18 -46.01
N ALA C 379 -4.16 4.44 -46.11
CA ALA C 379 -5.32 4.93 -45.39
C ALA C 379 -6.40 5.54 -46.29
N HIS C 380 -6.03 6.17 -47.40
CA HIS C 380 -6.99 6.81 -48.28
C HIS C 380 -6.60 6.54 -49.72
N MET C 381 -7.58 6.67 -50.61
CA MET C 381 -7.34 6.53 -52.04
C MET C 381 -8.41 7.30 -52.79
N TRP C 382 -8.14 7.55 -54.07
CA TRP C 382 -9.05 8.34 -54.89
C TRP C 382 -9.11 7.78 -56.30
N PHE C 383 -10.33 7.53 -56.78
CA PHE C 383 -10.54 7.13 -58.16
C PHE C 383 -12.02 7.31 -58.50
N ASP C 384 -12.30 7.37 -59.81
CA ASP C 384 -13.64 7.66 -60.32
C ASP C 384 -14.17 8.98 -59.78
N ASN C 385 -13.27 9.95 -59.59
CA ASN C 385 -13.61 11.23 -58.97
C ASN C 385 -14.29 11.03 -57.63
N GLN C 386 -13.80 10.05 -56.86
CA GLN C 386 -14.40 9.70 -55.59
C GLN C 386 -13.33 9.29 -54.61
N ILE C 387 -13.50 9.69 -53.35
CA ILE C 387 -12.56 9.37 -52.28
C ILE C 387 -13.04 8.12 -51.56
N HIS C 388 -12.12 7.18 -51.35
CA HIS C 388 -12.42 5.92 -50.68
C HIS C 388 -11.47 5.74 -49.50
N GLU C 389 -12.04 5.38 -48.35
CA GLU C 389 -11.28 5.24 -47.12
C GLU C 389 -10.81 3.80 -46.97
N ALA C 390 -9.50 3.60 -47.01
CA ALA C 390 -8.95 2.29 -46.71
C ALA C 390 -9.22 1.94 -45.25
N ASP C 391 -9.67 0.71 -45.00
CA ASP C 391 -10.12 0.31 -43.68
C ASP C 391 -9.00 -0.38 -42.93
N THR C 392 -8.68 0.14 -41.74
CA THR C 392 -7.75 -0.57 -40.86
C THR C 392 -8.34 -1.88 -40.36
N THR C 393 -9.67 -1.96 -40.26
CA THR C 393 -10.31 -3.19 -39.86
C THR C 393 -10.13 -4.25 -40.94
N GLU C 394 -9.88 -5.48 -40.52
CA GLU C 394 -9.52 -6.54 -41.46
C GLU C 394 -10.70 -7.01 -42.30
N ASP C 395 -11.93 -6.84 -41.80
CA ASP C 395 -13.11 -7.33 -42.50
C ASP C 395 -13.74 -6.28 -43.42
N GLN C 396 -13.10 -5.11 -43.57
CA GLN C 396 -13.62 -4.01 -44.39
C GLN C 396 -14.99 -3.56 -43.88
N SER C 397 -15.03 -3.19 -42.61
CA SER C 397 -16.28 -2.78 -41.98
C SER C 397 -16.78 -1.48 -42.59
N GLY C 398 -18.09 -1.36 -42.72
CA GLY C 398 -18.70 -0.15 -43.25
C GLY C 398 -18.55 0.05 -44.73
N THR C 399 -18.54 -1.04 -45.51
CA THR C 399 -18.43 -1.04 -46.98
C THR C 399 -17.47 0.04 -47.48
N SER C 400 -16.20 -0.11 -47.07
CA SER C 400 -15.21 0.93 -47.29
C SER C 400 -15.03 1.23 -48.78
N PHE C 401 -14.93 0.20 -49.61
CA PHE C 401 -14.77 0.42 -51.04
C PHE C 401 -15.19 -0.83 -51.79
N ASP C 402 -15.51 -0.63 -53.07
CA ASP C 402 -15.90 -1.73 -53.94
C ASP C 402 -14.70 -2.60 -54.28
N LYS C 403 -14.97 -3.86 -54.59
CA LYS C 403 -13.93 -4.81 -54.94
C LYS C 403 -14.10 -5.43 -56.32
N SER C 404 -15.24 -5.25 -56.97
CA SER C 404 -15.48 -5.80 -58.29
C SER C 404 -15.29 -4.78 -59.42
N SER C 405 -15.05 -3.52 -59.09
CA SER C 405 -14.85 -2.51 -60.12
C SER C 405 -13.55 -2.75 -60.87
N HIS C 406 -13.60 -2.58 -62.19
CA HIS C 406 -12.40 -2.79 -63.01
C HIS C 406 -11.32 -1.77 -62.68
N THR C 407 -11.72 -0.52 -62.41
CA THR C 407 -10.74 0.50 -62.06
C THR C 407 -10.03 0.17 -60.75
N TRP C 408 -10.76 -0.38 -59.77
CA TRP C 408 -10.14 -0.73 -58.49
C TRP C 408 -9.15 -1.88 -58.66
N VAL C 409 -9.53 -2.92 -59.39
CA VAL C 409 -8.63 -4.05 -59.56
C VAL C 409 -7.41 -3.63 -60.38
N ALA C 410 -7.60 -2.73 -61.35
CA ALA C 410 -6.47 -2.19 -62.10
C ALA C 410 -5.54 -1.41 -61.18
N LEU C 411 -6.11 -0.60 -60.28
CA LEU C 411 -5.30 0.16 -59.35
C LEU C 411 -4.52 -0.78 -58.43
N SER C 412 -5.15 -1.89 -58.03
CA SER C 412 -4.45 -2.89 -57.23
C SER C 412 -3.29 -3.50 -58.02
N HIS C 413 -3.52 -3.83 -59.29
CA HIS C 413 -2.42 -4.28 -60.15
C HIS C 413 -1.28 -3.29 -60.12
N ILE C 414 -1.60 -2.00 -60.28
CA ILE C 414 -0.57 -0.99 -60.41
C ILE C 414 0.21 -0.84 -59.12
N ALA C 415 -0.49 -0.80 -57.98
CA ALA C 415 0.21 -0.67 -56.71
C ALA C 415 1.06 -1.89 -56.43
N GLY C 416 0.60 -3.09 -56.79
CA GLY C 416 1.37 -4.29 -56.58
C GLY C 416 2.63 -4.37 -57.42
N LEU C 417 2.53 -4.01 -58.70
CA LEU C 417 3.65 -4.21 -59.62
C LEU C 417 4.81 -3.29 -59.30
N CYS C 418 4.53 -2.05 -58.89
CA CYS C 418 5.59 -1.05 -58.73
C CYS C 418 6.45 -1.28 -57.48
N ASN C 419 6.07 -2.19 -56.60
CA ASN C 419 6.85 -2.43 -55.38
C ASN C 419 8.21 -3.01 -55.72
N ARG C 420 9.20 -2.63 -54.91
CA ARG C 420 10.56 -3.17 -54.98
C ARG C 420 10.95 -3.81 -53.65
N ALA C 421 9.98 -4.47 -53.01
CA ALA C 421 10.20 -5.21 -51.78
C ALA C 421 9.52 -6.56 -51.89
N VAL C 422 10.03 -7.55 -51.16
CA VAL C 422 9.54 -8.91 -51.22
C VAL C 422 9.32 -9.42 -49.80
N PHE C 423 8.17 -10.02 -49.55
CA PHE C 423 7.91 -10.67 -48.27
C PHE C 423 8.89 -11.81 -48.04
N LYS C 424 9.21 -12.04 -46.77
CA LYS C 424 10.05 -13.17 -46.40
C LYS C 424 9.28 -14.47 -46.61
N GLY C 425 9.99 -15.48 -47.14
CA GLY C 425 9.35 -16.74 -47.43
C GLY C 425 9.00 -17.52 -46.17
N GLY C 426 7.88 -18.24 -46.25
CA GLY C 426 7.48 -19.09 -45.15
C GLY C 426 6.99 -18.38 -43.91
N GLN C 427 6.54 -17.13 -44.03
CA GLN C 427 6.05 -16.36 -42.90
C GLN C 427 4.54 -16.20 -42.92
N ASP C 428 3.83 -17.15 -43.54
CA ASP C 428 2.38 -17.08 -43.64
C ASP C 428 1.68 -17.31 -42.31
N ASN C 429 2.40 -17.74 -41.28
CA ASN C 429 1.81 -18.00 -39.97
C ASN C 429 1.46 -16.73 -39.20
N ILE C 430 1.75 -15.56 -39.75
CA ILE C 430 1.48 -14.29 -39.07
C ILE C 430 0.52 -13.48 -39.94
N PRO C 431 -0.41 -12.73 -39.35
CA PRO C 431 -1.30 -11.88 -40.16
C PRO C 431 -0.50 -10.88 -40.99
N VAL C 432 -1.01 -10.60 -42.18
CA VAL C 432 -0.25 -9.86 -43.19
C VAL C 432 0.13 -8.47 -42.71
N LEU C 433 -0.63 -7.90 -41.78
CA LEU C 433 -0.31 -6.59 -41.26
C LEU C 433 0.83 -6.61 -40.26
N LYS C 434 1.29 -7.80 -39.83
CA LYS C 434 2.35 -7.92 -38.84
C LYS C 434 3.56 -8.70 -39.35
N ARG C 435 3.74 -8.79 -40.67
CA ARG C 435 4.85 -9.53 -41.25
C ARG C 435 5.92 -8.54 -41.71
N ASP C 436 7.14 -8.74 -41.24
CA ASP C 436 8.25 -7.86 -41.62
C ASP C 436 8.66 -8.10 -43.07
N VAL C 437 8.87 -7.01 -43.79
CA VAL C 437 9.29 -7.05 -45.19
C VAL C 437 10.47 -6.10 -45.36
N ALA C 438 11.47 -6.55 -46.12
CA ALA C 438 12.68 -5.78 -46.33
C ALA C 438 12.50 -4.87 -47.55
N GLY C 439 12.73 -3.58 -47.35
CA GLY C 439 12.61 -2.61 -48.41
C GLY C 439 12.18 -1.27 -47.86
N ASP C 440 11.84 -0.36 -48.78
CA ASP C 440 11.40 0.97 -48.40
C ASP C 440 10.06 0.90 -47.67
N ALA C 441 9.84 1.87 -46.77
CA ALA C 441 8.59 1.91 -46.02
C ALA C 441 7.38 2.18 -46.91
N SER C 442 7.54 3.06 -47.90
CA SER C 442 6.43 3.40 -48.79
C SER C 442 5.98 2.20 -49.61
N GLU C 443 6.92 1.55 -50.28
CA GLU C 443 6.60 0.37 -51.06
C GLU C 443 6.12 -0.77 -50.17
N SER C 444 6.65 -0.86 -48.95
CA SER C 444 6.16 -1.85 -48.00
C SER C 444 4.69 -1.61 -47.67
N ALA C 445 4.32 -0.35 -47.44
CA ALA C 445 2.92 -0.04 -47.16
C ALA C 445 2.03 -0.38 -48.34
N LEU C 446 2.47 -0.02 -49.55
CA LEU C 446 1.67 -0.31 -50.73
C LEU C 446 1.48 -1.81 -50.91
N LEU C 447 2.55 -2.58 -50.75
CA LEU C 447 2.47 -4.02 -50.96
C LEU C 447 1.65 -4.69 -49.86
N LYS C 448 1.74 -4.20 -48.63
CA LYS C 448 0.89 -4.72 -47.55
C LYS C 448 -0.58 -4.45 -47.85
N CYS C 449 -0.90 -3.25 -48.33
CA CYS C 449 -2.29 -2.95 -48.67
C CYS C 449 -2.79 -3.87 -49.78
N ILE C 450 -1.96 -4.09 -50.80
CA ILE C 450 -2.38 -4.96 -51.90
C ILE C 450 -2.54 -6.40 -51.42
N GLU C 451 -1.65 -6.87 -50.55
CA GLU C 451 -1.78 -8.22 -50.02
C GLU C 451 -3.05 -8.37 -49.20
N LEU C 452 -3.36 -7.37 -48.37
CA LEU C 452 -4.59 -7.43 -47.57
C LEU C 452 -5.83 -7.37 -48.44
N SER C 453 -5.78 -6.61 -49.54
CA SER C 453 -6.97 -6.43 -50.36
C SER C 453 -7.19 -7.60 -51.32
N SER C 454 -6.24 -7.85 -52.21
CA SER C 454 -6.43 -8.85 -53.26
C SER C 454 -6.05 -10.26 -52.76
N GLY C 455 -4.80 -10.45 -52.35
CA GLY C 455 -4.35 -11.75 -51.91
C GLY C 455 -2.85 -11.93 -51.96
N SER C 456 -2.40 -13.10 -52.44
CA SER C 456 -0.97 -13.42 -52.48
C SER C 456 -0.28 -12.56 -53.52
N VAL C 457 0.54 -11.61 -53.05
CA VAL C 457 1.25 -10.72 -53.97
C VAL C 457 2.35 -11.48 -54.72
N LYS C 458 2.94 -12.50 -54.10
CA LYS C 458 4.04 -13.22 -54.76
C LYS C 458 3.54 -13.94 -56.01
N LEU C 459 2.40 -14.60 -55.93
CA LEU C 459 1.81 -15.22 -57.11
C LEU C 459 1.48 -14.17 -58.16
N MET C 460 1.00 -13.01 -57.72
CA MET C 460 0.72 -11.90 -58.63
C MET C 460 1.98 -11.48 -59.40
N ARG C 461 3.10 -11.35 -58.69
CA ARG C 461 4.33 -10.94 -59.34
C ARG C 461 4.87 -12.04 -60.24
N GLU C 462 4.63 -13.30 -59.86
CA GLU C 462 5.02 -14.42 -60.71
C GLU C 462 4.24 -14.41 -62.02
N ARG C 463 2.95 -14.09 -61.96
CA ARG C 463 2.13 -14.09 -63.16
C ARG C 463 2.62 -13.06 -64.17
N ASN C 464 2.95 -11.85 -63.70
CA ASN C 464 3.37 -10.75 -64.57
C ASN C 464 4.89 -10.66 -64.53
N LYS C 465 5.54 -11.21 -65.55
CA LYS C 465 6.99 -11.22 -65.60
C LYS C 465 7.53 -9.83 -65.93
N LYS C 466 8.64 -9.47 -65.29
CA LYS C 466 9.30 -8.19 -65.53
C LYS C 466 10.31 -8.32 -66.67
N VAL C 467 10.29 -7.34 -67.57
CA VAL C 467 11.24 -7.33 -68.68
C VAL C 467 12.07 -6.05 -68.75
N ALA C 468 11.60 -4.95 -68.19
CA ALA C 468 12.37 -3.71 -68.18
C ALA C 468 11.88 -2.83 -67.04
N GLU C 469 12.81 -2.06 -66.46
CA GLU C 469 12.49 -1.22 -65.32
C GLU C 469 13.44 -0.02 -65.31
N ILE C 470 13.03 1.01 -64.59
CA ILE C 470 13.82 2.23 -64.42
C ILE C 470 13.96 2.49 -62.93
N PRO C 471 15.16 2.75 -62.41
CA PRO C 471 15.32 2.97 -60.97
C PRO C 471 14.62 4.23 -60.50
N PHE C 472 14.21 4.22 -59.24
CA PHE C 472 13.56 5.35 -58.60
C PHE C 472 14.58 6.15 -57.80
N ASN C 473 14.56 7.48 -57.95
CA ASN C 473 15.51 8.34 -57.26
C ASN C 473 14.90 9.72 -57.09
N SER C 474 15.51 10.50 -56.20
CA SER C 474 15.04 11.86 -55.94
C SER C 474 15.17 12.73 -57.18
N THR C 475 16.25 12.56 -57.93
CA THR C 475 16.44 13.34 -59.16
C THR C 475 15.40 12.99 -60.22
N ASN C 476 14.76 11.84 -60.12
CA ASN C 476 13.72 11.44 -61.06
C ASN C 476 12.32 11.70 -60.53
N LYS C 477 12.04 11.28 -59.29
CA LYS C 477 10.72 11.39 -58.66
C LYS C 477 9.67 10.55 -59.40
N TYR C 478 10.10 9.54 -60.13
CA TYR C 478 9.19 8.60 -60.78
C TYR C 478 9.94 7.30 -61.05
N GLN C 479 9.19 6.20 -61.02
CA GLN C 479 9.72 4.90 -61.40
C GLN C 479 8.73 4.22 -62.34
N LEU C 480 9.27 3.42 -63.27
CA LEU C 480 8.45 2.73 -64.24
C LEU C 480 8.99 1.31 -64.44
N SER C 481 8.08 0.41 -64.76
CA SER C 481 8.43 -0.99 -64.99
C SER C 481 7.52 -1.57 -66.07
N ILE C 482 8.07 -2.42 -66.93
CA ILE C 482 7.33 -2.99 -68.05
C ILE C 482 7.04 -4.45 -67.73
N HIS C 483 5.76 -4.82 -67.78
CA HIS C 483 5.30 -6.16 -67.48
C HIS C 483 4.35 -6.63 -68.59
N GLU C 484 3.81 -7.83 -68.42
CA GLU C 484 2.87 -8.42 -69.35
C GLU C 484 1.45 -8.31 -68.82
N THR C 485 0.51 -8.89 -69.56
CA THR C 485 -0.88 -8.95 -69.12
C THR C 485 -1.13 -10.19 -68.28
N GLU C 486 -2.21 -10.15 -67.50
CA GLU C 486 -2.55 -11.29 -66.65
C GLU C 486 -2.95 -12.50 -67.48
N ASP C 487 -3.77 -12.30 -68.50
CA ASP C 487 -4.12 -13.41 -69.37
C ASP C 487 -2.93 -13.76 -70.27
N PRO C 488 -2.62 -15.06 -70.41
CA PRO C 488 -1.47 -15.44 -71.25
C PRO C 488 -1.59 -14.99 -72.70
N ASN C 489 -2.81 -14.94 -73.24
CA ASN C 489 -3.01 -14.54 -74.62
C ASN C 489 -2.97 -13.02 -74.75
N ASP C 490 -2.38 -12.54 -75.84
CA ASP C 490 -2.26 -11.11 -76.13
C ASP C 490 -1.54 -10.39 -74.98
N ASN C 491 -0.29 -10.78 -74.76
CA ASN C 491 0.51 -10.21 -73.68
C ASN C 491 1.00 -8.83 -74.10
N ARG C 492 0.07 -7.87 -74.06
CA ARG C 492 0.42 -6.49 -74.37
C ARG C 492 1.32 -5.93 -73.27
N TYR C 493 2.33 -5.17 -73.67
CA TYR C 493 3.35 -4.70 -72.74
C TYR C 493 2.80 -3.50 -71.97
N LEU C 494 2.61 -3.68 -70.66
CA LEU C 494 2.07 -2.64 -69.80
C LEU C 494 3.21 -1.95 -69.06
N LEU C 495 3.34 -0.65 -69.25
CA LEU C 495 4.33 0.16 -68.55
C LEU C 495 3.64 0.81 -67.36
N VAL C 496 3.96 0.34 -66.15
CA VAL C 496 3.43 0.85 -64.90
C VAL C 496 4.36 1.95 -64.40
N MET C 497 3.79 2.96 -63.74
CA MET C 497 4.51 4.17 -63.37
C MET C 497 3.99 4.66 -62.03
N LYS C 498 4.91 5.04 -61.14
CA LYS C 498 4.57 5.56 -59.83
C LYS C 498 5.42 6.79 -59.53
N GLY C 499 4.80 7.83 -59.02
CA GLY C 499 5.56 9.03 -58.72
C GLY C 499 4.77 10.04 -57.91
N ALA C 500 5.25 11.27 -57.94
CA ALA C 500 4.51 12.37 -57.33
C ALA C 500 3.26 12.68 -58.15
N PRO C 501 2.17 13.09 -57.50
CA PRO C 501 0.93 13.34 -58.25
C PRO C 501 1.07 14.40 -59.34
N GLU C 502 1.83 15.46 -59.09
CA GLU C 502 1.91 16.55 -60.06
C GLU C 502 2.61 16.11 -61.34
N ARG C 503 3.72 15.36 -61.21
CA ARG C 503 4.44 14.91 -62.39
C ARG C 503 3.59 13.95 -63.23
N ILE C 504 2.92 13.01 -62.56
CA ILE C 504 2.09 12.06 -63.30
C ILE C 504 0.92 12.77 -63.96
N LEU C 505 0.34 13.76 -63.28
CA LEU C 505 -0.72 14.54 -63.90
C LEU C 505 -0.22 15.28 -65.14
N ASP C 506 0.98 15.87 -65.05
CA ASP C 506 1.54 16.56 -66.19
C ASP C 506 1.78 15.61 -67.35
N ARG C 507 2.28 14.40 -67.07
CA ARG C 507 2.53 13.42 -68.11
C ARG C 507 1.27 12.70 -68.58
N CYS C 508 0.14 12.91 -67.91
CA CYS C 508 -1.09 12.20 -68.22
C CYS C 508 -1.82 12.84 -69.39
N SER C 509 -2.65 12.04 -70.06
CA SER C 509 -3.50 12.51 -71.14
C SER C 509 -4.94 11.99 -71.06
N THR C 510 -5.19 10.87 -70.39
CA THR C 510 -6.55 10.33 -70.26
C THR C 510 -6.72 9.75 -68.86
N ILE C 511 -7.98 9.62 -68.46
CA ILE C 511 -8.35 9.13 -67.13
C ILE C 511 -9.13 7.83 -67.27
N LEU C 512 -8.83 6.88 -66.39
CA LEU C 512 -9.48 5.57 -66.41
C LEU C 512 -10.56 5.53 -65.34
N LEU C 513 -11.81 5.40 -65.79
CA LEU C 513 -12.96 5.31 -64.90
C LEU C 513 -13.75 4.05 -65.24
N GLN C 514 -13.90 3.16 -64.26
CA GLN C 514 -14.70 1.94 -64.40
C GLN C 514 -14.28 1.13 -65.62
N GLY C 515 -12.98 1.11 -65.91
CA GLY C 515 -12.46 0.41 -67.07
C GLY C 515 -12.42 1.25 -68.33
N LYS C 516 -13.41 2.11 -68.54
CA LYS C 516 -13.43 2.96 -69.72
C LYS C 516 -12.40 4.09 -69.58
N GLU C 517 -12.08 4.73 -70.70
CA GLU C 517 -11.04 5.74 -70.76
C GLU C 517 -11.64 7.04 -71.31
N GLN C 518 -11.65 8.08 -70.50
CA GLN C 518 -12.12 9.40 -70.83
C GLN C 518 -10.94 10.35 -71.00
N PRO C 519 -11.15 11.53 -71.58
CA PRO C 519 -10.08 12.51 -71.66
C PRO C 519 -10.13 13.60 -70.58
N LEU C 520 -8.98 14.24 -70.39
CA LEU C 520 -8.86 15.25 -69.35
C LEU C 520 -9.72 16.47 -69.66
N ASP C 521 -10.23 17.09 -68.60
CA ASP C 521 -10.99 18.32 -68.69
C ASP C 521 -10.41 19.32 -67.70
N GLU C 522 -10.61 20.61 -67.99
CA GLU C 522 -10.16 21.64 -67.07
C GLU C 522 -10.86 21.50 -65.73
N GLU C 523 -12.16 21.23 -65.74
CA GLU C 523 -12.88 20.96 -64.50
C GLU C 523 -12.38 19.67 -63.85
N MET C 524 -12.05 18.66 -64.65
CA MET C 524 -11.51 17.42 -64.10
C MET C 524 -10.16 17.65 -63.44
N LYS C 525 -9.29 18.42 -64.08
CA LYS C 525 -8.00 18.73 -63.48
C LYS C 525 -8.16 19.57 -62.21
N GLU C 526 -9.13 20.49 -62.22
CA GLU C 526 -9.40 21.27 -61.01
C GLU C 526 -9.88 20.37 -59.88
N ALA C 527 -10.76 19.41 -60.19
CA ALA C 527 -11.22 18.48 -59.16
C ALA C 527 -10.08 17.61 -58.64
N PHE C 528 -9.18 17.19 -59.54
CA PHE C 528 -8.02 16.43 -59.10
C PHE C 528 -7.13 17.25 -58.17
N GLN C 529 -6.93 18.53 -58.51
CA GLN C 529 -6.13 19.40 -57.64
C GLN C 529 -6.81 19.59 -56.29
N ASN C 530 -8.13 19.74 -56.29
CA ASN C 530 -8.86 19.89 -55.03
C ASN C 530 -8.71 18.63 -54.17
N ALA C 531 -8.85 17.46 -54.78
CA ALA C 531 -8.69 16.22 -54.03
C ALA C 531 -7.26 16.07 -53.52
N TYR C 532 -6.28 16.43 -54.33
CA TYR C 532 -4.89 16.35 -53.90
C TYR C 532 -4.62 17.26 -52.72
N LEU C 533 -5.16 18.48 -52.76
CA LEU C 533 -5.00 19.39 -51.62
C LEU C 533 -5.72 18.85 -50.38
N GLU C 534 -6.90 18.25 -50.57
CA GLU C 534 -7.61 17.67 -49.43
C GLU C 534 -6.80 16.54 -48.79
N LEU C 535 -6.21 15.68 -49.60
CA LEU C 535 -5.36 14.61 -49.07
C LEU C 535 -4.12 15.18 -48.40
N GLY C 536 -3.49 16.20 -49.00
CA GLY C 536 -2.32 16.78 -48.39
C GLY C 536 -2.62 17.50 -47.09
N GLY C 537 -3.86 17.96 -46.91
CA GLY C 537 -4.26 18.54 -45.65
C GLY C 537 -4.25 17.55 -44.50
N LEU C 538 -4.21 16.25 -44.80
CA LEU C 538 -4.11 15.21 -43.79
C LEU C 538 -2.66 14.89 -43.42
N GLY C 539 -1.71 15.72 -43.85
CA GLY C 539 -0.31 15.50 -43.52
C GLY C 539 0.24 14.21 -44.09
N GLU C 540 -0.03 13.95 -45.36
CA GLU C 540 0.35 12.70 -46.00
C GLU C 540 1.12 12.98 -47.28
N ARG C 541 2.06 12.10 -47.59
CA ARG C 541 2.82 12.17 -48.85
C ARG C 541 2.05 11.39 -49.91
N VAL C 542 1.25 12.11 -50.69
CA VAL C 542 0.38 11.47 -51.67
C VAL C 542 1.20 10.98 -52.85
N LEU C 543 0.85 9.80 -53.36
CA LEU C 543 1.48 9.25 -54.55
C LEU C 543 0.47 9.14 -55.68
N GLY C 544 0.97 9.24 -56.91
CA GLY C 544 0.15 9.10 -58.10
C GLY C 544 0.62 7.94 -58.95
N PHE C 545 -0.34 7.21 -59.54
CA PHE C 545 -0.04 6.03 -60.32
C PHE C 545 -0.44 6.25 -61.78
N CYS C 546 0.11 5.41 -62.64
CA CYS C 546 -0.17 5.47 -64.07
C CYS C 546 0.21 4.14 -64.70
N HIS C 547 -0.33 3.89 -65.89
CA HIS C 547 0.07 2.71 -66.65
C HIS C 547 -0.41 2.85 -68.08
N TYR C 548 0.48 2.63 -69.03
CA TYR C 548 0.15 2.71 -70.45
C TYR C 548 0.38 1.35 -71.10
N TYR C 549 -0.60 0.90 -71.87
CA TYR C 549 -0.48 -0.33 -72.65
C TYR C 549 0.13 0.03 -74.00
N LEU C 550 1.38 -0.39 -74.22
CA LEU C 550 2.07 -0.04 -75.46
C LEU C 550 1.39 -0.71 -76.64
N PRO C 551 1.03 0.03 -77.68
CA PRO C 551 0.44 -0.61 -78.87
C PRO C 551 1.43 -1.57 -79.52
N GLU C 552 0.90 -2.68 -80.02
CA GLU C 552 1.74 -3.66 -80.70
C GLU C 552 2.08 -3.22 -82.11
N GLU C 553 1.37 -2.24 -82.67
CA GLU C 553 1.70 -1.73 -83.99
C GLU C 553 3.06 -1.05 -84.00
N GLN C 554 3.35 -0.25 -82.98
CA GLN C 554 4.63 0.44 -82.87
C GLN C 554 5.60 -0.25 -81.93
N PHE C 555 5.12 -0.79 -80.81
CA PHE C 555 5.94 -1.46 -79.81
C PHE C 555 5.51 -2.93 -79.76
N PRO C 556 6.04 -3.75 -80.66
CA PRO C 556 5.65 -5.17 -80.69
C PRO C 556 6.35 -5.97 -79.59
N LYS C 557 6.10 -7.28 -79.60
CA LYS C 557 6.73 -8.15 -78.61
C LYS C 557 8.24 -8.18 -78.77
N GLY C 558 8.72 -8.23 -80.01
CA GLY C 558 10.15 -8.24 -80.26
C GLY C 558 10.75 -6.85 -80.28
N PHE C 559 10.54 -6.09 -79.22
CA PHE C 559 11.04 -4.72 -79.11
C PHE C 559 12.18 -4.68 -78.12
N ALA C 560 13.29 -4.06 -78.52
CA ALA C 560 14.45 -3.95 -77.64
C ALA C 560 14.16 -3.04 -76.46
N PHE C 561 14.62 -3.46 -75.28
CA PHE C 561 14.40 -2.73 -74.04
C PHE C 561 15.74 -2.35 -73.43
N ASP C 562 15.85 -1.11 -72.97
CA ASP C 562 17.08 -0.60 -72.38
C ASP C 562 16.73 0.24 -71.17
N CYS C 563 17.77 0.69 -70.46
CA CYS C 563 17.63 1.51 -69.27
C CYS C 563 18.18 2.91 -69.46
N ASP C 564 19.44 3.03 -69.88
CA ASP C 564 20.03 4.35 -70.10
C ASP C 564 19.51 5.01 -71.36
N ASP C 565 19.35 4.23 -72.44
CA ASP C 565 18.84 4.75 -73.70
C ASP C 565 17.32 4.65 -73.72
N VAL C 566 16.66 5.77 -73.96
CA VAL C 566 15.20 5.83 -73.93
C VAL C 566 14.64 5.21 -75.20
N ASN C 567 13.65 4.32 -75.04
CA ASN C 567 12.92 3.78 -76.18
C ASN C 567 11.42 3.69 -75.90
N PHE C 568 10.96 4.16 -74.75
CA PHE C 568 9.55 4.20 -74.41
C PHE C 568 9.01 5.61 -74.61
N THR C 569 7.77 5.84 -74.19
CA THR C 569 7.15 7.14 -74.25
C THR C 569 7.04 7.72 -72.84
N THR C 570 7.27 9.03 -72.73
CA THR C 570 7.22 9.72 -71.45
C THR C 570 5.96 10.54 -71.25
N ASP C 571 5.49 11.23 -72.29
CA ASP C 571 4.26 12.00 -72.21
C ASP C 571 3.11 11.19 -72.81
N ASN C 572 1.93 11.81 -72.86
CA ASN C 572 0.71 11.18 -73.37
C ASN C 572 0.40 9.89 -72.61
N LEU C 573 0.60 9.92 -71.29
CA LEU C 573 0.26 8.81 -70.42
C LEU C 573 -1.19 8.95 -69.96
N CYS C 574 -1.59 8.14 -68.99
CA CYS C 574 -2.97 8.17 -68.49
C CYS C 574 -2.99 7.94 -66.99
N PHE C 575 -3.44 8.94 -66.25
CA PHE C 575 -3.55 8.84 -64.80
C PHE C 575 -4.63 7.83 -64.42
N VAL C 576 -4.40 7.10 -63.33
CA VAL C 576 -5.31 6.06 -62.86
C VAL C 576 -5.82 6.34 -61.45
N GLY C 577 -4.94 6.72 -60.54
CA GLY C 577 -5.38 6.94 -59.17
C GLY C 577 -4.29 7.49 -58.27
N LEU C 578 -4.76 8.18 -57.22
CA LEU C 578 -3.92 8.64 -56.12
C LEU C 578 -3.91 7.60 -55.01
N MET C 579 -2.93 7.74 -54.11
CA MET C 579 -2.75 6.77 -53.04
C MET C 579 -2.18 7.49 -51.83
N SER C 580 -2.79 7.24 -50.67
CA SER C 580 -2.39 7.85 -49.40
C SER C 580 -1.97 6.76 -48.42
N MET C 581 -0.85 7.01 -47.73
CA MET C 581 -0.20 5.99 -46.90
C MET C 581 0.30 6.57 -45.58
N ILE C 582 -0.51 7.40 -44.92
CA ILE C 582 -0.14 7.90 -43.61
C ILE C 582 -0.12 6.76 -42.60
N ASP C 583 0.74 6.88 -41.60
CA ASP C 583 0.74 5.91 -40.51
C ASP C 583 -0.57 6.02 -39.73
N PRO C 584 -1.29 4.92 -39.54
CA PRO C 584 -2.65 5.00 -39.01
C PRO C 584 -2.65 5.14 -37.51
N PRO C 585 -3.63 5.84 -36.94
CA PRO C 585 -3.84 5.79 -35.50
C PRO C 585 -4.29 4.41 -35.06
N ARG C 586 -4.11 4.13 -33.77
CA ARG C 586 -4.41 2.80 -33.27
C ARG C 586 -5.91 2.50 -33.34
N ALA C 587 -6.23 1.21 -33.32
CA ALA C 587 -7.62 0.79 -33.47
C ALA C 587 -8.46 1.25 -32.28
N ALA C 588 -7.93 1.16 -31.07
CA ALA C 588 -8.69 1.46 -29.86
C ALA C 588 -8.27 2.76 -29.19
N VAL C 589 -7.45 3.57 -29.85
CA VAL C 589 -6.97 4.81 -29.24
C VAL C 589 -8.02 5.93 -29.24
N PRO C 590 -8.88 6.11 -30.29
CA PRO C 590 -9.74 7.31 -30.28
C PRO C 590 -10.79 7.26 -29.19
N ASP C 591 -11.48 6.12 -29.07
CA ASP C 591 -12.49 5.98 -28.04
C ASP C 591 -11.89 6.08 -26.65
N ALA C 592 -10.72 5.48 -26.44
CA ALA C 592 -10.07 5.55 -25.14
C ALA C 592 -9.65 6.97 -24.79
N VAL C 593 -9.13 7.72 -25.77
CA VAL C 593 -8.76 9.11 -25.53
C VAL C 593 -10.00 9.93 -25.20
N GLY C 594 -11.10 9.68 -25.92
CA GLY C 594 -12.35 10.38 -25.61
C GLY C 594 -12.84 10.07 -24.20
N LYS C 595 -12.73 8.80 -23.79
CA LYS C 595 -13.11 8.44 -22.42
C LYS C 595 -12.23 9.14 -21.40
N CYS C 596 -10.92 9.19 -21.64
CA CYS C 596 -10.02 9.85 -20.71
C CYS C 596 -10.32 11.33 -20.60
N ARG C 597 -10.62 11.99 -21.73
CA ARG C 597 -10.97 13.40 -21.68
C ARG C 597 -12.32 13.62 -21.00
N SER C 598 -13.26 12.70 -21.19
CA SER C 598 -14.55 12.79 -20.53
C SER C 598 -14.43 12.56 -19.02
N ALA C 599 -13.30 12.03 -18.56
CA ALA C 599 -13.05 11.84 -17.14
C ALA C 599 -12.34 13.03 -16.52
N GLY C 600 -12.26 14.16 -17.22
CA GLY C 600 -11.62 15.34 -16.71
C GLY C 600 -10.11 15.35 -16.81
N ILE C 601 -9.53 14.47 -17.61
CA ILE C 601 -8.08 14.35 -17.73
C ILE C 601 -7.66 15.05 -19.02
N LYS C 602 -6.95 16.16 -18.89
CA LYS C 602 -6.44 16.87 -20.05
C LYS C 602 -5.34 16.06 -20.71
N VAL C 603 -5.31 16.07 -22.04
CA VAL C 603 -4.36 15.29 -22.82
C VAL C 603 -3.45 16.26 -23.59
N ILE C 604 -2.14 16.08 -23.44
CA ILE C 604 -1.14 16.87 -24.14
C ILE C 604 -0.31 15.92 -25.00
N MET C 605 -0.15 16.27 -26.27
CA MET C 605 0.64 15.46 -27.19
C MET C 605 1.97 16.13 -27.44
N VAL C 606 3.06 15.39 -27.22
CA VAL C 606 4.41 15.87 -27.45
C VAL C 606 5.14 14.85 -28.32
N THR C 607 5.96 15.35 -29.22
CA THR C 607 6.71 14.49 -30.12
C THR C 607 7.89 15.27 -30.69
N GLY C 608 8.64 14.62 -31.58
CA GLY C 608 9.74 15.25 -32.28
C GLY C 608 9.52 15.22 -33.78
N ASP C 609 8.28 14.99 -34.19
CA ASP C 609 7.94 14.86 -35.60
C ASP C 609 7.54 16.21 -36.19
N HIS C 610 7.13 16.19 -37.45
CA HIS C 610 6.75 17.42 -38.12
C HIS C 610 5.38 17.91 -37.63
N PRO C 611 5.18 19.23 -37.57
CA PRO C 611 3.92 19.75 -37.02
C PRO C 611 2.69 19.39 -37.84
N ILE C 612 2.82 19.26 -39.17
CA ILE C 612 1.64 19.01 -40.00
C ILE C 612 1.08 17.63 -39.72
N THR C 613 1.93 16.61 -39.73
CA THR C 613 1.48 15.25 -39.43
C THR C 613 0.99 15.16 -37.99
N ALA C 614 1.64 15.87 -37.07
CA ALA C 614 1.22 15.86 -35.68
C ALA C 614 -0.18 16.43 -35.53
N LYS C 615 -0.47 17.55 -36.19
CA LYS C 615 -1.80 18.13 -36.08
C LYS C 615 -2.83 17.26 -36.79
N ALA C 616 -2.45 16.63 -37.90
CA ALA C 616 -3.37 15.74 -38.60
C ALA C 616 -3.76 14.55 -37.73
N ILE C 617 -2.78 13.92 -37.09
CA ILE C 617 -3.08 12.78 -36.23
C ILE C 617 -3.80 13.23 -34.97
N ALA C 618 -3.53 14.44 -34.47
CA ALA C 618 -4.26 14.95 -33.33
C ALA C 618 -5.74 15.12 -33.68
N LYS C 619 -6.04 15.66 -34.85
CA LYS C 619 -7.42 15.79 -35.28
C LYS C 619 -8.06 14.42 -35.48
N GLY C 620 -7.33 13.49 -36.09
CA GLY C 620 -7.91 12.18 -36.35
C GLY C 620 -8.20 11.39 -35.09
N VAL C 621 -7.26 11.38 -34.14
CA VAL C 621 -7.42 10.58 -32.93
C VAL C 621 -8.52 11.16 -32.05
N GLY C 622 -8.48 12.46 -31.82
CA GLY C 622 -9.47 13.11 -30.98
C GLY C 622 -8.89 14.02 -29.92
N ILE C 623 -7.57 14.25 -29.98
CA ILE C 623 -6.96 15.19 -29.04
C ILE C 623 -7.53 16.60 -29.25
N ILE C 624 -7.67 17.01 -30.50
CA ILE C 624 -8.28 18.29 -30.85
C ILE C 624 -9.69 17.99 -31.35
N SER C 625 -10.69 18.47 -30.61
CA SER C 625 -12.07 18.15 -30.94
C SER C 625 -12.52 18.86 -32.21
N GLU C 626 -13.58 18.32 -32.81
CA GLU C 626 -14.13 18.90 -34.02
C GLU C 626 -14.73 20.27 -33.72
N GLY C 627 -14.51 21.22 -34.62
CA GLY C 627 -15.00 22.58 -34.44
C GLY C 627 -14.03 23.51 -33.74
N ASN C 628 -12.93 22.99 -33.20
CA ASN C 628 -11.90 23.81 -32.58
C ASN C 628 -10.69 23.90 -33.49
N GLU C 629 -10.18 25.11 -33.67
CA GLU C 629 -9.10 25.35 -34.62
C GLU C 629 -7.97 26.12 -33.93
N THR C 630 -6.78 26.00 -34.49
CA THR C 630 -5.62 26.70 -33.98
C THR C 630 -5.61 28.14 -34.48
N VAL C 631 -4.64 28.92 -34.02
CA VAL C 631 -4.55 30.32 -34.41
C VAL C 631 -4.31 30.45 -35.91
N GLU C 632 -3.40 29.63 -36.45
CA GLU C 632 -3.12 29.69 -37.88
C GLU C 632 -4.34 29.27 -38.70
N ASP C 633 -5.13 28.32 -38.20
CA ASP C 633 -6.34 27.94 -38.92
C ASP C 633 -7.32 29.10 -39.00
N ILE C 634 -7.49 29.84 -37.91
CA ILE C 634 -8.38 31.00 -37.93
C ILE C 634 -7.82 32.08 -38.85
N ALA C 635 -6.50 32.27 -38.82
CA ALA C 635 -5.88 33.27 -39.70
C ALA C 635 -6.09 32.92 -41.16
N ALA C 636 -5.92 31.64 -41.52
CA ALA C 636 -6.14 31.22 -42.90
C ALA C 636 -7.61 31.34 -43.29
N ARG C 637 -8.52 30.99 -42.39
CA ARG C 637 -9.94 31.08 -42.70
C ARG C 637 -10.36 32.52 -42.92
N LEU C 638 -9.86 33.44 -42.10
CA LEU C 638 -10.23 34.85 -42.17
C LEU C 638 -9.28 35.67 -43.03
N ASN C 639 -8.40 35.02 -43.80
CA ASN C 639 -7.41 35.67 -44.67
C ASN C 639 -6.80 36.90 -44.01
N ILE C 640 -6.34 36.72 -42.77
CA ILE C 640 -5.75 37.79 -41.98
C ILE C 640 -4.46 37.25 -41.36
N PRO C 641 -3.38 38.03 -41.30
CA PRO C 641 -2.14 37.53 -40.71
C PRO C 641 -2.31 37.17 -39.24
N VAL C 642 -1.49 36.21 -38.79
CA VAL C 642 -1.60 35.69 -37.43
C VAL C 642 -1.39 36.79 -36.40
N SER C 643 -0.66 37.84 -36.76
CA SER C 643 -0.42 38.93 -35.82
C SER C 643 -1.71 39.65 -35.45
N GLN C 644 -2.61 39.84 -36.42
CA GLN C 644 -3.81 40.63 -36.20
C GLN C 644 -4.96 39.86 -35.59
N VAL C 645 -4.77 38.58 -35.27
CA VAL C 645 -5.80 37.77 -34.62
C VAL C 645 -5.31 37.44 -33.21
N ASN C 646 -6.21 37.60 -32.24
CA ASN C 646 -5.84 37.38 -30.84
C ASN C 646 -5.72 35.88 -30.57
N PRO C 647 -4.62 35.42 -29.98
CA PRO C 647 -4.47 33.99 -29.69
C PRO C 647 -5.50 33.45 -28.71
N ARG C 648 -6.14 34.31 -27.92
CA ARG C 648 -7.14 33.84 -26.97
C ARG C 648 -8.36 33.23 -27.66
N ASP C 649 -8.59 33.55 -28.93
CA ASP C 649 -9.74 32.99 -29.64
C ASP C 649 -9.60 31.48 -29.80
N ALA C 650 -8.39 31.00 -30.09
CA ALA C 650 -8.16 29.59 -30.35
C ALA C 650 -7.83 28.87 -29.05
N LYS C 651 -8.68 27.91 -28.66
CA LYS C 651 -8.42 27.12 -27.48
C LYS C 651 -7.33 26.09 -27.70
N ALA C 652 -7.27 25.51 -28.90
CA ALA C 652 -6.28 24.49 -29.23
C ALA C 652 -5.11 25.13 -29.97
N CYS C 653 -3.90 24.79 -29.55
CA CYS C 653 -2.69 25.37 -30.11
C CYS C 653 -1.68 24.28 -30.43
N VAL C 654 -0.95 24.46 -31.53
CA VAL C 654 0.12 23.57 -31.94
C VAL C 654 1.35 24.42 -32.21
N ILE C 655 2.47 24.09 -31.55
CA ILE C 655 3.67 24.90 -31.65
C ILE C 655 4.82 24.04 -32.16
N HIS C 656 5.74 24.70 -32.85
CA HIS C 656 6.99 24.09 -33.28
C HIS C 656 7.97 24.00 -32.11
N GLY C 657 9.04 23.24 -32.32
CA GLY C 657 10.10 23.18 -31.34
C GLY C 657 11.15 24.26 -31.47
N THR C 658 11.11 25.04 -32.55
CA THR C 658 12.12 26.07 -32.76
C THR C 658 11.87 27.30 -31.89
N ASP C 659 10.60 27.64 -31.64
CA ASP C 659 10.30 28.78 -30.80
C ASP C 659 10.27 28.44 -29.32
N LEU C 660 10.26 27.15 -28.96
CA LEU C 660 10.32 26.77 -27.57
C LEU C 660 11.69 27.09 -26.96
N LYS C 661 12.73 27.11 -27.78
CA LYS C 661 14.04 27.52 -27.28
C LYS C 661 14.04 28.96 -26.81
N ASP C 662 13.19 29.80 -27.39
CA ASP C 662 13.03 31.19 -26.98
C ASP C 662 11.91 31.39 -25.98
N PHE C 663 11.51 30.33 -25.29
CA PHE C 663 10.42 30.38 -24.32
C PHE C 663 10.97 30.11 -22.92
N THR C 664 10.61 30.96 -21.97
CA THR C 664 11.04 30.80 -20.60
C THR C 664 10.00 29.98 -19.84
N SER C 665 10.18 29.85 -18.52
CA SER C 665 9.22 29.11 -17.71
C SER C 665 7.86 29.79 -17.70
N GLU C 666 7.85 31.12 -17.61
CA GLU C 666 6.58 31.86 -17.59
C GLU C 666 5.81 31.66 -18.88
N GLN C 667 6.50 31.67 -20.03
CA GLN C 667 5.81 31.49 -21.30
C GLN C 667 5.18 30.11 -21.40
N ILE C 668 5.91 29.07 -20.98
CA ILE C 668 5.37 27.71 -21.00
C ILE C 668 4.17 27.61 -20.07
N ASP C 669 4.28 28.19 -18.88
CA ASP C 669 3.16 28.15 -17.93
C ASP C 669 1.94 28.86 -18.50
N GLU C 670 2.15 30.00 -19.16
CA GLU C 670 1.04 30.71 -19.78
C GLU C 670 0.39 29.88 -20.89
N ILE C 671 1.22 29.23 -21.71
CA ILE C 671 0.69 28.39 -22.79
C ILE C 671 -0.15 27.26 -22.21
N LEU C 672 0.35 26.63 -21.14
CA LEU C 672 -0.41 25.56 -20.50
C LEU C 672 -1.71 26.08 -19.89
N GLN C 673 -1.67 27.27 -19.28
CA GLN C 673 -2.84 27.79 -18.58
C GLN C 673 -3.93 28.20 -19.56
N ASN C 674 -3.57 28.92 -20.62
CA ASN C 674 -4.59 29.46 -21.52
C ASN C 674 -5.13 28.38 -22.46
N HIS C 675 -4.25 27.81 -23.29
CA HIS C 675 -4.69 26.85 -24.29
C HIS C 675 -5.15 25.56 -23.64
N THR C 676 -6.24 25.00 -24.16
CA THR C 676 -6.92 23.91 -23.48
C THR C 676 -6.52 22.53 -24.01
N GLU C 677 -6.29 22.40 -25.32
CA GLU C 677 -5.81 21.16 -25.92
C GLU C 677 -4.63 21.50 -26.83
N ILE C 678 -3.43 21.16 -26.38
CA ILE C 678 -2.21 21.53 -27.09
C ILE C 678 -1.58 20.28 -27.70
N VAL C 679 -0.78 20.51 -28.73
CA VAL C 679 -0.01 19.45 -29.39
C VAL C 679 1.36 20.03 -29.74
N PHE C 680 2.42 19.45 -29.19
CA PHE C 680 3.77 19.94 -29.40
C PHE C 680 4.53 18.98 -30.31
N ALA C 681 5.28 19.53 -31.26
CA ALA C 681 5.95 18.72 -32.26
C ALA C 681 7.36 19.25 -32.50
N ARG C 682 8.21 18.38 -33.03
CA ARG C 682 9.60 18.69 -33.33
C ARG C 682 10.34 19.19 -32.08
N THR C 683 10.26 18.40 -31.01
CA THR C 683 10.85 18.75 -29.73
C THR C 683 11.97 17.77 -29.40
N SER C 684 13.11 18.32 -28.97
CA SER C 684 14.20 17.49 -28.51
C SER C 684 13.83 16.85 -27.16
N PRO C 685 14.46 15.72 -26.81
CA PRO C 685 14.11 15.05 -25.55
C PRO C 685 14.25 15.94 -24.32
N GLN C 686 15.29 16.77 -24.27
CA GLN C 686 15.42 17.71 -23.16
C GLN C 686 14.27 18.70 -23.15
N GLN C 687 13.81 19.12 -24.33
CA GLN C 687 12.62 19.96 -24.40
C GLN C 687 11.38 19.19 -23.92
N LYS C 688 11.32 17.89 -24.17
CA LYS C 688 10.21 17.09 -23.65
C LYS C 688 10.23 17.08 -22.12
N LEU C 689 11.42 16.96 -21.53
CA LEU C 689 11.53 17.04 -20.08
C LEU C 689 11.13 18.42 -19.57
N ILE C 690 11.50 19.47 -20.29
CA ILE C 690 11.08 20.82 -19.91
C ILE C 690 9.56 20.93 -19.94
N ILE C 691 8.94 20.37 -20.97
CA ILE C 691 7.48 20.43 -21.10
C ILE C 691 6.80 19.70 -19.95
N VAL C 692 7.30 18.50 -19.62
CA VAL C 692 6.65 17.73 -18.56
C VAL C 692 6.87 18.39 -17.21
N GLU C 693 8.05 18.98 -16.99
CA GLU C 693 8.28 19.71 -15.75
C GLU C 693 7.37 20.93 -15.64
N GLY C 694 7.18 21.65 -16.75
CA GLY C 694 6.25 22.77 -16.72
C GLY C 694 4.82 22.35 -16.45
N CYS C 695 4.40 21.23 -17.05
CA CYS C 695 3.07 20.71 -16.78
C CYS C 695 2.91 20.32 -15.32
N GLN C 696 3.95 19.72 -14.74
CA GLN C 696 3.87 19.28 -13.36
C GLN C 696 3.95 20.44 -12.38
N ARG C 697 4.61 21.53 -12.76
CA ARG C 697 4.76 22.68 -11.86
C ARG C 697 3.44 23.37 -11.56
N GLN C 698 2.44 23.19 -12.41
CA GLN C 698 1.13 23.80 -12.20
C GLN C 698 0.30 23.08 -11.16
N GLY C 699 0.91 22.18 -10.38
CA GLY C 699 0.19 21.40 -9.40
C GLY C 699 -0.46 20.15 -9.94
N ALA C 700 -0.29 19.86 -11.23
CA ALA C 700 -0.89 18.68 -11.82
C ALA C 700 -0.03 17.45 -11.54
N ILE C 701 -0.53 16.29 -11.94
CA ILE C 701 0.17 15.01 -11.81
C ILE C 701 0.24 14.43 -13.22
N VAL C 702 1.40 14.56 -13.85
CA VAL C 702 1.55 14.27 -15.27
C VAL C 702 1.94 12.80 -15.45
N ALA C 703 1.37 12.18 -16.48
CA ALA C 703 1.69 10.81 -16.85
C ALA C 703 2.06 10.79 -18.33
N VAL C 704 3.31 10.43 -18.62
CA VAL C 704 3.81 10.44 -19.99
C VAL C 704 3.91 9.01 -20.50
N THR C 705 3.43 8.79 -21.72
CA THR C 705 3.50 7.49 -22.38
C THR C 705 4.42 7.58 -23.59
N GLY C 706 5.27 6.59 -23.77
CA GLY C 706 6.19 6.61 -24.88
C GLY C 706 6.92 5.28 -25.01
N ASP C 707 7.65 5.15 -26.11
CA ASP C 707 8.33 3.91 -26.45
C ASP C 707 9.78 4.06 -26.85
N GLY C 708 10.23 5.25 -27.25
CA GLY C 708 11.57 5.45 -27.73
C GLY C 708 12.57 5.70 -26.60
N VAL C 709 13.84 5.79 -27.00
CA VAL C 709 14.89 6.16 -26.05
C VAL C 709 14.90 7.67 -25.80
N ASN C 710 14.28 8.46 -26.67
CA ASN C 710 14.31 9.91 -26.51
C ASN C 710 13.62 10.34 -25.22
N ASP C 711 12.43 9.81 -24.95
CA ASP C 711 11.67 10.22 -23.78
C ASP C 711 12.04 9.43 -22.53
N SER C 712 13.20 8.78 -22.51
CA SER C 712 13.65 8.11 -21.30
C SER C 712 13.78 9.06 -20.11
N PRO C 713 14.35 10.26 -20.24
CA PRO C 713 14.34 11.17 -19.08
C PRO C 713 12.94 11.59 -18.66
N ALA C 714 12.09 11.96 -19.61
CA ALA C 714 10.74 12.40 -19.27
C ALA C 714 9.97 11.29 -18.57
N LEU C 715 10.11 10.05 -19.04
CA LEU C 715 9.47 8.92 -18.38
C LEU C 715 9.83 8.84 -16.91
N LYS C 716 11.04 9.27 -16.54
CA LYS C 716 11.43 9.26 -15.14
C LYS C 716 10.80 10.42 -14.38
N LYS C 717 10.67 11.58 -15.02
CA LYS C 717 10.21 12.76 -14.29
C LYS C 717 8.72 12.69 -13.98
N ALA C 718 7.93 12.17 -14.92
CA ALA C 718 6.49 12.07 -14.70
C ALA C 718 6.19 11.15 -13.54
N ASP C 719 5.11 11.46 -12.82
CA ASP C 719 4.79 10.72 -11.60
C ASP C 719 4.55 9.25 -11.88
N ILE C 720 4.03 8.91 -13.06
CA ILE C 720 3.94 7.53 -13.53
C ILE C 720 4.36 7.48 -14.99
N GLY C 721 5.25 6.58 -15.33
CA GLY C 721 5.71 6.44 -16.70
C GLY C 721 5.22 5.15 -17.33
N VAL C 722 4.58 5.26 -18.49
CA VAL C 722 4.00 4.12 -19.18
C VAL C 722 4.75 3.92 -20.48
N ALA C 723 5.23 2.70 -20.71
CA ALA C 723 5.96 2.35 -21.91
C ALA C 723 5.29 1.19 -22.61
N MET C 724 5.28 1.22 -23.94
CA MET C 724 4.68 0.16 -24.72
C MET C 724 5.60 -1.06 -24.75
N GLY C 725 5.01 -2.23 -24.62
CA GLY C 725 5.79 -3.45 -24.51
C GLY C 725 6.42 -3.94 -25.81
N ILE C 726 5.57 -4.34 -26.77
CA ILE C 726 6.09 -4.95 -27.99
C ILE C 726 6.78 -3.90 -28.87
N ALA C 727 6.21 -2.71 -28.94
CA ALA C 727 6.71 -1.67 -29.83
C ALA C 727 7.74 -0.75 -29.17
N GLY C 728 8.10 -1.01 -27.91
CA GLY C 728 9.02 -0.16 -27.19
C GLY C 728 10.39 -0.80 -27.01
N SER C 729 11.42 0.05 -26.99
CA SER C 729 12.78 -0.43 -26.78
C SER C 729 12.98 -0.85 -25.33
N ASP C 730 14.11 -1.50 -25.07
CA ASP C 730 14.41 -1.98 -23.73
C ASP C 730 14.57 -0.83 -22.75
N VAL C 731 15.23 0.25 -23.18
CA VAL C 731 15.46 1.38 -22.28
C VAL C 731 14.15 2.03 -21.86
N SER C 732 13.23 2.23 -22.80
CA SER C 732 11.97 2.86 -22.47
C SER C 732 11.14 2.00 -21.52
N LYS C 733 11.12 0.69 -21.76
CA LYS C 733 10.29 -0.19 -20.93
C LYS C 733 10.89 -0.42 -19.55
N GLN C 734 12.21 -0.47 -19.43
CA GLN C 734 12.78 -0.67 -18.10
C GLN C 734 12.92 0.62 -17.31
N ALA C 735 12.71 1.77 -17.94
CA ALA C 735 12.70 3.06 -17.25
C ALA C 735 11.29 3.53 -16.91
N ALA C 736 10.29 2.70 -17.16
CA ALA C 736 8.90 3.08 -16.96
C ALA C 736 8.35 2.43 -15.69
N ASP C 737 7.38 3.10 -15.09
CA ASP C 737 6.75 2.56 -13.88
C ASP C 737 5.82 1.39 -14.22
N MET C 738 5.16 1.45 -15.37
CA MET C 738 4.27 0.39 -15.80
C MET C 738 4.49 0.12 -17.28
N ILE C 739 4.49 -1.15 -17.66
CA ILE C 739 4.67 -1.59 -19.04
C ILE C 739 3.35 -2.16 -19.53
N LEU C 740 2.93 -1.74 -20.73
CA LEU C 740 1.73 -2.26 -21.36
C LEU C 740 2.15 -3.39 -22.30
N LEU C 741 2.08 -4.63 -21.81
CA LEU C 741 2.49 -5.77 -22.62
C LEU C 741 1.57 -5.95 -23.81
N ASP C 742 0.26 -5.78 -23.62
CA ASP C 742 -0.67 -5.89 -24.73
C ASP C 742 -0.56 -4.73 -25.71
N ASP C 743 0.03 -3.62 -25.28
CA ASP C 743 0.20 -2.43 -26.10
C ASP C 743 -1.17 -1.90 -26.58
N ASN C 744 -1.98 -1.50 -25.61
CA ASN C 744 -3.31 -0.97 -25.88
C ASN C 744 -3.58 0.22 -24.98
N PHE C 745 -4.28 1.22 -25.51
CA PHE C 745 -4.60 2.42 -24.72
C PHE C 745 -5.87 2.23 -23.92
N ALA C 746 -6.79 1.38 -24.38
CA ALA C 746 -7.91 0.99 -23.54
C ALA C 746 -7.42 0.39 -22.25
N SER C 747 -6.24 -0.23 -22.26
CA SER C 747 -5.62 -0.69 -21.03
C SER C 747 -5.35 0.48 -20.09
N ILE C 748 -4.87 1.61 -20.63
CA ILE C 748 -4.55 2.72 -19.74
C ILE C 748 -5.81 3.41 -19.23
N VAL C 749 -6.90 3.42 -20.02
CA VAL C 749 -8.13 4.01 -19.48
C VAL C 749 -8.73 3.12 -18.41
N THR C 750 -8.70 1.79 -18.63
CA THR C 750 -9.06 0.88 -17.55
C THR C 750 -8.17 1.08 -16.34
N GLY C 751 -6.89 1.37 -16.57
CA GLY C 751 -5.98 1.61 -15.47
C GLY C 751 -6.33 2.84 -14.66
N VAL C 752 -6.69 3.94 -15.32
CA VAL C 752 -7.03 5.14 -14.56
C VAL C 752 -8.34 4.94 -13.80
N GLU C 753 -9.33 4.27 -14.42
CA GLU C 753 -10.56 3.99 -13.68
C GLU C 753 -10.29 3.10 -12.47
N GLU C 754 -9.45 2.08 -12.64
CA GLU C 754 -9.13 1.19 -11.54
C GLU C 754 -8.28 1.89 -10.48
N GLY C 755 -7.48 2.87 -10.88
CA GLY C 755 -6.74 3.66 -9.90
C GLY C 755 -7.66 4.52 -9.05
N ARG C 756 -8.66 5.14 -9.68
CA ARG C 756 -9.67 5.84 -8.89
C ARG C 756 -10.36 4.87 -7.92
N LEU C 757 -10.68 3.67 -8.41
CA LEU C 757 -11.31 2.67 -7.56
C LEU C 757 -10.44 2.32 -6.36
N ILE C 758 -9.14 2.07 -6.60
CA ILE C 758 -8.28 1.65 -5.52
C ILE C 758 -8.02 2.78 -4.54
N PHE C 759 -7.99 4.03 -5.01
CA PHE C 759 -7.89 5.14 -4.07
C PHE C 759 -9.11 5.23 -3.17
N ASP C 760 -10.30 5.13 -3.76
CA ASP C 760 -11.52 5.18 -2.96
C ASP C 760 -11.62 4.00 -2.01
N ASN C 761 -11.05 2.85 -2.39
CA ASN C 761 -11.06 1.68 -1.53
C ASN C 761 -10.05 1.81 -0.40
N LEU C 762 -8.89 2.38 -0.68
CA LEU C 762 -7.91 2.62 0.38
C LEU C 762 -8.44 3.62 1.39
N LYS C 763 -9.17 4.63 0.93
CA LYS C 763 -9.78 5.59 1.86
C LYS C 763 -10.79 4.93 2.79
N LYS C 764 -11.29 3.75 2.44
CA LYS C 764 -12.17 2.99 3.31
C LYS C 764 -11.40 2.04 4.21
N SER C 765 -10.39 1.36 3.67
CA SER C 765 -9.61 0.44 4.48
C SER C 765 -8.85 1.15 5.59
N ILE C 766 -8.26 2.31 5.28
CA ILE C 766 -7.56 3.08 6.31
C ILE C 766 -8.53 3.50 7.39
N ALA C 767 -9.72 3.95 7.00
CA ALA C 767 -10.73 4.33 7.99
C ALA C 767 -11.11 3.14 8.86
N TYR C 768 -11.27 1.96 8.25
CA TYR C 768 -11.59 0.76 9.01
C TYR C 768 -10.53 0.43 10.05
N THR C 769 -9.27 0.43 9.64
CA THR C 769 -8.21 0.06 10.59
C THR C 769 -8.11 1.07 11.72
N LEU C 770 -8.28 2.35 11.42
CA LEU C 770 -8.08 3.38 12.44
C LEU C 770 -9.18 3.38 13.49
N THR C 771 -10.38 2.90 13.15
CA THR C 771 -11.46 2.90 14.14
C THR C 771 -11.13 2.02 15.34
N SER C 772 -10.34 0.96 15.14
CA SER C 772 -9.99 0.08 16.23
C SER C 772 -9.00 0.70 17.21
N ASN C 773 -8.44 1.87 16.89
CA ASN C 773 -7.47 2.50 17.79
C ASN C 773 -8.13 3.01 19.05
N ILE C 774 -9.32 3.62 18.92
CA ILE C 774 -9.99 4.20 20.10
C ILE C 774 -10.28 3.17 21.17
N PRO C 775 -10.84 1.99 20.86
CA PRO C 775 -11.08 1.00 21.93
C PRO C 775 -9.81 0.40 22.50
N GLU C 776 -8.64 0.78 22.00
CA GLU C 776 -7.38 0.36 22.58
C GLU C 776 -6.67 1.47 23.34
N ILE C 777 -7.01 2.72 23.07
CA ILE C 777 -6.49 3.84 23.84
C ILE C 777 -7.36 4.13 25.05
N THR C 778 -8.68 4.15 24.84
CA THR C 778 -9.60 4.50 25.91
C THR C 778 -9.45 3.65 27.17
N PRO C 779 -9.26 2.33 27.10
CA PRO C 779 -9.04 1.58 28.34
C PRO C 779 -7.86 2.09 29.15
N PHE C 780 -6.77 2.48 28.49
CA PHE C 780 -5.65 3.06 29.22
C PHE C 780 -6.02 4.43 29.79
N LEU C 781 -6.84 5.19 29.07
CA LEU C 781 -7.26 6.49 29.58
C LEU C 781 -8.05 6.33 30.88
N LEU C 782 -8.96 5.35 30.93
CA LEU C 782 -9.67 5.11 32.18
C LEU C 782 -8.77 4.48 33.24
N PHE C 783 -7.82 3.64 32.84
CA PHE C 783 -6.90 3.04 33.80
C PHE C 783 -6.05 4.11 34.48
N ILE C 784 -5.77 5.20 33.79
CA ILE C 784 -4.94 6.25 34.39
C ILE C 784 -5.79 7.35 35.02
N MET C 785 -7.04 7.54 34.58
CA MET C 785 -7.86 8.64 35.04
C MET C 785 -8.98 8.23 35.98
N ALA C 786 -9.26 6.93 36.12
CA ALA C 786 -10.33 6.48 36.99
C ALA C 786 -9.88 5.46 38.03
N ASN C 787 -8.63 5.01 37.98
CA ASN C 787 -8.09 4.04 38.93
C ASN C 787 -8.94 2.77 38.98
N ILE C 788 -9.02 2.11 37.84
CA ILE C 788 -9.73 0.84 37.72
C ILE C 788 -8.74 -0.19 37.19
N PRO C 789 -9.01 -1.47 37.41
CA PRO C 789 -8.10 -2.50 36.89
C PRO C 789 -7.97 -2.41 35.38
N LEU C 790 -6.76 -2.68 34.88
CA LEU C 790 -6.45 -2.53 33.46
C LEU C 790 -7.44 -3.32 32.61
N PRO C 791 -8.26 -2.64 31.81
CA PRO C 791 -9.25 -3.38 31.02
C PRO C 791 -8.65 -4.14 29.86
N LEU C 792 -7.69 -3.54 29.15
CA LEU C 792 -7.13 -4.14 27.95
C LEU C 792 -5.62 -4.25 28.13
N GLY C 793 -5.08 -5.45 27.89
CA GLY C 793 -3.67 -5.69 28.06
C GLY C 793 -2.85 -5.15 26.91
N THR C 794 -1.57 -5.51 26.92
CA THR C 794 -0.64 -5.05 25.90
C THR C 794 -0.43 -6.06 24.77
N ILE C 795 -0.27 -7.34 25.11
CA ILE C 795 -0.09 -8.36 24.08
C ILE C 795 -1.37 -8.54 23.28
N THR C 796 -2.52 -8.42 23.96
CA THR C 796 -3.79 -8.47 23.24
C THR C 796 -3.95 -7.31 22.26
N ILE C 797 -3.24 -6.21 22.46
CA ILE C 797 -3.25 -5.14 21.46
C ILE C 797 -2.59 -5.62 20.17
N LEU C 798 -1.45 -6.31 20.29
CA LEU C 798 -0.84 -6.93 19.12
C LEU C 798 -1.78 -7.95 18.50
N CYS C 799 -2.46 -8.73 19.34
CA CYS C 799 -3.40 -9.73 18.83
C CYS C 799 -4.51 -9.08 18.01
N ILE C 800 -5.05 -7.96 18.49
CA ILE C 800 -6.13 -7.28 17.78
C ILE C 800 -5.61 -6.67 16.48
N ASP C 801 -4.48 -5.97 16.55
CA ASP C 801 -4.00 -5.22 15.40
C ASP C 801 -3.60 -6.14 14.24
N LEU C 802 -2.90 -7.23 14.54
CA LEU C 802 -2.36 -8.11 13.51
C LEU C 802 -3.21 -9.34 13.26
N GLY C 803 -4.30 -9.52 14.00
CA GLY C 803 -5.11 -10.71 13.82
C GLY C 803 -6.53 -10.43 13.37
N THR C 804 -7.07 -9.27 13.74
CA THR C 804 -8.43 -8.90 13.40
C THR C 804 -8.52 -7.66 12.53
N ASP C 805 -7.41 -6.95 12.31
CA ASP C 805 -7.37 -5.79 11.43
C ASP C 805 -6.52 -6.05 10.20
N MET C 806 -6.26 -7.31 9.87
CA MET C 806 -5.48 -7.68 8.69
C MET C 806 -6.34 -8.32 7.62
N VAL C 807 -7.00 -9.44 7.91
CA VAL C 807 -7.81 -10.11 6.90
C VAL C 807 -8.99 -9.26 6.44
N PRO C 808 -9.80 -8.67 7.32
CA PRO C 808 -10.89 -7.82 6.82
C PRO C 808 -10.39 -6.56 6.10
N ALA C 809 -9.31 -5.97 6.60
CA ALA C 809 -8.79 -4.77 5.96
C ALA C 809 -8.33 -5.05 4.54
N ILE C 810 -7.67 -6.20 4.33
CA ILE C 810 -7.26 -6.57 2.99
C ILE C 810 -8.46 -6.94 2.14
N SER C 811 -9.42 -7.65 2.73
CA SER C 811 -10.61 -8.06 1.97
C SER C 811 -11.42 -6.85 1.52
N LEU C 812 -11.32 -5.73 2.23
CA LEU C 812 -12.01 -4.53 1.78
C LEU C 812 -11.52 -4.05 0.43
N ALA C 813 -10.30 -4.42 0.03
CA ALA C 813 -9.73 -3.94 -1.22
C ALA C 813 -10.37 -4.57 -2.45
N TYR C 814 -11.22 -5.57 -2.28
CA TYR C 814 -11.77 -6.29 -3.43
C TYR C 814 -13.07 -5.69 -3.96
N GLU C 815 -13.92 -5.15 -3.08
CA GLU C 815 -15.24 -4.71 -3.51
C GLU C 815 -15.13 -3.50 -4.44
N ALA C 816 -16.02 -3.46 -5.42
CA ALA C 816 -16.07 -2.34 -6.36
C ALA C 816 -16.90 -1.20 -5.78
N ALA C 817 -16.50 0.02 -6.09
CA ALA C 817 -17.11 1.20 -5.48
C ALA C 817 -18.47 1.47 -6.11
N GLU C 818 -19.06 2.59 -5.71
CA GLU C 818 -20.36 3.00 -6.21
C GLU C 818 -20.30 3.29 -7.72
N SER C 819 -21.47 3.33 -8.34
CA SER C 819 -21.57 3.51 -9.77
C SER C 819 -21.36 4.95 -10.23
N ASP C 820 -20.88 5.82 -9.34
CA ASP C 820 -20.68 7.22 -9.68
C ASP C 820 -19.35 7.49 -10.37
N ILE C 821 -18.51 6.47 -10.55
CA ILE C 821 -17.18 6.68 -11.11
C ILE C 821 -17.23 7.17 -12.55
N MET C 822 -18.36 6.98 -13.24
CA MET C 822 -18.53 7.50 -14.58
C MET C 822 -18.60 9.02 -14.60
N LYS C 823 -19.02 9.65 -13.50
CA LYS C 823 -19.25 11.09 -13.42
C LYS C 823 -18.45 11.69 -12.29
N ARG C 824 -17.17 11.35 -12.23
CA ARG C 824 -16.28 11.75 -11.14
C ARG C 824 -15.21 12.70 -11.66
N GLN C 825 -14.95 13.75 -10.90
CA GLN C 825 -13.90 14.72 -11.20
C GLN C 825 -12.55 14.15 -10.80
N PRO C 826 -11.48 14.49 -11.52
CA PRO C 826 -10.14 14.06 -11.08
C PRO C 826 -9.83 14.54 -9.68
N ARG C 827 -9.11 13.69 -8.93
CA ARG C 827 -8.79 13.99 -7.55
C ARG C 827 -7.95 15.27 -7.45
N ASN C 828 -8.33 16.15 -6.55
CA ASN C 828 -7.57 17.37 -6.32
C ASN C 828 -6.37 17.03 -5.45
N PRO C 829 -5.14 17.25 -5.92
CA PRO C 829 -3.98 16.75 -5.18
C PRO C 829 -3.63 17.51 -3.92
N ARG C 830 -4.35 18.57 -3.57
CA ARG C 830 -4.01 19.35 -2.38
C ARG C 830 -5.20 19.62 -1.46
N THR C 831 -6.36 19.04 -1.73
CA THR C 831 -7.50 19.22 -0.83
C THR C 831 -8.11 17.87 -0.46
N ASP C 832 -8.07 16.90 -1.37
CA ASP C 832 -8.63 15.57 -1.13
C ASP C 832 -7.49 14.64 -0.74
N LYS C 833 -7.02 14.78 0.50
CA LYS C 833 -5.97 13.92 1.01
C LYS C 833 -6.51 12.53 1.34
N LEU C 834 -5.58 11.58 1.51
CA LEU C 834 -5.99 10.22 1.85
C LEU C 834 -6.64 10.17 3.22
N VAL C 835 -6.06 10.86 4.20
CA VAL C 835 -6.63 10.98 5.53
C VAL C 835 -6.72 12.46 5.88
N ASN C 836 -7.91 12.92 6.23
CA ASN C 836 -8.18 14.32 6.47
C ASN C 836 -8.86 14.47 7.82
N GLU C 837 -9.10 15.73 8.21
CA GLU C 837 -9.76 16.01 9.48
C GLU C 837 -11.20 15.50 9.51
N ARG C 838 -11.78 15.20 8.36
CA ARG C 838 -13.14 14.67 8.31
C ARG C 838 -13.19 13.15 8.36
N LEU C 839 -12.05 12.47 8.27
CA LEU C 839 -12.00 11.02 8.46
C LEU C 839 -11.59 10.64 9.87
N ILE C 840 -10.72 11.43 10.50
CA ILE C 840 -10.43 11.24 11.92
C ILE C 840 -11.70 11.43 12.74
N SER C 841 -12.57 12.34 12.30
CA SER C 841 -13.85 12.54 12.98
C SER C 841 -14.71 11.29 12.93
N MET C 842 -14.74 10.62 11.78
CA MET C 842 -15.53 9.40 11.68
C MET C 842 -14.93 8.27 12.50
N ALA C 843 -13.61 8.13 12.49
CA ALA C 843 -12.98 7.04 13.23
C ALA C 843 -12.87 7.35 14.71
N TYR C 844 -12.11 8.40 15.05
CA TYR C 844 -11.83 8.70 16.44
C TYR C 844 -13.00 9.34 17.16
N GLY C 845 -13.99 9.86 16.43
CA GLY C 845 -15.05 10.62 17.06
C GLY C 845 -16.31 9.83 17.38
N GLN C 846 -16.84 9.11 16.40
CA GLN C 846 -18.11 8.43 16.55
C GLN C 846 -17.99 6.91 16.50
N ILE C 847 -17.41 6.37 15.42
CA ILE C 847 -17.31 4.91 15.30
C ILE C 847 -16.40 4.34 16.38
N GLY C 848 -15.27 4.99 16.66
CA GLY C 848 -14.35 4.47 17.64
C GLY C 848 -14.93 4.46 19.05
N MET C 849 -15.71 5.49 19.39
CA MET C 849 -16.25 5.59 20.73
C MET C 849 -17.21 4.46 21.05
N ILE C 850 -17.99 4.03 20.06
CA ILE C 850 -18.89 2.90 20.28
C ILE C 850 -18.10 1.61 20.51
N GLN C 851 -16.96 1.47 19.83
CA GLN C 851 -16.11 0.30 20.04
C GLN C 851 -15.65 0.22 21.49
N ALA C 852 -15.08 1.31 22.00
CA ALA C 852 -14.61 1.34 23.39
C ALA C 852 -15.77 1.21 24.36
N LEU C 853 -16.93 1.76 24.02
CA LEU C 853 -18.08 1.64 24.89
C LEU C 853 -18.53 0.19 25.02
N GLY C 854 -18.55 -0.54 23.90
CA GLY C 854 -18.86 -1.96 23.97
C GLY C 854 -17.82 -2.75 24.74
N GLY C 855 -16.54 -2.42 24.52
CA GLY C 855 -15.49 -3.08 25.28
C GLY C 855 -15.65 -2.87 26.78
N PHE C 856 -15.95 -1.64 27.19
CA PHE C 856 -16.16 -1.36 28.60
C PHE C 856 -17.42 -2.02 29.12
N PHE C 857 -18.45 -2.16 28.28
CA PHE C 857 -19.64 -2.89 28.71
C PHE C 857 -19.29 -4.34 29.03
N SER C 858 -18.50 -4.98 28.17
CA SER C 858 -18.08 -6.35 28.45
C SER C 858 -17.21 -6.42 29.70
N TYR C 859 -16.28 -5.47 29.82
CA TYR C 859 -15.46 -5.32 31.03
C TYR C 859 -16.33 -5.34 32.29
N PHE C 860 -17.29 -4.43 32.36
CA PHE C 860 -18.10 -4.29 33.56
C PHE C 860 -19.02 -5.48 33.77
N VAL C 861 -19.52 -6.08 32.68
CA VAL C 861 -20.37 -7.26 32.83
C VAL C 861 -19.61 -8.38 33.50
N ILE C 862 -18.42 -8.70 33.00
CA ILE C 862 -17.73 -9.85 33.56
C ILE C 862 -17.08 -9.53 34.91
N LEU C 863 -16.66 -8.28 35.14
CA LEU C 863 -16.21 -7.95 36.48
C LEU C 863 -17.37 -7.97 37.47
N ALA C 864 -18.58 -7.74 37.01
CA ALA C 864 -19.77 -7.79 37.86
C ALA C 864 -20.33 -9.20 38.01
N GLU C 865 -19.92 -10.14 37.16
CA GLU C 865 -20.37 -11.52 37.27
C GLU C 865 -19.44 -12.37 38.12
N ASN C 866 -18.40 -11.77 38.70
CA ASN C 866 -17.49 -12.49 39.58
C ASN C 866 -17.50 -11.96 41.02
N GLY C 867 -18.05 -10.78 41.26
CA GLY C 867 -18.14 -10.27 42.61
C GLY C 867 -17.85 -8.79 42.74
N PHE C 868 -17.23 -8.20 41.72
CA PHE C 868 -16.86 -6.79 41.75
C PHE C 868 -17.98 -5.98 41.10
N LEU C 869 -18.77 -5.31 41.93
CA LEU C 869 -19.84 -4.48 41.40
C LEU C 869 -19.24 -3.32 40.60
N PRO C 870 -19.94 -2.88 39.54
CA PRO C 870 -19.42 -1.77 38.75
C PRO C 870 -19.26 -0.48 39.53
N GLY C 871 -20.04 -0.28 40.58
CA GLY C 871 -19.94 0.93 41.37
C GLY C 871 -18.79 0.97 42.35
N ASN C 872 -18.02 -0.09 42.46
CA ASN C 872 -16.88 -0.14 43.38
C ASN C 872 -15.54 -0.23 42.67
N LEU C 873 -15.53 -0.45 41.35
CA LEU C 873 -14.27 -0.59 40.63
C LEU C 873 -13.43 0.69 40.63
N VAL C 874 -14.02 1.83 40.96
CA VAL C 874 -13.24 3.07 41.03
C VAL C 874 -12.41 3.07 42.30
N GLY C 875 -11.16 3.49 42.19
CA GLY C 875 -10.28 3.58 43.33
C GLY C 875 -9.78 2.26 43.86
N ILE C 876 -9.87 1.18 43.08
CA ILE C 876 -9.40 -0.14 43.51
C ILE C 876 -8.12 -0.55 42.83
N ARG C 877 -7.68 0.18 41.80
CA ARG C 877 -6.51 -0.24 41.03
C ARG C 877 -5.24 -0.22 41.87
N LEU C 878 -5.15 0.68 42.85
CA LEU C 878 -3.94 0.79 43.64
C LEU C 878 -3.64 -0.51 44.39
N ASN C 879 -4.67 -1.13 44.96
CA ASN C 879 -4.51 -2.41 45.66
C ASN C 879 -4.77 -3.60 44.75
N TRP C 880 -5.30 -3.39 43.55
CA TRP C 880 -5.56 -4.51 42.65
C TRP C 880 -4.26 -5.11 42.11
N ASP C 881 -3.36 -4.25 41.66
CA ASP C 881 -2.10 -4.70 41.07
C ASP C 881 -0.99 -4.85 42.09
N ASP C 882 -1.28 -4.60 43.37
CA ASP C 882 -0.27 -4.78 44.40
C ASP C 882 0.02 -6.27 44.61
N ARG C 883 1.31 -6.62 44.62
CA ARG C 883 1.68 -8.02 44.76
C ARG C 883 1.50 -8.51 46.19
N THR C 884 1.72 -7.65 47.18
CA THR C 884 1.74 -8.09 48.58
C THR C 884 0.34 -8.49 49.05
N VAL C 885 -0.65 -7.65 48.76
CA VAL C 885 -2.00 -7.88 49.28
C VAL C 885 -2.58 -9.13 48.65
N ASN C 886 -3.11 -10.02 49.48
CA ASN C 886 -3.75 -11.25 49.02
C ASN C 886 -5.14 -11.42 49.62
N ASP C 887 -5.71 -10.35 50.15
CA ASP C 887 -7.03 -10.36 50.76
C ASP C 887 -7.85 -9.17 50.29
N LEU C 888 -7.84 -8.92 48.98
CA LEU C 888 -8.56 -7.78 48.41
C LEU C 888 -10.06 -8.04 48.51
N GLU C 889 -10.75 -7.23 49.30
CA GLU C 889 -12.19 -7.37 49.44
C GLU C 889 -12.90 -6.90 48.19
N ASP C 890 -13.81 -7.72 47.67
CA ASP C 890 -14.62 -7.32 46.54
C ASP C 890 -15.92 -6.71 47.04
N SER C 891 -16.89 -6.52 46.14
CA SER C 891 -18.15 -5.89 46.56
C SER C 891 -19.02 -6.84 47.37
N TYR C 892 -19.06 -8.12 47.02
CA TYR C 892 -19.96 -9.04 47.69
C TYR C 892 -19.48 -9.44 49.08
N GLY C 893 -18.25 -9.11 49.45
CA GLY C 893 -17.73 -9.39 50.77
C GLY C 893 -16.62 -10.42 50.81
N GLN C 894 -16.48 -11.25 49.78
CA GLN C 894 -15.38 -12.20 49.74
C GLN C 894 -14.08 -11.48 49.44
N GLN C 895 -12.98 -12.22 49.52
CA GLN C 895 -11.65 -11.66 49.28
C GLN C 895 -10.89 -12.53 48.29
N TRP C 896 -9.96 -11.90 47.59
CA TRP C 896 -9.18 -12.57 46.55
C TRP C 896 -7.69 -12.42 46.84
N THR C 897 -6.93 -13.43 46.43
CA THR C 897 -5.47 -13.30 46.45
C THR C 897 -5.00 -12.77 45.09
N TYR C 898 -3.69 -12.57 44.95
CA TYR C 898 -3.18 -11.84 43.80
C TYR C 898 -3.49 -12.57 42.49
N GLU C 899 -2.94 -13.77 42.31
CA GLU C 899 -3.13 -14.48 41.06
C GLU C 899 -4.58 -14.84 40.83
N GLN C 900 -5.35 -15.03 41.90
CA GLN C 900 -6.75 -15.41 41.77
C GLN C 900 -7.57 -14.31 41.11
N ARG C 901 -7.25 -13.05 41.37
CA ARG C 901 -7.91 -11.95 40.69
C ARG C 901 -7.21 -11.54 39.40
N LYS C 902 -5.91 -11.80 39.29
CA LYS C 902 -5.24 -11.59 38.01
C LYS C 902 -5.80 -12.51 36.94
N VAL C 903 -6.23 -13.71 37.33
CA VAL C 903 -6.90 -14.61 36.40
C VAL C 903 -8.19 -13.98 35.90
N VAL C 904 -8.96 -13.37 36.79
CA VAL C 904 -10.19 -12.68 36.37
C VAL C 904 -9.87 -11.53 35.43
N GLU C 905 -8.81 -10.78 35.74
CA GLU C 905 -8.44 -9.66 34.86
C GLU C 905 -8.03 -10.16 33.47
N PHE C 906 -7.28 -11.27 33.41
CA PHE C 906 -6.90 -11.82 32.12
C PHE C 906 -8.12 -12.33 31.35
N THR C 907 -9.05 -12.98 32.04
CA THR C 907 -10.30 -13.39 31.41
C THR C 907 -11.04 -12.18 30.85
N CYS C 908 -11.01 -11.07 31.59
CA CYS C 908 -11.65 -9.85 31.10
C CYS C 908 -10.92 -9.27 29.90
N HIS C 909 -9.59 -9.45 29.83
CA HIS C 909 -8.86 -9.08 28.63
C HIS C 909 -9.36 -9.88 27.43
N THR C 910 -9.50 -11.19 27.61
CA THR C 910 -10.02 -12.02 26.52
C THR C 910 -11.40 -11.57 26.11
N ALA C 911 -12.23 -11.23 27.09
CA ALA C 911 -13.57 -10.72 26.79
C ALA C 911 -13.52 -9.43 26.00
N PHE C 912 -12.60 -8.53 26.36
CA PHE C 912 -12.46 -7.28 25.64
C PHE C 912 -12.07 -7.54 24.18
N PHE C 913 -11.14 -8.47 23.97
CA PHE C 913 -10.73 -8.80 22.60
C PHE C 913 -11.88 -9.41 21.81
N VAL C 914 -12.64 -10.32 22.42
CA VAL C 914 -13.77 -10.93 21.73
C VAL C 914 -14.82 -9.89 21.39
N SER C 915 -15.11 -8.98 22.32
CA SER C 915 -16.07 -7.92 22.07
C SER C 915 -15.59 -6.98 20.98
N ILE C 916 -14.28 -6.74 20.92
CA ILE C 916 -13.72 -5.94 19.83
C ILE C 916 -14.00 -6.60 18.50
N VAL C 917 -13.78 -7.91 18.42
CA VAL C 917 -14.07 -8.62 17.17
C VAL C 917 -15.54 -8.54 16.82
N VAL C 918 -16.41 -8.73 17.81
CA VAL C 918 -17.85 -8.71 17.57
C VAL C 918 -18.30 -7.36 17.04
N VAL C 919 -17.78 -6.27 17.61
CA VAL C 919 -18.22 -4.97 17.13
C VAL C 919 -17.53 -4.63 15.81
N GLN C 920 -16.35 -5.20 15.56
CA GLN C 920 -15.70 -5.02 14.27
C GLN C 920 -16.47 -5.69 13.15
N TRP C 921 -17.26 -6.73 13.45
CA TRP C 921 -18.22 -7.23 12.47
C TRP C 921 -19.01 -6.09 11.86
N ALA C 922 -19.75 -5.37 12.70
CA ALA C 922 -20.59 -4.27 12.22
C ALA C 922 -19.75 -3.12 11.70
N ASP C 923 -18.55 -2.91 12.24
CA ASP C 923 -17.66 -1.88 11.71
C ASP C 923 -17.34 -2.14 10.25
N LEU C 924 -17.01 -3.40 9.92
CA LEU C 924 -16.77 -3.78 8.53
C LEU C 924 -18.04 -3.65 7.71
N ILE C 925 -19.18 -4.06 8.27
CA ILE C 925 -20.42 -3.99 7.52
C ILE C 925 -20.74 -2.55 7.14
N ILE C 926 -20.44 -1.59 8.01
CA ILE C 926 -20.80 -0.21 7.74
C ILE C 926 -19.71 0.58 7.02
N CYS C 927 -18.46 0.12 7.06
CA CYS C 927 -17.38 0.77 6.32
C CYS C 927 -17.21 0.21 4.92
N LYS C 928 -18.09 -0.70 4.50
CA LYS C 928 -17.96 -1.31 3.18
C LYS C 928 -18.16 -0.29 2.07
N THR C 929 -19.11 0.63 2.23
CA THR C 929 -19.43 1.60 1.20
C THR C 929 -19.56 2.98 1.84
N ARG C 930 -19.30 4.02 1.06
CA ARG C 930 -19.33 5.39 1.56
C ARG C 930 -20.72 6.01 1.50
N ARG C 931 -21.43 5.83 0.38
CA ARG C 931 -22.77 6.39 0.21
C ARG C 931 -23.85 5.32 0.15
N ASN C 932 -23.73 4.36 -0.75
CA ASN C 932 -24.77 3.34 -0.91
C ASN C 932 -24.88 2.48 0.34
N SER C 933 -26.12 2.19 0.72
CA SER C 933 -26.38 1.37 1.89
C SER C 933 -26.11 -0.10 1.58
N VAL C 934 -26.00 -0.89 2.64
CA VAL C 934 -25.79 -2.33 2.48
C VAL C 934 -27.00 -2.96 1.81
N PHE C 935 -28.19 -2.47 2.13
CA PHE C 935 -29.41 -2.98 1.50
C PHE C 935 -29.48 -2.63 0.02
N GLN C 936 -28.74 -1.61 -0.43
CA GLN C 936 -28.74 -1.20 -1.84
C GLN C 936 -27.53 -1.76 -2.59
N GLN C 937 -26.32 -1.47 -2.13
CA GLN C 937 -25.14 -1.93 -2.84
C GLN C 937 -24.96 -3.44 -2.71
N GLY C 938 -25.30 -3.99 -1.55
CA GLY C 938 -25.38 -5.42 -1.38
C GLY C 938 -24.05 -6.06 -1.00
N MET C 939 -24.15 -7.21 -0.34
CA MET C 939 -22.98 -7.97 0.07
C MET C 939 -22.63 -9.01 -1.00
N LYS C 940 -22.19 -8.49 -2.15
CA LYS C 940 -21.78 -9.34 -3.26
C LYS C 940 -20.31 -9.70 -3.21
N ASN C 941 -19.57 -9.20 -2.22
CA ASN C 941 -18.15 -9.50 -2.10
C ASN C 941 -17.98 -10.86 -1.44
N LYS C 942 -17.43 -11.81 -2.20
CA LYS C 942 -17.25 -13.17 -1.69
C LYS C 942 -16.09 -13.28 -0.71
N ILE C 943 -15.20 -12.30 -0.67
CA ILE C 943 -14.06 -12.37 0.23
C ILE C 943 -14.35 -11.67 1.55
N LEU C 944 -15.26 -10.69 1.56
CA LEU C 944 -15.60 -10.01 2.81
C LEU C 944 -16.27 -10.97 3.79
N ILE C 945 -17.13 -11.85 3.28
CA ILE C 945 -17.77 -12.84 4.15
C ILE C 945 -16.72 -13.77 4.75
N PHE C 946 -15.75 -14.20 3.93
CA PHE C 946 -14.69 -15.05 4.44
C PHE C 946 -13.88 -14.33 5.51
N GLY C 947 -13.59 -13.05 5.29
CA GLY C 947 -12.85 -12.29 6.30
C GLY C 947 -13.63 -12.15 7.59
N LEU C 948 -14.94 -11.89 7.50
CA LEU C 948 -15.77 -11.79 8.68
C LEU C 948 -15.80 -13.11 9.44
N PHE C 949 -15.88 -14.23 8.71
CA PHE C 949 -15.82 -15.53 9.36
C PHE C 949 -14.45 -15.79 9.98
N GLU C 950 -13.39 -15.28 9.34
CA GLU C 950 -12.05 -15.49 9.87
C GLU C 950 -11.81 -14.70 11.14
N GLU C 951 -12.43 -13.52 11.27
CA GLU C 951 -12.37 -12.79 12.53
C GLU C 951 -12.85 -13.67 13.69
N THR C 952 -13.96 -14.39 13.48
CA THR C 952 -14.49 -15.23 14.54
C THR C 952 -13.59 -16.44 14.79
N ALA C 953 -13.08 -17.04 13.72
CA ALA C 953 -12.33 -18.29 13.87
C ALA C 953 -11.07 -18.09 14.70
N LEU C 954 -10.27 -17.06 14.37
CA LEU C 954 -9.05 -16.84 15.11
C LEU C 954 -9.35 -16.40 16.54
N ALA C 955 -10.40 -15.59 16.73
CA ALA C 955 -10.77 -15.14 18.06
C ALA C 955 -11.13 -16.32 18.96
N ALA C 956 -11.93 -17.27 18.44
CA ALA C 956 -12.29 -18.43 19.23
C ALA C 956 -11.10 -19.35 19.45
N PHE C 957 -10.30 -19.58 18.40
CA PHE C 957 -9.14 -20.46 18.53
C PHE C 957 -8.13 -19.89 19.51
N LEU C 958 -7.84 -18.59 19.42
CA LEU C 958 -6.80 -18.00 20.23
C LEU C 958 -7.23 -17.82 21.68
N SER C 959 -8.54 -17.81 21.95
CA SER C 959 -9.06 -17.64 23.30
C SER C 959 -9.49 -18.95 23.93
N TYR C 960 -9.27 -20.09 23.27
CA TYR C 960 -9.67 -21.37 23.82
C TYR C 960 -8.63 -22.47 23.68
N CYS C 961 -7.49 -22.20 23.05
CA CYS C 961 -6.49 -23.25 22.86
C CYS C 961 -5.80 -23.56 24.18
N PRO C 962 -5.75 -24.82 24.60
CA PRO C 962 -5.08 -25.16 25.85
C PRO C 962 -3.58 -24.93 25.77
N GLY C 963 -2.98 -24.62 26.91
CA GLY C 963 -1.56 -24.35 26.97
C GLY C 963 -1.15 -22.99 26.45
N MET C 964 -2.11 -22.10 26.20
CA MET C 964 -1.82 -20.78 25.66
C MET C 964 -1.90 -19.68 26.71
N ASP C 965 -2.70 -19.88 27.77
CA ASP C 965 -2.85 -18.87 28.80
C ASP C 965 -1.53 -18.61 29.53
N VAL C 966 -0.69 -19.62 29.69
CA VAL C 966 0.58 -19.44 30.36
C VAL C 966 1.55 -18.61 29.53
N ALA C 967 1.31 -18.48 28.24
CA ALA C 967 2.21 -17.76 27.34
C ALA C 967 1.59 -16.50 26.75
N LEU C 968 0.42 -16.62 26.12
CA LEU C 968 -0.22 -15.48 25.47
C LEU C 968 -1.16 -14.72 26.41
N ARG C 969 -1.34 -15.20 27.64
CA ARG C 969 -2.24 -14.58 28.61
C ARG C 969 -3.65 -14.45 28.05
N MET C 970 -4.21 -15.60 27.66
CA MET C 970 -5.52 -15.68 27.03
C MET C 970 -6.29 -16.80 27.73
N TYR C 971 -7.32 -16.45 28.50
CA TYR C 971 -8.08 -17.42 29.26
C TYR C 971 -9.44 -17.68 28.59
N PRO C 972 -10.00 -18.87 28.78
CA PRO C 972 -11.33 -19.14 28.23
C PRO C 972 -12.40 -18.32 28.92
N LEU C 973 -13.49 -18.08 28.20
CA LEU C 973 -14.62 -17.32 28.71
C LEU C 973 -15.92 -18.05 28.41
N LYS C 974 -16.91 -17.85 29.26
CA LYS C 974 -18.18 -18.55 29.14
C LYS C 974 -18.93 -18.11 27.88
N PRO C 975 -19.74 -18.99 27.31
CA PRO C 975 -20.43 -18.64 26.04
C PRO C 975 -21.32 -17.41 26.16
N SER C 976 -21.97 -17.21 27.31
CA SER C 976 -22.86 -16.06 27.45
C SER C 976 -22.10 -14.75 27.26
N TRP C 977 -20.87 -14.69 27.77
CA TRP C 977 -20.06 -13.49 27.61
C TRP C 977 -19.68 -13.21 26.17
N TRP C 978 -19.86 -14.17 25.26
CA TRP C 978 -19.71 -13.89 23.84
C TRP C 978 -20.74 -12.89 23.35
N PHE C 979 -21.86 -12.75 24.05
CA PHE C 979 -22.98 -11.93 23.60
C PHE C 979 -22.94 -10.52 24.16
N CYS C 980 -21.91 -10.15 24.90
CA CYS C 980 -21.88 -8.86 25.55
C CYS C 980 -21.88 -7.71 24.54
N ALA C 981 -21.25 -7.93 23.38
CA ALA C 981 -21.09 -6.86 22.41
C ALA C 981 -22.22 -6.81 21.37
N PHE C 982 -23.18 -7.73 21.43
CA PHE C 982 -24.27 -7.70 20.46
C PHE C 982 -25.12 -6.43 20.52
N PRO C 983 -25.62 -5.98 21.68
CA PRO C 983 -26.49 -4.81 21.65
C PRO C 983 -25.78 -3.47 21.54
N TYR C 984 -24.48 -3.46 21.25
CA TYR C 984 -23.77 -2.25 20.87
C TYR C 984 -23.27 -2.27 19.43
N SER C 985 -22.88 -3.44 18.92
CA SER C 985 -22.57 -3.55 17.51
C SER C 985 -23.79 -3.34 16.64
N PHE C 986 -24.98 -3.68 17.17
CA PHE C 986 -26.21 -3.35 16.45
C PHE C 986 -26.42 -1.85 16.38
N LEU C 987 -26.07 -1.14 17.45
CA LEU C 987 -26.29 0.31 17.48
C LEU C 987 -25.46 1.02 16.41
N ILE C 988 -24.19 0.63 16.26
CA ILE C 988 -23.33 1.33 15.31
C ILE C 988 -23.79 1.10 13.89
N PHE C 989 -24.29 -0.10 13.59
CA PHE C 989 -24.81 -0.40 12.26
C PHE C 989 -26.00 0.50 11.93
N VAL C 990 -26.95 0.60 12.87
CA VAL C 990 -28.11 1.46 12.65
C VAL C 990 -27.70 2.91 12.52
N TYR C 991 -26.74 3.35 13.35
CA TYR C 991 -26.30 4.74 13.28
C TYR C 991 -25.67 5.07 11.94
N ASP C 992 -24.80 4.19 11.44
CA ASP C 992 -24.18 4.46 10.15
C ASP C 992 -25.19 4.38 9.01
N GLU C 993 -26.15 3.46 9.09
CA GLU C 993 -27.19 3.43 8.07
C GLU C 993 -28.01 4.70 8.08
N ILE C 994 -28.33 5.22 9.26
CA ILE C 994 -29.09 6.47 9.35
C ILE C 994 -28.30 7.64 8.79
N ARG C 995 -27.01 7.71 9.10
CA ARG C 995 -26.21 8.82 8.57
C ARG C 995 -26.05 8.70 7.06
N LYS C 996 -25.95 7.48 6.52
CA LYS C 996 -25.89 7.32 5.08
C LYS C 996 -27.21 7.69 4.43
N LEU C 997 -28.34 7.38 5.07
CA LEU C 997 -29.63 7.79 4.54
C LEU C 997 -29.75 9.30 4.51
N ILE C 998 -29.33 9.97 5.58
CA ILE C 998 -29.33 11.44 5.60
C ILE C 998 -28.42 11.97 4.51
N LEU C 999 -27.26 11.33 4.32
CA LEU C 999 -26.33 11.74 3.28
C LEU C 999 -26.97 11.67 1.90
N ARG C 1000 -27.62 10.55 1.60
CA ARG C 1000 -28.25 10.40 0.30
C ARG C 1000 -29.39 11.39 0.10
N ARG C 1001 -30.23 11.58 1.11
CA ARG C 1001 -31.40 12.43 0.96
C ARG C 1001 -31.05 13.91 0.91
N ASN C 1002 -29.91 14.32 1.46
CA ASN C 1002 -29.52 15.72 1.54
C ASN C 1002 -28.11 15.88 0.98
N PRO C 1003 -27.99 15.98 -0.35
CA PRO C 1003 -26.66 16.21 -0.93
C PRO C 1003 -26.12 17.59 -0.60
N GLY C 1004 -24.80 17.66 -0.49
CA GLY C 1004 -24.13 18.93 -0.25
C GLY C 1004 -24.42 19.58 1.08
N GLY C 1005 -25.01 18.85 2.03
CA GLY C 1005 -25.37 19.43 3.30
C GLY C 1005 -24.22 19.45 4.29
N TRP C 1006 -24.54 19.91 5.51
CA TRP C 1006 -23.54 19.95 6.57
C TRP C 1006 -23.06 18.54 6.92
N VAL C 1007 -23.97 17.57 6.90
CA VAL C 1007 -23.58 16.18 7.16
C VAL C 1007 -22.56 15.72 6.14
N GLU C 1008 -22.79 16.04 4.87
CA GLU C 1008 -21.83 15.67 3.84
C GLU C 1008 -20.49 16.35 4.04
N LYS C 1009 -20.52 17.62 4.46
CA LYS C 1009 -19.26 18.36 4.63
C LYS C 1009 -18.45 17.81 5.79
N GLU C 1010 -19.11 17.44 6.89
CA GLU C 1010 -18.41 17.13 8.14
C GLU C 1010 -18.36 15.65 8.49
N THR C 1011 -18.94 14.77 7.67
CA THR C 1011 -18.90 13.35 7.99
C THR C 1011 -18.55 12.45 6.81
N TYR C 1012 -18.50 12.97 5.58
CA TYR C 1012 -18.22 12.16 4.41
C TYR C 1012 -16.70 12.07 4.26
N TYR C 1013 -16.13 11.00 4.81
CA TYR C 1013 -14.69 10.78 4.73
C TYR C 1013 -14.27 10.32 3.34
MG MF4 D . 8.10 9.79 -30.83
F1 MF4 D . 8.21 11.21 -29.74
F2 MF4 D . 6.39 9.46 -31.24
F3 MF4 D . 8.99 10.14 -32.34
F4 MF4 D . 8.79 8.35 -30.03
#